data_7WIH
#
_entry.id   7WIH
#
_cell.length_a   1.00
_cell.length_b   1.00
_cell.length_c   1.00
_cell.angle_alpha   90.00
_cell.angle_beta   90.00
_cell.angle_gamma   90.00
#
_symmetry.space_group_name_H-M   'P 1'
#
loop_
_entity.id
_entity.type
_entity.pdbx_description
1 polymer 'Metabotropic glutamate receptor 3'
2 non-polymer 2-acetamido-2-deoxy-beta-D-glucopyranose
3 non-polymer '(1S,2S,4S,5R,6S)-2-amino-4-[(3-methoxybenzene-1-carbonyl)amino]bicyclo[3.1.0]hexane-2,6-dicarboxylic acid'
#
_entity_poly.entity_id   1
_entity_poly.type   'polypeptide(L)'
_entity_poly.pdbx_seq_one_letter_code
;MKTIIALSYIFCLVFADYKDDDDENLYFQGLGDHNFLRREIKIEGDLVLGGLFPINEKGTGTEECGRINEDRGIQRLEAM
LFAIDEINKDDYLLPGVKLGVHILDTCSRDTYALEQSLEFVRASLTKVDEAEYMCPDGSYAIQENIPLLIAGVIGGSYSS
VSIQVANLLRLFQIPQISYASTSAKLSDKSRYDYFARTVPPDFYQAKAMAEILRFFNWTYVSTVASEGDYGETGIEAFEQ
EARLRNICIATAEKVGRSNIRKSYDSVIRELLQKPNARVVVLFMRSDDSRELIAAASRANASFTWVASDGWGAQESIIKG
SEHVAYGAITLELASQPVRQFDRYFQSLNPYNNHRNPWFRDFWEQKFQCSLQNKRNHRRVCDKHLAIDSSNYEQESKIMF
VVNAVYAMAHALHKMQRTLCPNTTKLCDAMKILDGKKLYKDYLLKINFTAPFNPNKDADSIVKFDTFGDGMGRYNVFNFQ
NVGGKYSYLKVGHWAETLSLDVNSIHWSRNSVPTSQCSDPCAPNEMKNMQPGDVCCWICIPCEPYEYLADEFTCMDCGSG
QWPTADLTGCYDLPEDYIRWEDAWAIGPVTIACLGFMCTCMVVTVFIKHNNTPLVKASGRELCYILLFGVGLSYCMTFFF
IAKPSPVICALRRLGLGSSFAICYSALLTKTNCIARIFDGVKNGAQRPKFISPSSQVFICLGLILVQIVMVSVWLILEAP
GTRRYTLAEKRETVILKCNVKDSSMLISLTYDVILVILCTVYAFKTRKCPENFNEAKFIGFTMYTTCIIWLAFLPIFYVT
SSDYRVQTTTMCISVSLSGFVVLGCLFAPKVHIILFQPQKNVVTHRLHLNRFSVSGTGTTYSQSSASTYVPTVCNGREVL
DSTTSSL
;
_entity_poly.pdbx_strand_id   A,B
#
# COMPACT_ATOMS: atom_id res chain seq x y z
N ARG A 39 41.11 -26.60 37.00
CA ARG A 39 39.68 -26.56 36.75
C ARG A 39 39.27 -27.56 35.68
N GLU A 40 39.53 -28.83 35.94
CA GLU A 40 39.20 -29.91 35.00
C GLU A 40 39.20 -31.22 35.76
N ILE A 41 38.10 -31.96 35.67
CA ILE A 41 38.00 -33.25 36.36
C ILE A 41 38.79 -34.31 35.60
N LYS A 42 39.52 -35.15 36.33
CA LYS A 42 40.30 -36.23 35.73
C LYS A 42 40.18 -37.46 36.63
N ILE A 43 39.26 -38.36 36.30
CA ILE A 43 39.19 -39.68 36.91
C ILE A 43 39.59 -40.70 35.84
N GLU A 44 40.45 -41.64 36.23
CA GLU A 44 41.05 -42.55 35.27
C GLU A 44 40.07 -43.63 34.83
N GLY A 45 40.43 -44.31 33.75
CA GLY A 45 39.61 -45.38 33.22
C GLY A 45 40.29 -46.02 32.03
N ASP A 46 39.82 -47.22 31.68
CA ASP A 46 40.36 -47.91 30.51
C ASP A 46 39.94 -47.22 29.22
N LEU A 47 38.78 -46.57 29.21
CA LEU A 47 38.36 -45.70 28.14
C LEU A 47 38.12 -44.31 28.70
N VAL A 48 38.02 -43.32 27.81
CA VAL A 48 37.86 -41.92 28.21
C VAL A 48 36.72 -41.32 27.41
N LEU A 49 35.76 -40.70 28.10
CA LEU A 49 34.70 -39.93 27.48
C LEU A 49 34.95 -38.46 27.77
N GLY A 50 34.78 -37.62 26.76
CA GLY A 50 35.08 -36.21 26.90
C GLY A 50 33.96 -35.43 27.54
N GLY A 51 33.59 -34.30 26.94
CA GLY A 51 32.47 -33.53 27.44
C GLY A 51 32.88 -32.15 27.90
N LEU A 52 32.24 -31.13 27.34
CA LEU A 52 32.55 -29.75 27.68
C LEU A 52 31.25 -28.98 27.89
N PHE A 53 31.11 -28.43 29.09
CA PHE A 53 29.85 -27.92 29.61
C PHE A 53 29.95 -26.43 29.84
N PRO A 54 28.88 -25.67 29.60
CA PRO A 54 28.90 -24.23 29.93
C PRO A 54 28.67 -24.03 31.42
N ILE A 55 29.74 -23.72 32.15
CA ILE A 55 29.65 -23.51 33.59
C ILE A 55 29.68 -22.03 33.88
N ASN A 56 30.78 -21.37 33.51
CA ASN A 56 30.91 -19.95 33.76
C ASN A 56 30.13 -19.15 32.72
N GLU A 57 29.92 -17.87 33.01
CA GLU A 57 29.18 -17.00 32.10
C GLU A 57 29.66 -15.56 32.21
N CYS A 65 33.48 -14.29 33.54
CA CYS A 65 33.52 -15.48 34.38
C CYS A 65 32.80 -15.24 35.70
N GLY A 66 31.75 -14.42 35.66
CA GLY A 66 31.06 -14.00 36.86
C GLY A 66 30.26 -15.09 37.56
N ARG A 67 29.21 -15.57 36.91
CA ARG A 67 28.30 -16.53 37.55
C ARG A 67 28.75 -17.96 37.26
N ILE A 68 28.08 -18.90 37.93
CA ILE A 68 28.27 -20.33 37.71
C ILE A 68 27.04 -20.94 37.03
N ASN A 69 26.04 -20.10 36.74
CA ASN A 69 24.87 -20.29 35.88
C ASN A 69 23.79 -21.22 36.43
N GLU A 70 24.14 -22.10 37.39
CA GLU A 70 23.27 -22.73 38.39
C GLU A 70 22.01 -23.46 37.91
N ASP A 71 21.66 -23.39 36.63
CA ASP A 71 20.47 -24.06 36.11
C ASP A 71 20.82 -24.97 34.93
N ARG A 72 21.45 -24.43 33.90
CA ARG A 72 21.90 -25.19 32.74
C ARG A 72 23.37 -25.53 32.81
N GLY A 73 24.02 -25.19 33.92
CA GLY A 73 25.44 -25.43 34.10
C GLY A 73 25.70 -26.65 34.96
N ILE A 74 25.92 -26.42 36.26
CA ILE A 74 26.32 -27.51 37.15
C ILE A 74 25.17 -28.42 37.55
N GLN A 75 23.94 -28.11 37.14
CA GLN A 75 22.85 -29.05 37.25
C GLN A 75 22.84 -30.06 36.10
N ARG A 76 23.77 -29.91 35.16
CA ARG A 76 24.01 -30.85 34.08
C ARG A 76 25.29 -31.63 34.26
N LEU A 77 26.34 -30.98 34.79
CA LEU A 77 27.60 -31.66 35.05
C LEU A 77 27.48 -32.68 36.17
N GLU A 78 26.54 -32.47 37.10
CA GLU A 78 26.24 -33.46 38.13
C GLU A 78 25.25 -34.51 37.64
N ALA A 79 24.87 -34.47 36.36
CA ALA A 79 24.01 -35.46 35.74
C ALA A 79 24.77 -36.38 34.80
N MET A 80 25.68 -35.84 34.00
CA MET A 80 26.55 -36.69 33.20
C MET A 80 27.49 -37.49 34.09
N LEU A 81 28.04 -36.86 35.13
CA LEU A 81 28.86 -37.59 36.09
C LEU A 81 28.03 -38.52 36.96
N PHE A 82 26.71 -38.30 37.02
CA PHE A 82 25.83 -39.25 37.70
C PHE A 82 25.69 -40.53 36.89
N ALA A 83 25.60 -40.42 35.57
CA ALA A 83 25.42 -41.60 34.73
C ALA A 83 26.70 -42.42 34.65
N ILE A 84 27.86 -41.76 34.66
CA ILE A 84 29.14 -42.47 34.70
C ILE A 84 29.31 -43.18 36.04
N ASP A 85 28.79 -42.59 37.11
CA ASP A 85 28.77 -43.27 38.40
C ASP A 85 27.70 -44.37 38.44
N GLU A 86 26.77 -44.38 37.50
CA GLU A 86 25.71 -45.39 37.44
C GLU A 86 25.89 -46.33 36.25
N ILE A 87 27.06 -46.33 35.62
CA ILE A 87 27.40 -47.28 34.56
C ILE A 87 28.33 -48.37 35.08
N ASN A 88 29.37 -47.96 35.83
CA ASN A 88 30.36 -48.89 36.35
C ASN A 88 29.80 -49.85 37.40
N LYS A 89 28.65 -49.52 37.99
CA LYS A 89 27.98 -50.47 38.87
C LYS A 89 27.02 -51.37 38.11
N ASP A 90 26.55 -50.94 36.95
CA ASP A 90 25.58 -51.71 36.17
C ASP A 90 26.30 -52.74 35.31
N ASP A 91 26.04 -54.02 35.58
CA ASP A 91 26.58 -55.07 34.75
C ASP A 91 25.85 -55.14 33.41
N TYR A 92 26.38 -55.96 32.51
CA TYR A 92 25.91 -56.15 31.12
C TYR A 92 25.90 -54.86 30.32
N LEU A 93 26.74 -53.88 30.69
CA LEU A 93 26.90 -52.64 29.93
C LEU A 93 28.30 -52.12 30.26
N LEU A 94 29.25 -52.37 29.35
CA LEU A 94 30.70 -52.28 29.58
C LEU A 94 31.12 -52.99 30.86
N PRO A 95 31.11 -54.32 30.92
CA PRO A 95 31.57 -55.01 32.13
C PRO A 95 33.09 -55.11 32.16
N GLY A 96 33.67 -54.75 33.31
CA GLY A 96 35.11 -54.81 33.48
C GLY A 96 35.91 -53.74 32.77
N VAL A 97 35.25 -52.74 32.17
CA VAL A 97 35.93 -51.62 31.51
C VAL A 97 35.42 -50.36 32.20
N LYS A 98 36.25 -49.77 33.05
CA LYS A 98 35.86 -48.56 33.77
C LYS A 98 35.91 -47.36 32.85
N LEU A 99 34.86 -46.57 32.87
CA LEU A 99 34.78 -45.33 32.10
C LEU A 99 35.20 -44.17 32.98
N GLY A 100 36.15 -43.38 32.48
CA GLY A 100 36.57 -42.17 33.15
C GLY A 100 36.26 -40.97 32.28
N VAL A 101 36.03 -39.83 32.92
CA VAL A 101 35.66 -38.61 32.21
C VAL A 101 36.83 -37.64 32.26
N HIS A 102 36.77 -36.63 31.39
CA HIS A 102 37.74 -35.54 31.37
C HIS A 102 36.95 -34.31 30.92
N ILE A 103 36.43 -33.56 31.89
CA ILE A 103 35.45 -32.51 31.65
C ILE A 103 36.13 -31.16 31.80
N LEU A 104 35.81 -30.25 30.88
CA LEU A 104 36.32 -28.89 30.93
C LEU A 104 35.15 -27.94 30.75
N ASP A 105 35.33 -26.70 31.20
CA ASP A 105 34.28 -25.72 30.99
C ASP A 105 34.45 -25.06 29.63
N THR A 106 33.38 -24.41 29.17
CA THR A 106 33.43 -23.65 27.93
C THR A 106 33.33 -22.16 28.14
N CYS A 107 32.99 -21.72 29.36
CA CYS A 107 32.80 -20.32 29.76
C CYS A 107 31.71 -19.64 28.93
N SER A 108 30.80 -20.43 28.33
CA SER A 108 29.68 -19.97 27.49
C SER A 108 30.13 -19.10 26.32
N ARG A 109 31.33 -19.35 25.79
CA ARG A 109 31.92 -18.52 24.75
C ARG A 109 32.47 -19.40 23.64
N ASP A 110 32.35 -18.90 22.41
CA ASP A 110 32.80 -19.59 21.21
C ASP A 110 34.31 -19.86 21.21
N THR A 111 35.11 -18.79 21.21
CA THR A 111 36.54 -18.92 20.94
C THR A 111 37.34 -19.29 22.20
N TYR A 112 36.67 -19.44 23.34
CA TYR A 112 37.29 -20.04 24.52
C TYR A 112 37.11 -21.55 24.57
N ALA A 113 36.11 -22.08 23.87
CA ALA A 113 35.93 -23.53 23.79
C ALA A 113 37.04 -24.18 22.99
N LEU A 114 37.62 -23.46 22.03
CA LEU A 114 38.69 -24.02 21.21
C LEU A 114 39.99 -24.14 21.98
N GLU A 115 40.25 -23.21 22.90
CA GLU A 115 41.44 -23.31 23.74
C GLU A 115 41.33 -24.44 24.75
N GLN A 116 40.11 -24.85 25.11
CA GLN A 116 39.91 -25.99 25.99
C GLN A 116 39.71 -27.29 25.24
N SER A 117 39.36 -27.24 23.95
CA SER A 117 39.22 -28.44 23.15
C SER A 117 40.55 -29.04 22.76
N LEU A 118 41.64 -28.29 22.86
CA LEU A 118 42.96 -28.82 22.56
C LEU A 118 43.51 -29.72 23.67
N GLU A 119 42.86 -29.74 24.84
CA GLU A 119 43.30 -30.65 25.89
C GLU A 119 42.94 -32.10 25.59
N PHE A 120 41.98 -32.34 24.72
CA PHE A 120 41.67 -33.71 24.32
C PHE A 120 42.67 -34.25 23.30
N VAL A 121 43.00 -33.45 22.28
CA VAL A 121 43.60 -33.95 21.06
C VAL A 121 45.08 -33.67 20.95
N ARG A 122 45.68 -33.00 21.94
CA ARG A 122 47.12 -32.73 21.85
C ARG A 122 47.97 -33.95 22.19
N ALA A 123 47.35 -35.03 22.68
CA ALA A 123 48.02 -36.32 22.76
C ALA A 123 47.87 -37.14 21.49
N SER A 124 47.26 -36.57 20.44
CA SER A 124 47.05 -37.27 19.18
C SER A 124 47.81 -36.67 18.01
N LEU A 125 48.46 -35.52 18.19
CA LEU A 125 49.27 -34.94 17.12
C LEU A 125 50.66 -35.54 17.13
N LEU A 149 43.65 -41.06 22.48
CA LEU A 149 43.21 -41.50 23.79
C LEU A 149 41.71 -41.28 23.96
N ILE A 150 41.23 -40.10 23.55
CA ILE A 150 39.83 -39.76 23.72
C ILE A 150 38.98 -40.54 22.72
N ALA A 151 37.89 -41.12 23.21
CA ALA A 151 37.02 -41.93 22.38
C ALA A 151 35.65 -41.28 22.18
N GLY A 152 35.54 -39.98 22.37
CA GLY A 152 34.30 -39.28 22.15
C GLY A 152 33.97 -38.25 23.20
N VAL A 153 33.64 -37.03 22.77
CA VAL A 153 33.21 -35.99 23.67
C VAL A 153 31.70 -36.07 23.81
N ILE A 154 31.13 -35.32 24.77
CA ILE A 154 29.69 -35.29 24.94
C ILE A 154 29.26 -33.87 24.58
N GLY A 155 29.99 -33.25 23.67
CA GLY A 155 29.50 -32.09 22.96
C GLY A 155 29.49 -30.83 23.79
N GLY A 156 28.75 -29.85 23.29
CA GLY A 156 28.56 -28.60 23.97
C GLY A 156 27.10 -28.24 24.03
N SER A 157 26.65 -27.76 25.19
CA SER A 157 25.23 -27.49 25.38
C SER A 157 24.74 -26.27 24.62
N TYR A 158 25.62 -25.40 24.16
CA TYR A 158 25.18 -24.21 23.46
C TYR A 158 25.29 -24.47 21.95
N SER A 159 24.99 -23.44 21.15
CA SER A 159 24.99 -23.64 19.70
C SER A 159 26.33 -23.25 19.09
N SER A 160 26.77 -22.01 19.31
CA SER A 160 28.06 -21.56 18.79
C SER A 160 29.24 -22.21 19.49
N VAL A 161 29.04 -22.79 20.67
CA VAL A 161 30.10 -23.56 21.30
C VAL A 161 30.31 -24.86 20.56
N SER A 162 29.25 -25.47 20.04
CA SER A 162 29.34 -26.82 19.51
C SER A 162 29.44 -26.87 18.00
N ILE A 163 29.45 -25.72 17.32
CA ILE A 163 29.74 -25.70 15.90
C ILE A 163 31.25 -25.68 15.66
N GLN A 164 31.96 -24.78 16.34
CA GLN A 164 33.38 -24.58 16.11
C GLN A 164 34.26 -25.44 16.98
N VAL A 165 33.70 -26.51 17.57
CA VAL A 165 34.49 -27.63 18.04
C VAL A 165 34.32 -28.84 17.12
N ALA A 166 33.17 -28.97 16.45
CA ALA A 166 33.00 -29.97 15.41
C ALA A 166 33.82 -29.67 14.17
N ASN A 167 34.32 -28.44 14.02
CA ASN A 167 35.26 -28.09 12.97
C ASN A 167 36.71 -28.35 13.36
N LEU A 168 36.95 -28.97 14.52
CA LEU A 168 38.27 -29.42 14.90
C LEU A 168 38.34 -30.88 15.31
N LEU A 169 37.26 -31.44 15.85
CA LEU A 169 37.21 -32.88 16.12
C LEU A 169 36.96 -33.70 14.86
N ARG A 170 36.55 -33.05 13.77
CA ARG A 170 36.37 -33.73 12.50
C ARG A 170 37.69 -34.22 11.93
N LEU A 171 38.77 -33.49 12.17
CA LEU A 171 40.06 -33.82 11.56
C LEU A 171 40.69 -35.06 12.16
N PHE A 172 40.49 -35.30 13.45
CA PHE A 172 41.07 -36.46 14.12
C PHE A 172 40.09 -37.61 14.26
N GLN A 173 38.88 -37.49 13.67
CA GLN A 173 37.83 -38.51 13.65
C GLN A 173 37.42 -38.93 15.05
N ILE A 174 36.90 -37.95 15.78
CA ILE A 174 36.40 -38.14 17.14
C ILE A 174 34.91 -37.80 17.15
N PRO A 175 34.05 -38.73 17.54
CA PRO A 175 32.60 -38.45 17.50
C PRO A 175 32.16 -37.52 18.61
N GLN A 176 31.18 -36.68 18.30
CA GLN A 176 30.68 -35.67 19.21
C GLN A 176 29.16 -35.81 19.32
N ILE A 177 28.65 -35.89 20.55
CA ILE A 177 27.23 -36.07 20.80
C ILE A 177 26.75 -34.86 21.58
N SER A 178 26.08 -33.93 20.91
CA SER A 178 25.52 -32.82 21.65
C SER A 178 24.25 -33.25 22.36
N TYR A 179 23.75 -32.40 23.26
CA TYR A 179 22.49 -32.68 23.91
C TYR A 179 21.58 -31.47 24.04
N ALA A 180 21.93 -30.32 23.49
CA ALA A 180 20.97 -29.23 23.37
C ALA A 180 21.13 -28.38 22.12
N SER A 181 22.06 -28.69 21.21
CA SER A 181 22.43 -27.76 20.14
C SER A 181 21.40 -27.80 19.02
N THR A 182 20.25 -27.20 19.29
CA THR A 182 19.16 -27.11 18.30
C THR A 182 19.46 -25.99 17.29
N SER A 183 20.24 -26.33 16.28
CA SER A 183 20.51 -25.43 15.17
C SER A 183 20.34 -26.16 13.86
N ALA A 184 20.02 -25.40 12.80
CA ALA A 184 19.75 -25.98 11.50
C ALA A 184 21.01 -26.16 10.66
N LYS A 185 22.10 -25.46 10.99
CA LYS A 185 23.34 -25.63 10.24
C LYS A 185 24.03 -26.95 10.51
N LEU A 186 23.70 -27.63 11.61
CA LEU A 186 24.38 -28.85 12.01
C LEU A 186 23.72 -30.12 11.48
N SER A 187 22.99 -30.01 10.37
CA SER A 187 22.50 -31.17 9.66
C SER A 187 23.10 -31.29 8.26
N ASP A 188 23.97 -30.35 7.89
CA ASP A 188 24.72 -30.42 6.63
C ASP A 188 25.82 -31.45 6.79
N LYS A 189 25.51 -32.71 6.46
CA LYS A 189 26.40 -33.82 6.75
C LYS A 189 27.55 -33.98 5.75
N SER A 190 27.79 -32.99 4.89
CA SER A 190 29.01 -32.94 4.11
C SER A 190 30.14 -32.24 4.84
N ARG A 191 29.84 -31.49 5.89
CA ARG A 191 30.85 -30.77 6.66
C ARG A 191 30.99 -31.32 8.08
N TYR A 192 29.90 -31.37 8.84
CA TYR A 192 29.95 -31.88 10.21
C TYR A 192 29.49 -33.34 10.22
N ASP A 193 30.33 -34.20 9.66
CA ASP A 193 30.02 -35.61 9.52
C ASP A 193 30.41 -36.45 10.74
N TYR A 194 30.66 -35.80 11.89
CA TYR A 194 30.95 -36.48 13.14
C TYR A 194 30.16 -35.83 14.27
N PHE A 195 28.86 -35.63 14.03
CA PHE A 195 28.05 -34.82 14.94
C PHE A 195 26.61 -35.34 14.92
N ALA A 196 26.24 -36.09 15.96
CA ALA A 196 24.89 -36.60 16.11
C ALA A 196 24.31 -36.05 17.42
N ARG A 197 23.25 -35.26 17.31
CA ARG A 197 22.62 -34.72 18.50
C ARG A 197 21.71 -35.76 19.14
N THR A 198 21.05 -35.35 20.22
CA THR A 198 19.88 -36.03 20.73
C THR A 198 18.82 -34.99 21.07
N VAL A 199 18.72 -33.97 20.22
CA VAL A 199 17.75 -32.89 20.32
C VAL A 199 17.31 -32.57 18.90
N PRO A 200 16.00 -32.42 18.64
CA PRO A 200 15.56 -32.20 17.26
C PRO A 200 15.95 -30.82 16.78
N PRO A 201 16.13 -30.63 15.46
CA PRO A 201 16.61 -29.34 14.95
C PRO A 201 15.61 -28.20 15.07
N ASP A 202 15.98 -27.03 14.57
CA ASP A 202 15.13 -25.84 14.65
C ASP A 202 14.16 -25.73 13.48
N PHE A 203 14.22 -26.65 12.52
CA PHE A 203 13.17 -26.69 11.51
C PHE A 203 11.86 -27.20 12.11
N TYR A 204 11.94 -28.05 13.13
CA TYR A 204 10.76 -28.52 13.85
C TYR A 204 10.37 -27.60 14.98
N GLN A 205 10.87 -26.36 14.99
CA GLN A 205 10.54 -25.40 16.04
C GLN A 205 9.90 -24.19 15.39
N ALA A 206 10.30 -23.89 14.15
CA ALA A 206 9.54 -22.95 13.35
C ALA A 206 8.23 -23.54 12.88
N LYS A 207 8.16 -24.87 12.76
CA LYS A 207 6.91 -25.54 12.44
C LYS A 207 5.94 -25.55 13.61
N ALA A 208 6.42 -25.34 14.82
CA ALA A 208 5.57 -25.14 15.98
C ALA A 208 5.37 -23.67 16.32
N MET A 209 5.88 -22.76 15.47
CA MET A 209 5.60 -21.34 15.60
C MET A 209 4.81 -20.79 14.42
N ALA A 210 4.51 -21.62 13.43
CA ALA A 210 3.54 -21.27 12.40
C ALA A 210 2.17 -21.84 12.74
N GLU A 211 2.15 -23.05 13.30
CA GLU A 211 0.92 -23.68 13.76
C GLU A 211 0.47 -23.19 15.13
N ILE A 212 1.19 -22.26 15.75
CA ILE A 212 0.74 -21.62 16.98
C ILE A 212 0.38 -20.16 16.76
N LEU A 213 0.74 -19.58 15.62
CA LEU A 213 0.25 -18.28 15.20
C LEU A 213 -0.86 -18.40 14.16
N ARG A 214 -1.40 -19.60 13.98
CA ARG A 214 -2.59 -19.81 13.18
C ARG A 214 -3.74 -20.39 13.98
N PHE A 215 -3.46 -21.07 15.10
CA PHE A 215 -4.49 -21.47 16.05
C PHE A 215 -5.06 -20.29 16.82
N PHE A 216 -4.40 -19.14 16.81
CA PHE A 216 -4.93 -17.91 17.39
C PHE A 216 -5.15 -16.83 16.35
N ASN A 217 -4.85 -17.13 15.08
CA ASN A 217 -5.10 -16.27 13.91
C ASN A 217 -4.38 -14.92 13.99
N TRP A 218 -3.26 -14.85 14.71
CA TRP A 218 -2.41 -13.67 14.66
C TRP A 218 -1.67 -13.63 13.33
N THR A 219 -1.67 -12.47 12.68
CA THR A 219 -1.17 -12.40 11.31
C THR A 219 -0.12 -11.31 11.15
N TYR A 220 -0.26 -10.23 11.92
CA TYR A 220 0.66 -9.10 11.84
C TYR A 220 1.56 -9.15 13.07
N VAL A 221 2.65 -9.89 12.96
CA VAL A 221 3.59 -10.09 14.06
C VAL A 221 4.89 -9.38 13.74
N SER A 222 5.80 -9.36 14.72
CA SER A 222 7.09 -8.69 14.57
C SER A 222 8.15 -9.59 15.20
N THR A 223 8.99 -10.20 14.37
CA THR A 223 9.97 -11.16 14.87
C THR A 223 11.26 -10.46 15.28
N VAL A 224 11.88 -10.97 16.33
CA VAL A 224 13.17 -10.50 16.81
C VAL A 224 14.04 -11.71 17.09
N ALA A 225 15.26 -11.68 16.54
CA ALA A 225 16.19 -12.81 16.67
C ALA A 225 17.59 -12.28 16.91
N SER A 226 18.31 -12.92 17.81
CA SER A 226 19.68 -12.52 18.10
C SER A 226 20.61 -12.94 16.96
N GLU A 227 21.73 -12.24 16.86
CA GLU A 227 22.72 -12.54 15.85
C GLU A 227 23.52 -13.78 16.23
N GLY A 228 24.11 -14.42 15.22
CA GLY A 228 24.92 -15.59 15.44
C GLY A 228 24.54 -16.76 14.55
N ASP A 229 24.79 -17.97 15.02
CA ASP A 229 24.44 -19.18 14.28
C ASP A 229 23.23 -19.89 14.84
N TYR A 230 22.50 -19.26 15.76
CA TYR A 230 21.28 -19.80 16.32
C TYR A 230 20.04 -19.02 15.89
N GLY A 231 20.07 -17.70 16.02
CA GLY A 231 18.95 -16.87 15.64
C GLY A 231 18.78 -16.74 14.14
N GLU A 232 19.83 -16.31 13.45
CA GLU A 232 19.75 -15.98 12.03
C GLU A 232 19.57 -17.21 11.13
N THR A 233 19.78 -18.42 11.65
CA THR A 233 19.44 -19.64 10.93
C THR A 233 18.31 -20.39 11.63
N GLY A 234 17.56 -19.71 12.48
CA GLY A 234 16.35 -20.24 13.07
C GLY A 234 15.20 -19.28 12.86
N ILE A 235 15.54 -18.10 12.33
CA ILE A 235 14.53 -17.13 11.91
C ILE A 235 14.50 -16.98 10.39
N GLU A 236 15.52 -17.45 9.68
CA GLU A 236 15.44 -17.59 8.23
C GLU A 236 14.68 -18.83 7.81
N ALA A 237 14.33 -19.71 8.76
CA ALA A 237 13.43 -20.82 8.52
C ALA A 237 12.05 -20.56 9.10
N PHE A 238 11.85 -19.40 9.73
CA PHE A 238 10.52 -18.99 10.14
C PHE A 238 9.90 -18.04 9.13
N GLU A 239 10.70 -17.19 8.50
CA GLU A 239 10.18 -16.29 7.48
C GLU A 239 9.79 -17.05 6.21
N GLN A 240 10.40 -18.21 5.97
CA GLN A 240 10.00 -19.11 4.89
C GLN A 240 8.96 -20.12 5.34
N GLU A 241 8.36 -19.93 6.50
CA GLU A 241 7.26 -20.78 6.95
C GLU A 241 6.15 -19.94 7.55
N ALA A 242 6.32 -18.61 7.59
CA ALA A 242 5.23 -17.70 7.89
C ALA A 242 4.68 -17.02 6.64
N ARG A 243 5.46 -16.96 5.56
CA ARG A 243 4.96 -16.56 4.25
C ARG A 243 4.38 -17.73 3.47
N LEU A 244 4.07 -18.83 4.15
CA LEU A 244 3.43 -19.99 3.56
C LEU A 244 2.06 -20.26 4.16
N ARG A 245 1.79 -19.80 5.37
CA ARG A 245 0.47 -19.90 5.97
C ARG A 245 -0.15 -18.52 6.17
N ASN A 246 0.28 -17.54 5.38
CA ASN A 246 -0.25 -16.17 5.34
C ASN A 246 -0.13 -15.48 6.70
N ILE A 247 1.12 -15.33 7.14
CA ILE A 247 1.44 -14.60 8.36
C ILE A 247 2.43 -13.51 7.99
N CYS A 248 2.05 -12.26 8.21
CA CYS A 248 2.74 -11.10 7.64
C CYS A 248 3.62 -10.49 8.72
N ILE A 249 4.91 -10.75 8.65
CA ILE A 249 5.84 -10.24 9.66
C ILE A 249 6.10 -8.76 9.40
N ALA A 250 5.97 -7.94 10.45
CA ALA A 250 6.10 -6.50 10.28
C ALA A 250 7.56 -6.05 10.27
N THR A 251 8.25 -6.24 11.40
CA THR A 251 9.61 -5.75 11.58
C THR A 251 10.50 -6.90 12.04
N ALA A 252 11.46 -7.29 11.21
CA ALA A 252 12.47 -8.27 11.55
C ALA A 252 13.83 -7.59 11.67
N GLU A 253 14.57 -7.91 12.74
CA GLU A 253 15.81 -7.20 13.04
C GLU A 253 16.68 -8.07 13.93
N LYS A 254 17.97 -7.71 13.98
CA LYS A 254 18.93 -8.37 14.85
C LYS A 254 19.11 -7.59 16.15
N VAL A 255 19.64 -8.28 17.17
CA VAL A 255 19.76 -7.70 18.51
C VAL A 255 21.14 -8.00 19.07
N GLY A 256 21.93 -8.78 18.33
CA GLY A 256 23.17 -9.36 18.83
C GLY A 256 24.24 -8.33 19.20
N ARG A 257 25.20 -8.79 19.99
CA ARG A 257 26.06 -7.91 20.78
C ARG A 257 27.24 -7.34 20.00
N SER A 258 27.18 -7.24 18.67
CA SER A 258 28.26 -6.65 17.89
C SER A 258 27.69 -5.59 16.95
N ASN A 259 27.45 -4.40 17.51
CA ASN A 259 27.13 -3.11 16.85
C ASN A 259 26.21 -3.22 15.63
N ILE A 260 25.03 -3.81 15.85
CA ILE A 260 23.98 -3.74 14.84
C ILE A 260 22.87 -2.84 15.36
N ARG A 261 22.20 -3.30 16.41
CA ARG A 261 21.22 -2.52 17.17
C ARG A 261 21.40 -2.81 18.66
N LYS A 262 22.66 -2.78 19.12
CA LYS A 262 23.03 -3.31 20.43
C LYS A 262 22.44 -2.54 21.59
N SER A 263 21.99 -1.30 21.37
CA SER A 263 21.16 -0.60 22.35
C SER A 263 19.80 -1.28 22.40
N TYR A 264 19.49 -1.94 23.51
CA TYR A 264 18.23 -2.65 23.64
C TYR A 264 17.04 -1.70 23.77
N ASP A 265 17.28 -0.45 24.17
CA ASP A 265 16.22 0.55 24.14
C ASP A 265 15.93 1.05 22.73
N SER A 266 16.89 0.90 21.82
CA SER A 266 16.67 1.28 20.42
C SER A 266 15.88 0.23 19.64
N VAL A 267 15.68 -0.96 20.22
CA VAL A 267 14.91 -2.00 19.55
C VAL A 267 13.57 -2.26 20.25
N ILE A 268 13.43 -1.91 21.53
CA ILE A 268 12.13 -1.99 22.18
C ILE A 268 11.28 -0.77 21.85
N ARG A 269 11.89 0.29 21.34
CA ARG A 269 11.12 1.43 20.84
C ARG A 269 10.60 1.16 19.43
N GLU A 270 11.33 0.36 18.65
CA GLU A 270 10.88 0.02 17.31
C GLU A 270 9.71 -0.94 17.33
N LEU A 271 9.63 -1.79 18.36
CA LEU A 271 8.46 -2.63 18.55
C LEU A 271 7.29 -1.87 19.17
N LEU A 272 7.53 -0.64 19.65
CA LEU A 272 6.48 0.21 20.18
C LEU A 272 5.97 1.22 19.16
N GLN A 273 6.73 1.46 18.09
CA GLN A 273 6.25 2.36 17.04
C GLN A 273 5.06 1.76 16.30
N LYS A 274 5.04 0.45 16.13
CA LYS A 274 3.86 -0.21 15.61
C LYS A 274 2.85 -0.42 16.74
N PRO A 275 1.64 0.11 16.63
CA PRO A 275 0.66 -0.08 17.70
C PRO A 275 -0.16 -1.34 17.52
N ASN A 276 -0.07 -1.95 16.33
CA ASN A 276 -0.88 -3.09 15.96
C ASN A 276 -0.04 -4.37 15.85
N ALA A 277 1.04 -4.44 16.61
CA ALA A 277 1.89 -5.63 16.69
C ALA A 277 2.09 -5.94 18.17
N ARG A 278 1.12 -6.63 18.76
CA ARG A 278 1.19 -7.06 20.15
C ARG A 278 1.67 -8.49 20.31
N VAL A 279 2.02 -9.16 19.22
CA VAL A 279 2.55 -10.51 19.26
C VAL A 279 3.96 -10.46 18.69
N VAL A 280 4.96 -10.65 19.54
CA VAL A 280 6.37 -10.54 19.16
C VAL A 280 7.04 -11.90 19.33
N VAL A 281 7.58 -12.42 18.23
CA VAL A 281 8.22 -13.73 18.22
C VAL A 281 9.67 -13.54 18.64
N LEU A 282 9.98 -13.96 19.85
CA LEU A 282 11.29 -13.75 20.46
C LEU A 282 12.11 -15.02 20.25
N PHE A 283 12.89 -15.06 19.17
CA PHE A 283 13.70 -16.22 18.83
C PHE A 283 15.14 -16.03 19.29
N MET A 284 15.34 -15.39 20.44
CA MET A 284 16.67 -14.98 20.86
C MET A 284 17.30 -16.02 21.78
N ARG A 285 18.58 -15.81 22.07
CA ARG A 285 19.36 -16.66 22.95
C ARG A 285 19.01 -16.40 24.42
N SER A 286 19.71 -17.07 25.33
CA SER A 286 19.46 -16.89 26.75
C SER A 286 20.15 -15.66 27.33
N ASP A 287 20.95 -14.95 26.53
CA ASP A 287 21.54 -13.69 26.94
C ASP A 287 20.72 -12.49 26.53
N ASP A 288 20.23 -12.47 25.29
CA ASP A 288 19.35 -11.38 24.86
C ASP A 288 17.89 -11.73 25.06
N SER A 289 17.59 -12.28 26.23
CA SER A 289 16.23 -12.35 26.73
C SER A 289 16.20 -12.09 28.24
N ARG A 290 17.35 -11.76 28.83
CA ARG A 290 17.42 -11.15 30.15
C ARG A 290 17.90 -9.71 30.06
N GLU A 291 18.21 -9.24 28.84
CA GLU A 291 18.50 -7.83 28.58
C GLU A 291 17.53 -7.27 27.56
N LEU A 292 16.44 -7.99 27.29
CA LEU A 292 15.31 -7.48 26.53
C LEU A 292 14.04 -7.57 27.38
N ILE A 293 14.19 -7.90 28.66
CA ILE A 293 13.09 -7.92 29.62
C ILE A 293 13.50 -6.94 30.72
N ALA A 294 14.81 -6.76 30.87
CA ALA A 294 15.36 -5.68 31.67
C ALA A 294 15.50 -4.39 30.87
N ALA A 295 15.01 -4.37 29.64
CA ALA A 295 14.88 -3.14 28.86
C ALA A 295 13.48 -3.00 28.27
N ALA A 296 12.55 -3.89 28.64
CA ALA A 296 11.14 -3.73 28.30
C ALA A 296 10.31 -3.43 29.54
N SER A 297 10.95 -3.32 30.70
CA SER A 297 10.30 -2.84 31.91
C SER A 297 10.74 -1.44 32.31
N ARG A 298 11.96 -1.05 31.96
CA ARG A 298 12.40 0.33 32.18
C ARG A 298 11.63 1.28 31.28
N ALA A 299 11.78 1.12 29.97
CA ALA A 299 10.89 1.74 28.99
C ALA A 299 9.63 0.88 28.95
N ASN A 300 8.70 1.22 29.84
CA ASN A 300 7.65 0.29 30.24
C ASN A 300 6.63 0.06 29.13
N ALA A 301 6.42 -1.21 28.82
CA ALA A 301 5.47 -1.65 27.81
C ALA A 301 5.16 -3.12 28.07
N SER A 302 4.30 -3.70 27.23
CA SER A 302 3.94 -5.10 27.37
C SER A 302 3.49 -5.63 26.02
N PHE A 303 3.74 -6.92 25.81
CA PHE A 303 3.26 -7.64 24.62
C PHE A 303 2.88 -9.05 25.07
N THR A 304 2.64 -9.91 24.09
CA THR A 304 2.51 -11.35 24.33
C THR A 304 3.79 -12.00 23.83
N TRP A 305 4.75 -12.21 24.74
CA TRP A 305 6.04 -12.79 24.40
C TRP A 305 5.86 -14.26 24.02
N VAL A 306 5.88 -14.55 22.73
CA VAL A 306 5.98 -15.93 22.25
C VAL A 306 7.44 -16.18 21.89
N ALA A 307 8.06 -17.14 22.57
CA ALA A 307 9.50 -17.27 22.56
C ALA A 307 9.91 -18.73 22.43
N SER A 308 11.08 -18.94 21.83
CA SER A 308 11.62 -20.27 21.60
C SER A 308 12.25 -20.82 22.87
N ASP A 309 13.00 -21.91 22.75
CA ASP A 309 13.61 -22.54 23.91
C ASP A 309 14.90 -21.86 24.35
N GLY A 310 15.23 -20.69 23.80
CA GLY A 310 16.23 -19.83 24.40
C GLY A 310 15.74 -19.36 25.75
N TRP A 311 14.54 -18.78 25.78
CA TRP A 311 13.82 -18.50 27.01
C TRP A 311 13.54 -19.82 27.71
N GLY A 312 12.76 -20.68 27.07
CA GLY A 312 12.53 -22.01 27.61
C GLY A 312 11.66 -21.97 28.85
N ALA A 313 12.00 -22.81 29.82
CA ALA A 313 11.31 -22.89 31.09
C ALA A 313 12.23 -22.48 32.24
N GLN A 314 13.01 -21.43 32.02
CA GLN A 314 13.97 -20.97 33.02
C GLN A 314 13.30 -20.00 33.98
N GLU A 315 13.45 -20.26 35.27
CA GLU A 315 12.97 -19.36 36.31
C GLU A 315 14.08 -18.48 36.87
N SER A 316 15.14 -18.26 36.09
CA SER A 316 16.23 -17.38 36.47
C SER A 316 16.50 -16.31 35.42
N ILE A 317 15.76 -16.32 34.31
CA ILE A 317 15.82 -15.24 33.33
C ILE A 317 14.81 -14.15 33.66
N ILE A 318 13.96 -14.36 34.67
CA ILE A 318 12.80 -13.53 34.91
C ILE A 318 12.80 -13.12 36.39
N LYS A 319 14.00 -13.15 37.00
CA LYS A 319 14.13 -13.04 38.45
C LYS A 319 13.74 -11.66 38.99
N GLY A 320 13.78 -10.62 38.17
CA GLY A 320 13.46 -9.30 38.67
C GLY A 320 12.50 -8.48 37.84
N SER A 321 11.76 -9.14 36.94
CA SER A 321 10.77 -8.49 36.10
C SER A 321 9.52 -9.34 35.98
N GLU A 322 9.01 -9.81 37.11
CA GLU A 322 7.93 -10.79 37.18
C GLU A 322 6.55 -10.24 36.74
N HIS A 323 6.39 -9.03 36.22
CA HIS A 323 5.08 -8.52 35.82
C HIS A 323 4.98 -8.15 34.35
N VAL A 324 6.10 -8.04 33.64
CA VAL A 324 6.06 -7.63 32.24
C VAL A 324 5.87 -8.83 31.30
N ALA A 325 6.29 -10.02 31.70
CA ALA A 325 6.10 -11.23 30.92
C ALA A 325 4.97 -12.11 31.45
N TYR A 326 3.95 -11.50 32.07
CA TYR A 326 2.90 -12.25 32.77
C TYR A 326 1.91 -12.95 31.85
N GLY A 327 2.11 -12.92 30.53
CA GLY A 327 1.28 -13.69 29.62
C GLY A 327 2.13 -14.36 28.57
N ALA A 328 3.37 -14.68 28.92
CA ALA A 328 4.33 -15.20 27.96
C ALA A 328 4.05 -16.66 27.65
N ILE A 329 4.33 -17.05 26.41
CA ILE A 329 4.11 -18.40 25.92
C ILE A 329 5.44 -18.89 25.37
N THR A 330 6.12 -19.76 26.11
CA THR A 330 7.40 -20.30 25.68
C THR A 330 7.27 -21.79 25.47
N LEU A 331 8.13 -22.34 24.61
CA LEU A 331 8.10 -23.77 24.30
C LEU A 331 9.47 -24.38 24.54
N GLU A 332 9.56 -25.25 25.55
CA GLU A 332 10.73 -26.06 25.82
C GLU A 332 10.69 -27.34 25.00
N LEU A 333 11.56 -28.29 25.30
CA LEU A 333 11.54 -29.61 24.67
C LEU A 333 11.04 -30.63 25.68
N ALA A 334 10.18 -31.52 25.22
CA ALA A 334 9.42 -32.39 26.12
C ALA A 334 10.30 -33.45 26.74
N SER A 335 10.22 -33.59 28.06
CA SER A 335 11.02 -34.56 28.78
C SER A 335 10.28 -35.01 30.02
N GLN A 336 10.00 -36.30 30.12
CA GLN A 336 9.60 -36.88 31.39
C GLN A 336 10.87 -37.11 32.19
N PRO A 337 11.09 -36.38 33.28
CA PRO A 337 12.42 -36.35 33.90
C PRO A 337 12.74 -37.64 34.63
N VAL A 338 14.00 -37.77 35.02
CA VAL A 338 14.48 -38.94 35.73
C VAL A 338 14.23 -38.73 37.22
N ARG A 339 13.94 -39.82 37.92
CA ARG A 339 13.48 -39.75 39.30
C ARG A 339 14.49 -40.27 40.30
N GLN A 340 15.66 -40.70 39.84
CA GLN A 340 16.78 -41.01 40.72
C GLN A 340 17.76 -39.85 40.84
N PHE A 341 17.46 -38.72 40.19
CA PHE A 341 18.30 -37.54 40.28
C PHE A 341 18.09 -36.80 41.59
N ASP A 342 16.85 -36.71 42.06
CA ASP A 342 16.52 -35.96 43.27
C ASP A 342 16.81 -36.74 44.55
N ARG A 343 17.34 -37.97 44.45
CA ARG A 343 17.91 -38.66 45.60
C ARG A 343 19.43 -38.57 45.62
N TYR A 344 20.03 -38.00 44.58
CA TYR A 344 21.48 -37.89 44.43
C TYR A 344 21.94 -36.44 44.45
N PHE A 345 21.34 -35.59 43.61
CA PHE A 345 21.73 -34.18 43.58
C PHE A 345 21.28 -33.44 44.83
N GLN A 346 20.20 -33.91 45.47
CA GLN A 346 19.75 -33.31 46.72
C GLN A 346 20.62 -33.69 47.90
N SER A 347 21.41 -34.75 47.79
CA SER A 347 22.25 -35.24 48.88
C SER A 347 23.72 -34.96 48.61
N LEU A 348 24.01 -33.82 47.99
CA LEU A 348 25.38 -33.41 47.70
C LEU A 348 25.63 -32.06 48.39
N ASN A 349 26.28 -32.11 49.53
CA ASN A 349 26.67 -30.94 50.31
C ASN A 349 28.13 -30.59 50.01
N PRO A 350 28.54 -29.34 50.24
CA PRO A 350 29.96 -28.99 50.04
C PRO A 350 30.93 -29.71 50.97
N TYR A 351 30.47 -30.30 52.07
CA TYR A 351 31.34 -31.13 52.89
C TYR A 351 31.66 -32.44 52.18
N ASN A 352 30.63 -33.14 51.71
CA ASN A 352 30.80 -34.41 50.99
C ASN A 352 30.64 -34.16 49.49
N ASN A 353 31.66 -33.54 48.90
CA ASN A 353 31.70 -33.31 47.45
C ASN A 353 33.16 -33.21 47.05
N HIS A 354 33.69 -34.28 46.46
CA HIS A 354 35.13 -34.37 46.20
C HIS A 354 35.51 -33.95 44.78
N ARG A 355 34.89 -34.57 43.77
CA ARG A 355 35.35 -34.54 42.39
C ARG A 355 35.37 -33.17 41.72
N ASN A 356 34.21 -32.57 41.53
CA ASN A 356 34.10 -31.37 40.70
C ASN A 356 34.56 -30.13 41.46
N PRO A 357 35.54 -29.38 40.95
CA PRO A 357 36.01 -28.18 41.64
C PRO A 357 35.14 -26.94 41.44
N TRP A 358 34.00 -27.05 40.74
CA TRP A 358 33.06 -25.94 40.67
C TRP A 358 31.92 -26.07 41.66
N PHE A 359 31.73 -27.25 42.26
CA PHE A 359 30.67 -27.44 43.24
C PHE A 359 31.06 -26.91 44.62
N ARG A 360 32.33 -26.65 44.87
CA ARG A 360 32.76 -26.15 46.16
C ARG A 360 32.37 -24.70 46.41
N ASP A 361 32.03 -23.96 45.36
CA ASP A 361 31.49 -22.61 45.51
C ASP A 361 30.14 -22.44 44.81
N PHE A 362 29.53 -23.54 44.38
CA PHE A 362 28.18 -23.49 43.83
C PHE A 362 27.17 -23.13 44.92
N TRP A 363 27.23 -23.83 46.06
CA TRP A 363 26.36 -23.50 47.19
C TRP A 363 26.72 -22.16 47.82
N GLU A 364 27.96 -21.69 47.62
CA GLU A 364 28.33 -20.34 48.03
C GLU A 364 27.56 -19.30 47.23
N GLN A 365 27.49 -19.48 45.91
CA GLN A 365 26.81 -18.50 45.06
C GLN A 365 25.29 -18.70 45.03
N LYS A 366 24.80 -19.92 45.27
CA LYS A 366 23.36 -20.17 45.19
C LYS A 366 22.65 -19.67 46.44
N PHE A 367 23.06 -20.17 47.61
CA PHE A 367 22.45 -19.77 48.88
C PHE A 367 23.02 -18.45 49.43
N GLN A 368 23.87 -17.77 48.65
CA GLN A 368 24.51 -16.50 49.01
C GLN A 368 25.34 -16.61 50.29
N CYS A 369 25.92 -17.78 50.52
CA CYS A 369 26.76 -18.00 51.69
C CYS A 369 28.19 -17.55 51.42
N SER A 370 29.10 -17.89 52.32
CA SER A 370 30.51 -17.54 52.17
C SER A 370 31.35 -18.64 52.81
N LEU A 371 32.65 -18.39 52.90
CA LEU A 371 33.58 -19.37 53.48
C LEU A 371 34.80 -18.68 54.08
N ARG A 375 35.98 -10.73 51.38
CA ARG A 375 36.05 -11.99 52.14
C ARG A 375 34.93 -12.07 53.17
N ASN A 376 34.88 -11.07 54.05
CA ASN A 376 33.87 -11.03 55.11
C ASN A 376 32.55 -10.52 54.54
N HIS A 377 31.86 -11.43 53.87
CA HIS A 377 30.55 -11.17 53.27
C HIS A 377 29.47 -11.56 54.28
N ARG A 378 28.24 -11.79 53.81
CA ARG A 378 27.10 -12.07 54.68
C ARG A 378 27.13 -13.50 55.23
N ARG A 379 25.99 -13.95 55.78
CA ARG A 379 25.83 -15.07 56.71
C ARG A 379 26.58 -16.36 56.37
N VAL A 380 27.46 -16.77 57.29
CA VAL A 380 28.35 -17.89 57.07
C VAL A 380 27.56 -19.20 57.16
N CYS A 381 27.92 -20.18 56.31
CA CYS A 381 27.24 -21.46 56.16
C CYS A 381 27.07 -22.25 57.45
N ASP A 382 25.82 -22.47 57.84
CA ASP A 382 25.50 -23.43 58.89
C ASP A 382 25.33 -24.81 58.27
N LYS A 383 25.61 -25.85 59.07
CA LYS A 383 25.66 -27.21 58.57
C LYS A 383 24.28 -27.81 58.30
N HIS A 384 23.20 -27.13 58.67
CA HIS A 384 21.85 -27.59 58.39
C HIS A 384 21.29 -26.99 57.10
N LEU A 385 22.16 -26.55 56.19
CA LEU A 385 21.74 -25.95 54.93
C LEU A 385 21.93 -26.97 53.82
N ALA A 386 20.83 -27.53 53.33
CA ALA A 386 20.84 -28.52 52.26
C ALA A 386 19.98 -28.03 51.09
N ILE A 387 19.93 -28.84 50.05
CA ILE A 387 19.16 -28.51 48.85
C ILE A 387 18.02 -29.51 48.70
N ASP A 388 16.83 -29.14 49.15
CA ASP A 388 15.64 -29.95 48.96
C ASP A 388 14.75 -29.31 47.91
N SER A 389 13.51 -29.81 47.79
CA SER A 389 12.59 -29.39 46.75
C SER A 389 12.02 -27.98 46.98
N SER A 390 12.35 -27.32 48.09
CA SER A 390 11.98 -25.92 48.28
C SER A 390 12.93 -24.95 47.62
N ASN A 391 14.12 -25.41 47.20
CA ASN A 391 15.07 -24.55 46.51
C ASN A 391 14.92 -24.64 45.01
N TYR A 392 15.07 -25.83 44.45
CA TYR A 392 15.24 -26.01 43.01
C TYR A 392 14.13 -26.85 42.42
N GLU A 393 14.03 -26.76 41.09
CA GLU A 393 13.24 -27.65 40.26
C GLU A 393 14.16 -28.20 39.19
N GLN A 394 14.02 -29.48 38.89
CA GLN A 394 14.93 -30.14 37.95
C GLN A 394 14.69 -29.64 36.54
N GLU A 395 15.77 -29.31 35.84
CA GLU A 395 15.73 -28.73 34.50
C GLU A 395 15.12 -29.73 33.51
N SER A 396 14.55 -29.20 32.42
CA SER A 396 13.93 -30.03 31.40
C SER A 396 14.96 -30.90 30.69
N LYS A 397 16.10 -30.32 30.31
CA LYS A 397 17.11 -31.05 29.53
C LYS A 397 18.12 -31.74 30.45
N ILE A 398 17.60 -32.55 31.35
CA ILE A 398 18.41 -33.50 32.10
C ILE A 398 18.13 -34.93 31.67
N MET A 399 16.96 -35.20 31.08
CA MET A 399 16.77 -36.48 30.40
C MET A 399 17.69 -36.59 29.19
N PHE A 400 17.96 -35.47 28.52
CA PHE A 400 18.79 -35.49 27.31
C PHE A 400 20.27 -35.69 27.61
N VAL A 401 20.73 -35.28 28.80
CA VAL A 401 22.13 -35.48 29.16
C VAL A 401 22.40 -36.95 29.44
N VAL A 402 21.53 -37.59 30.24
CA VAL A 402 21.68 -39.01 30.55
C VAL A 402 21.30 -39.90 29.39
N ASN A 403 20.62 -39.36 28.37
CA ASN A 403 20.34 -40.14 27.17
C ASN A 403 21.51 -40.11 26.20
N ALA A 404 22.06 -38.92 25.95
CA ALA A 404 23.14 -38.75 24.98
C ALA A 404 24.50 -39.22 25.49
N VAL A 405 24.58 -39.75 26.71
CA VAL A 405 25.80 -40.37 27.20
C VAL A 405 25.68 -41.90 27.25
N TYR A 406 24.47 -42.45 27.32
CA TYR A 406 24.28 -43.88 27.15
C TYR A 406 24.42 -44.30 25.70
N ALA A 407 24.17 -43.38 24.76
CA ALA A 407 24.35 -43.68 23.36
C ALA A 407 25.82 -43.91 23.01
N MET A 408 26.73 -43.24 23.73
CA MET A 408 28.14 -43.57 23.62
C MET A 408 28.45 -44.86 24.36
N ALA A 409 27.71 -45.17 25.41
CA ALA A 409 27.93 -46.38 26.18
C ALA A 409 27.32 -47.61 25.52
N HIS A 410 26.33 -47.43 24.64
CA HIS A 410 25.85 -48.53 23.82
C HIS A 410 26.69 -48.73 22.57
N ALA A 411 27.40 -47.69 22.13
CA ALA A 411 28.30 -47.84 20.99
C ALA A 411 29.57 -48.58 21.39
N LEU A 412 30.15 -48.22 22.53
CA LEU A 412 31.36 -48.86 23.03
C LEU A 412 31.11 -50.19 23.74
N HIS A 413 29.87 -50.68 23.73
CA HIS A 413 29.55 -52.02 24.19
C HIS A 413 29.23 -52.97 23.05
N LYS A 414 28.46 -52.51 22.05
CA LYS A 414 28.20 -53.32 20.88
C LYS A 414 29.43 -53.49 20.00
N MET A 415 30.39 -52.56 20.09
CA MET A 415 31.67 -52.75 19.43
C MET A 415 32.45 -53.87 20.09
N GLN A 416 32.40 -53.95 21.42
CA GLN A 416 33.11 -55.00 22.14
C GLN A 416 32.47 -56.38 21.92
N ARG A 417 31.17 -56.41 21.61
CA ARG A 417 30.52 -57.66 21.26
C ARG A 417 30.79 -58.09 19.82
N THR A 418 31.42 -57.22 19.02
CA THR A 418 31.75 -57.53 17.64
C THR A 418 33.23 -57.86 17.46
N LEU A 419 34.12 -57.00 17.96
CA LEU A 419 35.55 -57.20 17.71
C LEU A 419 36.14 -58.28 18.60
N CYS A 420 35.88 -58.21 19.91
CA CYS A 420 36.44 -59.16 20.88
C CYS A 420 35.35 -59.67 21.80
N PRO A 421 34.54 -60.64 21.34
CA PRO A 421 33.47 -61.17 22.20
C PRO A 421 33.92 -62.25 23.17
N ASN A 422 35.06 -62.90 22.92
CA ASN A 422 35.51 -63.97 23.79
C ASN A 422 36.03 -63.43 25.12
N THR A 423 36.76 -62.32 25.09
CA THR A 423 37.22 -61.67 26.30
C THR A 423 36.22 -60.59 26.74
N THR A 424 36.33 -60.19 28.00
CA THR A 424 35.45 -59.19 28.59
C THR A 424 36.10 -57.82 28.74
N LYS A 425 37.38 -57.78 29.11
CA LYS A 425 38.09 -56.52 29.29
C LYS A 425 38.57 -56.00 27.92
N LEU A 426 39.43 -54.99 27.95
CA LEU A 426 39.89 -54.35 26.73
C LEU A 426 40.93 -55.24 26.05
N CYS A 427 40.65 -55.63 24.81
CA CYS A 427 41.56 -56.48 24.04
C CYS A 427 42.54 -55.60 23.26
N ASP A 428 43.30 -56.20 22.34
CA ASP A 428 44.23 -55.45 21.52
C ASP A 428 43.55 -54.84 20.30
N ALA A 429 42.45 -55.43 19.85
CA ALA A 429 41.74 -54.90 18.69
C ALA A 429 40.96 -53.63 19.01
N MET A 430 40.64 -53.40 20.29
CA MET A 430 39.92 -52.20 20.68
C MET A 430 40.81 -51.29 21.51
N LYS A 431 42.11 -51.25 21.18
CA LYS A 431 43.06 -50.39 21.88
C LYS A 431 43.50 -49.21 21.04
N ILE A 432 42.93 -49.03 19.85
CA ILE A 432 43.30 -47.95 18.94
C ILE A 432 42.12 -47.00 18.84
N LEU A 433 40.91 -47.55 19.00
CA LEU A 433 39.62 -46.83 18.97
C LEU A 433 39.43 -46.11 17.62
N ASP A 434 39.27 -46.95 16.59
CA ASP A 434 39.00 -46.51 15.23
C ASP A 434 37.74 -45.63 15.21
N GLY A 435 37.91 -44.36 14.87
CA GLY A 435 36.85 -43.38 14.98
C GLY A 435 35.78 -43.45 13.92
N LYS A 436 36.20 -43.70 12.66
CA LYS A 436 35.24 -43.79 11.56
C LYS A 436 34.37 -45.04 11.69
N LYS A 437 34.97 -46.16 12.10
CA LYS A 437 34.19 -47.36 12.38
C LYS A 437 33.32 -47.18 13.62
N LEU A 438 33.72 -46.29 14.54
CA LEU A 438 32.89 -45.99 15.69
C LEU A 438 31.69 -45.13 15.32
N TYR A 439 31.72 -44.45 14.16
CA TYR A 439 30.60 -43.63 13.74
C TYR A 439 29.63 -44.36 12.81
N LYS A 440 29.95 -45.57 12.37
CA LYS A 440 29.03 -46.35 11.56
C LYS A 440 28.50 -47.59 12.28
N ASP A 441 28.99 -47.86 13.49
CA ASP A 441 28.41 -48.85 14.38
C ASP A 441 27.41 -48.22 15.35
N TYR A 442 27.25 -46.90 15.30
CA TYR A 442 26.60 -46.13 16.35
C TYR A 442 25.47 -45.26 15.83
N LEU A 443 25.61 -44.74 14.60
CA LEU A 443 24.68 -43.76 14.07
C LEU A 443 23.28 -44.34 13.83
N LEU A 444 23.18 -45.65 13.64
CA LEU A 444 21.89 -46.32 13.46
C LEU A 444 21.47 -47.11 14.68
N LYS A 445 22.11 -46.88 15.82
CA LYS A 445 21.93 -47.71 17.00
C LYS A 445 20.73 -47.22 17.80
N ILE A 446 19.59 -47.88 17.63
CA ILE A 446 18.47 -47.68 18.53
C ILE A 446 18.70 -48.48 19.81
N ASN A 447 17.94 -48.13 20.83
CA ASN A 447 18.06 -48.79 22.13
C ASN A 447 16.71 -48.70 22.83
N PHE A 448 16.65 -49.21 24.05
CA PHE A 448 15.39 -49.16 24.78
C PHE A 448 15.12 -47.76 25.30
N THR A 449 15.97 -47.29 26.23
CA THR A 449 15.76 -46.03 26.95
C THR A 449 16.94 -45.70 27.85
N ALA A 450 16.92 -44.50 28.42
CA ALA A 450 17.58 -44.31 29.70
C ALA A 450 16.74 -45.06 30.70
N PRO A 451 17.29 -46.06 31.40
CA PRO A 451 16.46 -47.04 32.12
C PRO A 451 15.74 -46.55 33.36
N PHE A 452 15.82 -45.25 33.67
CA PHE A 452 15.08 -44.69 34.79
C PHE A 452 13.68 -44.22 34.43
N ASN A 453 13.32 -44.16 33.14
CA ASN A 453 12.03 -43.64 32.73
C ASN A 453 11.11 -44.79 32.35
N PRO A 454 9.99 -44.99 33.07
CA PRO A 454 9.06 -46.08 32.72
C PRO A 454 8.18 -45.73 31.52
N ASN A 455 7.25 -46.63 31.20
CA ASN A 455 6.46 -46.62 29.96
C ASN A 455 7.38 -46.60 28.75
N LYS A 456 8.08 -47.73 28.60
CA LYS A 456 9.20 -47.84 27.66
C LYS A 456 8.75 -47.71 26.21
N ASP A 457 7.73 -48.48 25.81
CA ASP A 457 7.25 -48.43 24.44
C ASP A 457 6.47 -47.16 24.14
N ALA A 458 6.03 -46.42 25.16
CA ALA A 458 5.26 -45.19 24.97
C ALA A 458 6.20 -44.01 24.81
N ASP A 459 6.85 -43.96 23.64
CA ASP A 459 7.69 -42.85 23.17
C ASP A 459 8.85 -42.57 24.14
N SER A 460 9.73 -43.57 24.26
CA SER A 460 10.93 -43.40 25.07
C SER A 460 12.15 -44.02 24.38
N ILE A 461 12.09 -44.27 23.08
CA ILE A 461 13.16 -44.93 22.34
C ILE A 461 14.16 -43.88 21.88
N VAL A 462 15.39 -43.95 22.39
CA VAL A 462 16.48 -43.17 21.83
C VAL A 462 16.81 -43.69 20.43
N LYS A 463 16.73 -42.81 19.45
CA LYS A 463 16.88 -43.22 18.04
C LYS A 463 17.36 -42.03 17.23
N PHE A 464 18.47 -42.20 16.52
CA PHE A 464 18.96 -41.19 15.62
C PHE A 464 18.42 -41.44 14.22
N ASP A 465 18.16 -40.35 13.49
CA ASP A 465 17.76 -40.42 12.10
C ASP A 465 18.97 -40.59 11.20
N THR A 466 18.79 -40.42 9.89
CA THR A 466 19.91 -40.47 8.96
C THR A 466 20.87 -39.29 9.12
N PHE A 467 20.44 -38.21 9.77
CA PHE A 467 21.28 -37.06 10.03
C PHE A 467 21.74 -36.98 11.49
N GLY A 468 21.41 -37.98 12.30
CA GLY A 468 21.79 -37.97 13.70
C GLY A 468 21.04 -36.95 14.53
N ASP A 469 19.72 -37.10 14.62
CA ASP A 469 18.88 -36.15 15.33
C ASP A 469 17.97 -36.85 16.32
N GLY A 470 17.03 -36.11 16.90
CA GLY A 470 15.97 -36.70 17.69
C GLY A 470 14.63 -36.54 17.03
N MET A 471 13.55 -36.56 17.80
CA MET A 471 12.20 -36.34 17.31
C MET A 471 11.63 -35.08 17.95
N GLY A 472 10.90 -34.30 17.16
CA GLY A 472 10.39 -33.04 17.64
C GLY A 472 9.21 -33.18 18.57
N ARG A 473 9.44 -33.01 19.86
CA ARG A 473 8.41 -33.14 20.89
C ARG A 473 8.51 -31.90 21.76
N TYR A 474 7.54 -31.01 21.65
CA TYR A 474 7.64 -29.65 22.17
C TYR A 474 6.49 -29.39 23.12
N ASN A 475 6.76 -29.33 24.41
CA ASN A 475 5.77 -28.81 25.35
C ASN A 475 5.60 -27.31 25.13
N VAL A 476 4.42 -26.79 25.43
CA VAL A 476 4.10 -25.38 25.27
C VAL A 476 3.80 -24.83 26.66
N PHE A 477 4.75 -24.13 27.25
CA PHE A 477 4.58 -23.64 28.61
C PHE A 477 3.78 -22.34 28.61
N ASN A 478 3.61 -21.78 29.81
CA ASN A 478 2.88 -20.53 30.00
C ASN A 478 3.28 -19.97 31.36
N PHE A 479 3.40 -18.64 31.44
CA PHE A 479 3.88 -17.99 32.65
C PHE A 479 2.69 -17.51 33.48
N GLN A 480 1.98 -18.49 34.06
CA GLN A 480 0.78 -18.21 34.84
C GLN A 480 1.16 -17.62 36.18
N ASN A 481 0.81 -16.34 36.39
CA ASN A 481 1.08 -15.65 37.64
C ASN A 481 -0.19 -15.64 38.50
N VAL A 482 -0.48 -16.82 39.09
CA VAL A 482 -1.73 -17.03 39.80
C VAL A 482 -1.51 -17.30 41.29
N GLY A 483 -0.45 -18.03 41.65
CA GLY A 483 -0.26 -18.45 43.03
C GLY A 483 0.63 -17.57 43.88
N GLY A 484 0.88 -16.34 43.47
CA GLY A 484 1.82 -15.50 44.19
C GLY A 484 3.24 -15.70 43.71
N LYS A 485 3.76 -16.91 43.89
CA LYS A 485 5.00 -17.32 43.26
C LYS A 485 4.76 -17.48 41.76
N TYR A 486 5.36 -16.60 40.96
CA TYR A 486 5.11 -16.58 39.52
C TYR A 486 5.80 -17.77 38.88
N SER A 487 5.04 -18.85 38.68
CA SER A 487 5.58 -20.11 38.21
C SER A 487 5.13 -20.37 36.77
N TYR A 488 5.89 -21.23 36.08
CA TYR A 488 5.54 -21.66 34.74
C TYR A 488 4.49 -22.78 34.81
N LEU A 489 3.82 -23.00 33.68
CA LEU A 489 2.72 -23.97 33.66
C LEU A 489 2.52 -24.47 32.23
N LYS A 490 2.40 -25.80 32.10
CA LYS A 490 2.28 -26.45 30.80
C LYS A 490 0.84 -26.37 30.28
N VAL A 491 0.69 -26.10 28.98
CA VAL A 491 -0.63 -26.20 28.35
C VAL A 491 -0.66 -27.11 27.14
N GLY A 492 0.43 -27.37 26.41
CA GLY A 492 0.29 -27.97 25.09
C GLY A 492 1.17 -29.14 24.70
N HIS A 493 1.28 -29.38 23.39
CA HIS A 493 1.99 -30.53 22.84
C HIS A 493 2.37 -30.23 21.39
N TRP A 494 2.99 -31.20 20.73
CA TRP A 494 3.35 -31.10 19.31
C TRP A 494 3.50 -32.53 18.77
N ALA A 495 4.19 -32.66 17.63
CA ALA A 495 4.59 -33.81 16.81
C ALA A 495 3.49 -34.41 15.96
N GLU A 496 2.24 -34.08 16.25
CA GLU A 496 1.20 -34.01 15.24
C GLU A 496 0.24 -32.90 15.62
N THR A 497 0.17 -32.64 16.93
CA THR A 497 -1.02 -32.13 17.57
C THR A 497 -0.80 -30.80 18.30
N LEU A 498 -1.65 -29.83 18.00
CA LEU A 498 -1.60 -28.49 18.60
C LEU A 498 -2.47 -28.44 19.85
N SER A 499 -2.50 -29.52 20.61
CA SER A 499 -3.52 -29.85 21.60
C SER A 499 -3.65 -28.94 22.82
N LEU A 500 -3.03 -27.75 22.81
CA LEU A 500 -3.12 -26.84 23.96
C LEU A 500 -4.57 -26.43 24.20
N ASP A 501 -4.99 -26.46 25.45
CA ASP A 501 -6.37 -26.23 25.84
C ASP A 501 -6.49 -24.81 26.38
N VAL A 502 -7.34 -24.01 25.75
CA VAL A 502 -7.52 -22.62 26.17
C VAL A 502 -8.60 -22.63 27.26
N ASN A 503 -8.17 -23.01 28.46
CA ASN A 503 -8.95 -22.82 29.67
C ASN A 503 -8.13 -22.41 30.87
N SER A 504 -6.80 -22.62 30.86
CA SER A 504 -5.93 -22.25 31.95
C SER A 504 -4.88 -21.22 31.53
N ILE A 505 -4.93 -20.75 30.29
CA ILE A 505 -3.95 -19.79 29.79
C ILE A 505 -4.34 -18.40 30.29
N HIS A 506 -3.56 -17.86 31.22
CA HIS A 506 -3.66 -16.45 31.52
C HIS A 506 -2.99 -15.63 30.43
N TRP A 507 -3.36 -14.35 30.35
CA TRP A 507 -2.84 -13.49 29.29
C TRP A 507 -2.50 -12.13 29.86
N SER A 508 -1.90 -11.30 29.02
CA SER A 508 -1.77 -9.88 29.31
C SER A 508 -3.13 -9.22 29.19
N ARG A 509 -3.58 -8.56 30.28
CA ARG A 509 -4.89 -7.91 30.40
C ARG A 509 -6.05 -8.88 30.22
N ASN A 510 -5.81 -10.16 30.53
CA ASN A 510 -6.83 -11.21 30.67
C ASN A 510 -7.66 -11.43 29.40
N SER A 511 -7.09 -11.18 28.22
CA SER A 511 -7.84 -11.26 26.99
C SER A 511 -7.01 -11.92 25.90
N VAL A 512 -7.69 -12.64 25.01
CA VAL A 512 -7.08 -13.21 23.83
C VAL A 512 -6.77 -12.09 22.86
N PRO A 513 -5.51 -11.75 22.63
CA PRO A 513 -5.18 -10.57 21.84
C PRO A 513 -5.30 -10.83 20.34
N THR A 514 -5.29 -9.74 19.58
CA THR A 514 -5.36 -9.79 18.13
C THR A 514 -4.25 -8.93 17.56
N SER A 515 -3.69 -9.36 16.43
CA SER A 515 -2.71 -8.55 15.71
C SER A 515 -2.89 -8.84 14.21
N GLN A 516 -3.72 -8.03 13.57
CA GLN A 516 -3.93 -8.08 12.13
C GLN A 516 -3.61 -6.72 11.55
N CYS A 517 -3.47 -6.65 10.22
CA CYS A 517 -3.00 -5.42 9.60
C CYS A 517 -4.08 -4.36 9.58
N SER A 518 -5.31 -4.73 9.22
CA SER A 518 -6.43 -3.80 9.20
C SER A 518 -7.63 -4.45 9.88
N ASP A 519 -8.37 -3.65 10.63
CA ASP A 519 -9.49 -4.18 11.40
C ASP A 519 -10.67 -4.50 10.49
N PRO A 520 -11.45 -5.53 10.82
CA PRO A 520 -12.70 -5.76 10.10
C PRO A 520 -13.74 -4.71 10.51
N CYS A 521 -14.42 -4.14 9.52
CA CYS A 521 -15.30 -3.01 9.71
C CYS A 521 -16.76 -3.46 9.59
N ALA A 522 -17.66 -2.47 9.64
CA ALA A 522 -19.08 -2.74 9.63
C ALA A 522 -19.54 -3.20 8.25
N PRO A 523 -20.53 -4.10 8.18
CA PRO A 523 -20.98 -4.59 6.86
C PRO A 523 -22.02 -3.70 6.19
N ASN A 524 -22.12 -2.43 6.61
CA ASN A 524 -23.09 -1.53 6.01
C ASN A 524 -22.71 -1.17 4.57
N GLU A 525 -21.50 -0.68 4.36
CA GLU A 525 -21.05 -0.36 3.00
C GLU A 525 -19.60 -0.73 2.75
N MET A 526 -18.90 -1.37 3.69
CA MET A 526 -17.49 -1.65 3.53
C MET A 526 -17.26 -2.89 2.67
N LYS A 527 -16.00 -3.09 2.30
CA LYS A 527 -15.61 -4.22 1.46
C LYS A 527 -14.13 -4.48 1.65
N ASN A 528 -13.72 -5.71 1.36
CA ASN A 528 -12.33 -6.11 1.48
C ASN A 528 -11.57 -5.68 0.24
N MET A 529 -10.69 -4.70 0.39
CA MET A 529 -9.90 -4.17 -0.73
C MET A 529 -8.42 -4.40 -0.38
N GLN A 530 -7.91 -5.57 -0.74
CA GLN A 530 -6.49 -5.87 -0.57
C GLN A 530 -5.75 -5.41 -1.83
N PRO A 531 -4.94 -4.34 -1.76
CA PRO A 531 -4.34 -3.77 -2.99
C PRO A 531 -3.35 -4.67 -3.71
N GLY A 532 -2.29 -5.08 -3.03
CA GLY A 532 -1.28 -5.91 -3.67
C GLY A 532 -0.88 -7.15 -2.90
N ASP A 533 -1.14 -7.17 -1.60
CA ASP A 533 -0.71 -8.26 -0.74
C ASP A 533 -1.92 -9.01 -0.19
N VAL A 534 -1.65 -9.98 0.67
CA VAL A 534 -2.69 -10.78 1.28
C VAL A 534 -2.95 -10.37 2.73
N CYS A 535 -1.92 -9.93 3.46
CA CYS A 535 -2.06 -9.69 4.89
C CYS A 535 -2.80 -8.40 5.20
N CYS A 536 -2.78 -7.43 4.28
CA CYS A 536 -3.39 -6.13 4.51
C CYS A 536 -4.54 -5.89 3.54
N TRP A 537 -5.52 -5.11 3.99
CA TRP A 537 -6.60 -4.63 3.15
C TRP A 537 -7.07 -3.28 3.69
N ILE A 538 -8.17 -2.77 3.15
CA ILE A 538 -8.77 -1.53 3.62
C ILE A 538 -10.27 -1.60 3.36
N CYS A 539 -11.06 -1.23 4.37
CA CYS A 539 -12.51 -1.15 4.21
C CYS A 539 -12.89 0.23 3.70
N ILE A 540 -13.74 0.27 2.69
CA ILE A 540 -14.10 1.53 2.04
C ILE A 540 -15.61 1.52 1.76
N PRO A 541 -16.30 2.63 1.98
CA PRO A 541 -17.76 2.64 1.78
C PRO A 541 -18.12 2.61 0.30
N CYS A 542 -19.19 1.89 -0.02
CA CYS A 542 -19.71 1.81 -1.37
C CYS A 542 -21.16 2.30 -1.37
N GLU A 543 -21.85 2.10 -2.49
CA GLU A 543 -23.15 2.72 -2.70
C GLU A 543 -24.22 2.06 -1.83
N PRO A 544 -25.20 2.82 -1.33
CA PRO A 544 -26.22 2.23 -0.45
C PRO A 544 -27.26 1.39 -1.20
N TYR A 545 -27.37 1.51 -2.52
CA TYR A 545 -28.31 0.70 -3.27
C TYR A 545 -27.74 -0.65 -3.66
N GLU A 546 -26.48 -0.92 -3.33
CA GLU A 546 -25.83 -2.17 -3.68
C GLU A 546 -25.86 -3.15 -2.51
N TYR A 547 -25.56 -4.42 -2.81
CA TYR A 547 -25.46 -5.46 -1.81
C TYR A 547 -24.04 -6.02 -1.80
N LEU A 548 -23.52 -6.31 -0.61
CA LEU A 548 -22.18 -6.86 -0.45
C LEU A 548 -22.29 -8.39 -0.51
N ALA A 549 -21.99 -8.96 -1.68
CA ALA A 549 -22.18 -10.38 -1.90
C ALA A 549 -20.91 -11.19 -1.64
N ASP A 550 -19.83 -10.87 -2.34
CA ASP A 550 -18.60 -11.64 -2.28
C ASP A 550 -17.68 -11.21 -1.14
N GLU A 551 -18.14 -10.28 -0.28
CA GLU A 551 -17.44 -9.75 0.89
C GLU A 551 -16.14 -9.02 0.54
N PHE A 552 -15.92 -8.69 -0.73
CA PHE A 552 -14.78 -7.90 -1.14
C PHE A 552 -15.13 -6.83 -2.17
N THR A 553 -16.29 -6.90 -2.80
CA THR A 553 -16.73 -5.89 -3.76
C THR A 553 -18.25 -5.95 -3.81
N CYS A 554 -18.91 -4.89 -3.34
CA CYS A 554 -20.36 -4.88 -3.31
C CYS A 554 -20.93 -4.71 -4.72
N MET A 555 -22.08 -5.33 -4.95
CA MET A 555 -22.71 -5.35 -6.26
C MET A 555 -24.14 -4.83 -6.17
N ASP A 556 -24.60 -4.21 -7.26
CA ASP A 556 -25.91 -3.59 -7.31
C ASP A 556 -26.98 -4.59 -7.73
N CYS A 557 -28.22 -4.34 -7.29
CA CYS A 557 -29.36 -5.15 -7.69
C CYS A 557 -30.30 -4.43 -8.66
N GLY A 558 -30.10 -3.14 -8.89
CA GLY A 558 -30.91 -2.38 -9.83
C GLY A 558 -32.00 -1.58 -9.14
N SER A 559 -32.72 -0.83 -9.96
CA SER A 559 -33.79 0.03 -9.47
C SER A 559 -35.03 -0.78 -9.16
N GLY A 560 -35.85 -0.25 -8.23
CA GLY A 560 -37.08 -0.90 -7.86
C GLY A 560 -36.95 -1.68 -6.57
N GLN A 561 -35.79 -2.27 -6.34
CA GLN A 561 -35.53 -3.09 -5.17
C GLN A 561 -34.44 -2.46 -4.30
N TRP A 562 -34.58 -2.64 -2.99
CA TRP A 562 -33.67 -2.03 -2.02
C TRP A 562 -33.10 -3.10 -1.09
N PRO A 563 -31.79 -3.06 -0.84
CA PRO A 563 -31.16 -4.11 -0.03
C PRO A 563 -31.54 -4.03 1.44
N THR A 564 -31.58 -5.20 2.08
CA THR A 564 -31.92 -5.30 3.49
C THR A 564 -30.68 -5.11 4.36
N ALA A 565 -30.81 -5.44 5.65
CA ALA A 565 -29.71 -5.30 6.59
C ALA A 565 -28.63 -6.34 6.40
N ASP A 566 -28.94 -7.47 5.76
CA ASP A 566 -27.94 -8.50 5.49
C ASP A 566 -27.00 -8.13 4.35
N LEU A 567 -27.39 -7.15 3.52
CA LEU A 567 -26.61 -6.64 2.38
C LEU A 567 -26.28 -7.74 1.36
N THR A 568 -27.18 -8.70 1.21
CA THR A 568 -27.08 -9.70 0.16
C THR A 568 -28.27 -9.69 -0.79
N GLY A 569 -29.48 -9.55 -0.27
CA GLY A 569 -30.68 -9.56 -1.08
C GLY A 569 -31.42 -8.23 -1.05
N CYS A 570 -32.18 -7.95 -2.11
CA CYS A 570 -32.88 -6.68 -2.25
C CYS A 570 -34.38 -6.90 -2.26
N TYR A 571 -35.11 -6.03 -1.59
CA TYR A 571 -36.57 -6.10 -1.47
C TYR A 571 -37.23 -4.98 -2.26
N ASP A 572 -38.28 -5.32 -3.00
CA ASP A 572 -38.96 -4.36 -3.86
C ASP A 572 -39.82 -3.42 -3.04
N LEU A 573 -40.26 -2.34 -3.68
CA LEU A 573 -41.05 -1.29 -3.06
C LEU A 573 -42.32 -1.02 -3.86
N PRO A 574 -43.41 -0.68 -3.18
CA PRO A 574 -44.60 -0.17 -3.88
C PRO A 574 -44.43 1.31 -4.20
N GLU A 575 -45.46 1.90 -4.81
CA GLU A 575 -45.32 3.26 -5.31
C GLU A 575 -45.46 4.29 -4.17
N ASP A 576 -46.67 4.40 -3.63
CA ASP A 576 -47.05 5.33 -2.57
C ASP A 576 -48.52 5.08 -2.27
N TYR A 577 -48.99 5.68 -1.17
CA TYR A 577 -50.41 5.78 -0.88
C TYR A 577 -50.91 7.07 -1.54
N ILE A 578 -51.33 6.95 -2.80
CA ILE A 578 -51.78 8.12 -3.56
C ILE A 578 -53.11 8.64 -3.01
N ARG A 579 -53.95 7.74 -2.52
CA ARG A 579 -55.28 8.10 -2.05
C ARG A 579 -55.34 8.35 -0.55
N TRP A 580 -54.20 8.52 0.13
CA TRP A 580 -54.26 8.71 1.57
C TRP A 580 -54.60 10.15 1.94
N GLU A 581 -53.67 11.07 1.75
CA GLU A 581 -54.04 12.48 1.66
C GLU A 581 -53.47 13.16 0.42
N ASP A 582 -52.13 13.24 0.38
CA ASP A 582 -51.31 13.96 -0.60
C ASP A 582 -51.79 15.37 -0.95
N ALA A 583 -52.50 16.03 -0.01
CA ALA A 583 -53.30 17.25 -0.23
C ALA A 583 -54.26 17.12 -1.42
N TRP A 584 -54.67 15.89 -1.76
CA TRP A 584 -55.54 15.65 -2.90
C TRP A 584 -56.63 14.61 -2.65
N ALA A 585 -56.56 13.83 -1.58
CA ALA A 585 -57.62 12.89 -1.26
C ALA A 585 -58.77 13.54 -0.52
N ILE A 586 -58.67 14.83 -0.19
CA ILE A 586 -59.77 15.56 0.43
C ILE A 586 -60.08 16.86 -0.27
N GLY A 587 -59.15 17.47 -1.00
CA GLY A 587 -59.38 18.73 -1.67
C GLY A 587 -60.30 18.67 -2.87
N PRO A 588 -59.84 18.05 -3.96
CA PRO A 588 -60.68 18.03 -5.18
C PRO A 588 -61.89 17.12 -5.09
N VAL A 589 -61.89 16.12 -4.21
CA VAL A 589 -63.08 15.28 -4.08
C VAL A 589 -64.18 16.04 -3.34
N THR A 590 -63.81 17.03 -2.51
CA THR A 590 -64.80 17.92 -1.94
C THR A 590 -65.37 18.86 -3.00
N ILE A 591 -64.55 19.25 -3.98
CA ILE A 591 -65.07 19.95 -5.15
C ILE A 591 -65.88 19.01 -6.02
N ALA A 592 -65.51 17.73 -6.03
CA ALA A 592 -66.32 16.71 -6.69
C ALA A 592 -67.50 16.24 -5.85
N CYS A 593 -67.49 16.54 -4.54
CA CYS A 593 -68.69 16.31 -3.73
C CYS A 593 -69.81 17.24 -4.15
N LEU A 594 -69.47 18.47 -4.53
CA LEU A 594 -70.41 19.35 -5.18
C LEU A 594 -70.64 18.98 -6.64
N GLY A 595 -69.79 18.10 -7.20
CA GLY A 595 -70.04 17.59 -8.54
C GLY A 595 -71.28 16.72 -8.62
N PHE A 596 -71.66 16.08 -7.51
CA PHE A 596 -72.94 15.41 -7.43
C PHE A 596 -74.10 16.40 -7.30
N MET A 597 -73.81 17.65 -6.94
CA MET A 597 -74.83 18.67 -6.82
C MET A 597 -75.04 19.48 -8.10
N CYS A 598 -74.18 19.30 -9.11
CA CYS A 598 -74.42 19.96 -10.39
C CYS A 598 -75.59 19.32 -11.12
N THR A 599 -75.61 17.98 -11.18
CA THR A 599 -76.76 17.29 -11.76
C THR A 599 -77.96 17.35 -10.83
N CYS A 600 -77.74 17.50 -9.52
CA CYS A 600 -78.85 17.57 -8.58
C CYS A 600 -79.56 18.92 -8.67
N MET A 601 -78.81 20.02 -8.80
CA MET A 601 -79.43 21.32 -8.97
C MET A 601 -80.05 21.47 -10.35
N VAL A 602 -79.50 20.77 -11.36
CA VAL A 602 -80.08 20.77 -12.69
C VAL A 602 -81.19 19.74 -12.85
N VAL A 603 -81.49 18.98 -11.80
CA VAL A 603 -82.56 17.99 -11.89
C VAL A 603 -83.94 18.63 -11.86
N THR A 604 -84.04 19.88 -11.40
CA THR A 604 -85.31 20.60 -11.47
C THR A 604 -85.66 20.95 -12.91
N VAL A 605 -84.64 21.16 -13.75
CA VAL A 605 -84.89 21.36 -15.18
C VAL A 605 -85.15 20.02 -15.85
N PHE A 606 -84.61 18.94 -15.30
CA PHE A 606 -84.71 17.62 -15.93
C PHE A 606 -86.12 17.06 -15.86
N ILE A 607 -86.64 16.85 -14.65
CA ILE A 607 -87.89 16.13 -14.48
C ILE A 607 -88.96 17.02 -13.87
N LYS A 608 -88.54 18.01 -13.06
CA LYS A 608 -89.51 18.81 -12.33
C LYS A 608 -90.12 19.90 -13.21
N HIS A 609 -89.33 20.52 -14.08
CA HIS A 609 -89.79 21.61 -14.94
C HIS A 609 -89.35 21.38 -16.38
N ASN A 610 -89.61 20.17 -16.89
CA ASN A 610 -89.22 19.83 -18.25
C ASN A 610 -90.10 20.50 -19.30
N ASN A 611 -91.24 21.07 -18.91
CA ASN A 611 -92.14 21.75 -19.83
C ASN A 611 -91.92 23.26 -19.86
N THR A 612 -90.69 23.71 -19.63
CA THR A 612 -90.42 25.13 -19.63
C THR A 612 -90.37 25.66 -21.07
N PRO A 613 -90.83 26.89 -21.31
CA PRO A 613 -90.77 27.44 -22.68
C PRO A 613 -89.35 27.73 -23.13
N LEU A 614 -88.46 28.15 -22.22
CA LEU A 614 -87.06 28.34 -22.59
C LEU A 614 -86.37 27.01 -22.85
N VAL A 615 -86.74 25.96 -22.11
CA VAL A 615 -86.17 24.65 -22.36
C VAL A 615 -86.76 24.02 -23.62
N LYS A 616 -88.01 24.37 -23.97
CA LYS A 616 -88.60 23.89 -25.20
C LYS A 616 -87.93 24.50 -26.42
N ALA A 617 -87.51 25.76 -26.33
CA ALA A 617 -86.71 26.37 -27.37
C ALA A 617 -85.25 25.93 -27.32
N SER A 618 -84.83 25.28 -26.23
CA SER A 618 -83.49 24.75 -26.12
C SER A 618 -83.47 23.29 -26.55
N GLY A 619 -82.31 22.66 -26.41
CA GLY A 619 -82.12 21.27 -26.76
C GLY A 619 -82.60 20.31 -25.69
N ARG A 620 -83.91 20.07 -25.62
CA ARG A 620 -84.47 19.18 -24.61
C ARG A 620 -83.97 17.75 -24.76
N GLU A 621 -83.78 17.31 -26.00
CA GLU A 621 -83.08 16.06 -26.23
C GLU A 621 -81.57 16.22 -26.16
N LEU A 622 -81.07 17.45 -26.30
CA LEU A 622 -79.63 17.69 -26.31
C LEU A 622 -79.10 17.87 -24.89
N CYS A 623 -79.90 18.45 -23.98
CA CYS A 623 -79.45 18.66 -22.60
C CYS A 623 -79.32 17.34 -21.86
N TYR A 624 -80.02 16.29 -22.30
CA TYR A 624 -79.81 14.95 -21.77
C TYR A 624 -78.48 14.36 -22.22
N ILE A 625 -77.82 14.98 -23.20
CA ILE A 625 -76.46 14.59 -23.59
C ILE A 625 -75.48 15.66 -23.10
N LEU A 626 -75.96 16.90 -23.00
CA LEU A 626 -75.08 18.00 -22.62
C LEU A 626 -74.87 18.10 -21.11
N LEU A 627 -75.81 17.62 -20.30
CA LEU A 627 -75.70 17.74 -18.85
C LEU A 627 -75.56 16.41 -18.13
N PHE A 628 -75.95 15.30 -18.75
CA PHE A 628 -75.72 13.99 -18.13
C PHE A 628 -74.24 13.63 -18.17
N GLY A 629 -73.57 13.89 -19.30
CA GLY A 629 -72.13 13.74 -19.36
C GLY A 629 -71.36 14.78 -18.58
N VAL A 630 -72.01 15.91 -18.26
CA VAL A 630 -71.41 16.90 -17.37
C VAL A 630 -71.29 16.33 -15.97
N GLY A 631 -72.22 15.48 -15.55
CA GLY A 631 -72.05 14.72 -14.34
C GLY A 631 -71.03 13.60 -14.46
N LEU A 632 -70.83 13.07 -15.66
CA LEU A 632 -69.78 12.08 -15.88
C LEU A 632 -68.41 12.74 -15.89
N SER A 633 -68.32 13.99 -16.34
CA SER A 633 -67.09 14.77 -16.17
C SER A 633 -66.83 15.09 -14.70
N TYR A 634 -67.86 15.15 -13.88
CA TYR A 634 -67.73 15.20 -12.43
C TYR A 634 -67.65 13.81 -11.80
N CYS A 635 -67.54 12.76 -12.62
CA CYS A 635 -67.42 11.40 -12.14
C CYS A 635 -66.16 10.69 -12.62
N MET A 636 -65.54 11.13 -13.70
CA MET A 636 -64.29 10.53 -14.17
C MET A 636 -63.10 10.89 -13.30
N THR A 637 -63.22 11.90 -12.43
CA THR A 637 -62.13 12.23 -11.52
C THR A 637 -62.05 11.25 -10.36
N PHE A 638 -63.12 10.48 -10.13
CA PHE A 638 -63.08 9.44 -9.09
C PHE A 638 -62.11 8.32 -9.44
N PHE A 639 -61.95 8.01 -10.73
CA PHE A 639 -61.04 6.93 -11.12
C PHE A 639 -59.58 7.37 -11.09
N PHE A 640 -59.31 8.68 -11.01
CA PHE A 640 -57.94 9.19 -10.92
C PHE A 640 -57.37 9.10 -9.52
N ILE A 641 -58.15 8.69 -8.54
CA ILE A 641 -57.69 8.58 -7.16
C ILE A 641 -57.60 7.13 -6.69
N ALA A 642 -58.21 6.19 -7.40
CA ALA A 642 -58.22 4.79 -6.98
C ALA A 642 -56.92 4.11 -7.37
N LYS A 643 -56.83 2.80 -7.12
CA LYS A 643 -55.62 2.06 -7.43
C LYS A 643 -55.54 1.80 -8.94
N PRO A 644 -54.36 1.92 -9.54
CA PRO A 644 -54.25 1.71 -11.00
C PRO A 644 -54.36 0.24 -11.35
N SER A 645 -55.13 -0.02 -12.41
CA SER A 645 -55.48 -1.37 -12.84
C SER A 645 -56.10 -1.25 -14.24
N PRO A 646 -56.15 -2.37 -15.00
CA PRO A 646 -56.94 -2.37 -16.24
C PRO A 646 -58.41 -2.01 -16.07
N VAL A 647 -59.00 -2.27 -14.90
CA VAL A 647 -60.36 -1.81 -14.65
C VAL A 647 -60.40 -0.33 -14.28
N ILE A 648 -59.25 0.29 -13.98
CA ILE A 648 -59.26 1.67 -13.50
C ILE A 648 -58.43 2.59 -14.40
N CYS A 649 -57.13 2.31 -14.56
CA CYS A 649 -56.29 3.25 -15.30
C CYS A 649 -56.53 3.17 -16.80
N ALA A 650 -56.96 2.02 -17.30
CA ALA A 650 -57.40 1.94 -18.68
C ALA A 650 -58.81 2.50 -18.84
N LEU A 651 -59.61 2.46 -17.78
CA LEU A 651 -60.88 3.15 -17.77
C LEU A 651 -60.71 4.66 -17.71
N ARG A 652 -59.58 5.14 -17.19
CA ARG A 652 -59.26 6.56 -17.27
C ARG A 652 -59.01 6.99 -18.71
N ARG A 653 -58.43 6.12 -19.53
CA ARG A 653 -58.33 6.37 -20.95
C ARG A 653 -59.71 6.32 -21.62
N LEU A 654 -60.61 5.49 -21.11
CA LEU A 654 -61.98 5.48 -21.60
C LEU A 654 -62.81 6.60 -20.96
N GLY A 655 -62.38 7.10 -19.81
CA GLY A 655 -63.10 8.16 -19.14
C GLY A 655 -62.79 9.55 -19.66
N LEU A 656 -61.50 9.82 -19.91
CA LEU A 656 -61.08 11.14 -20.38
C LEU A 656 -61.59 11.44 -21.78
N GLY A 657 -61.70 10.41 -22.62
CA GLY A 657 -62.37 10.60 -23.90
C GLY A 657 -63.87 10.81 -23.74
N SER A 658 -64.47 10.12 -22.77
CA SER A 658 -65.89 10.31 -22.49
C SER A 658 -66.16 11.62 -21.75
N SER A 659 -65.17 12.10 -20.99
CA SER A 659 -65.34 13.37 -20.27
C SER A 659 -65.35 14.54 -21.23
N PHE A 660 -64.44 14.55 -22.20
CA PHE A 660 -64.41 15.58 -23.23
C PHE A 660 -65.18 15.17 -24.49
N ALA A 661 -66.12 14.24 -24.36
CA ALA A 661 -67.13 14.00 -25.38
C ALA A 661 -68.34 14.91 -25.18
N ILE A 662 -68.31 15.76 -24.16
CA ILE A 662 -69.39 16.71 -23.91
C ILE A 662 -68.95 18.13 -24.19
N CYS A 663 -67.70 18.50 -23.91
CA CYS A 663 -67.18 19.84 -24.18
C CYS A 663 -67.06 20.14 -25.67
N TYR A 664 -67.07 19.12 -26.52
CA TYR A 664 -67.12 19.30 -27.97
C TYR A 664 -68.52 19.17 -28.52
N SER A 665 -69.31 18.21 -28.00
CA SER A 665 -70.65 17.98 -28.50
C SER A 665 -71.69 18.94 -27.95
N ALA A 666 -71.31 19.82 -27.02
CA ALA A 666 -72.22 20.85 -26.52
C ALA A 666 -71.69 22.26 -26.74
N LEU A 667 -70.59 22.42 -27.48
CA LEU A 667 -70.09 23.74 -27.85
C LEU A 667 -70.06 23.96 -29.35
N LEU A 668 -69.44 23.05 -30.11
CA LEU A 668 -69.46 23.16 -31.56
C LEU A 668 -70.71 22.52 -32.15
N THR A 669 -71.13 21.37 -31.60
CA THR A 669 -72.33 20.72 -32.10
C THR A 669 -73.59 21.48 -31.67
N LYS A 670 -73.61 21.97 -30.42
CA LYS A 670 -74.76 22.74 -29.94
C LYS A 670 -74.86 24.13 -30.58
N THR A 671 -73.83 24.57 -31.31
CA THR A 671 -74.00 25.72 -32.18
C THR A 671 -74.95 25.38 -33.34
N ASN A 672 -74.97 24.12 -33.76
CA ASN A 672 -75.86 23.64 -34.80
C ASN A 672 -77.07 22.88 -34.26
N CYS A 673 -77.18 22.69 -32.94
CA CYS A 673 -78.37 22.09 -32.33
C CYS A 673 -79.11 23.06 -31.42
N ILE A 674 -78.43 23.63 -30.42
CA ILE A 674 -79.09 24.58 -29.53
C ILE A 674 -79.29 25.94 -30.18
N ALA A 675 -78.56 26.23 -31.26
CA ALA A 675 -78.74 27.43 -32.07
C ALA A 675 -78.99 27.05 -33.51
N ARG A 676 -79.83 26.02 -33.73
CA ARG A 676 -80.13 25.54 -35.06
C ARG A 676 -81.09 26.48 -35.80
N GLN A 696 -84.32 18.91 -36.00
CA GLN A 696 -83.78 17.60 -35.69
C GLN A 696 -83.54 16.79 -36.95
N VAL A 697 -83.42 17.50 -38.09
CA VAL A 697 -83.16 16.82 -39.36
C VAL A 697 -81.70 16.39 -39.47
N PHE A 698 -80.81 17.01 -38.71
CA PHE A 698 -79.40 16.64 -38.70
C PHE A 698 -78.91 16.31 -37.29
N ILE A 699 -79.81 16.22 -36.30
CA ILE A 699 -79.41 15.91 -34.94
C ILE A 699 -79.07 14.43 -34.78
N CYS A 700 -79.51 13.58 -35.70
CA CYS A 700 -79.12 12.17 -35.65
C CYS A 700 -77.64 11.98 -35.96
N LEU A 701 -77.08 12.84 -36.81
CA LEU A 701 -75.63 12.83 -37.02
C LEU A 701 -74.91 13.45 -35.83
N GLY A 702 -75.52 14.43 -35.18
CA GLY A 702 -74.93 15.02 -33.99
C GLY A 702 -74.99 14.08 -32.80
N LEU A 703 -76.06 13.28 -32.71
CA LEU A 703 -76.13 12.26 -31.66
C LEU A 703 -75.18 11.12 -31.93
N ILE A 704 -74.83 10.88 -33.20
CA ILE A 704 -73.83 9.88 -33.55
C ILE A 704 -72.42 10.45 -33.57
N LEU A 705 -72.26 11.76 -33.34
CA LEU A 705 -70.95 12.38 -33.34
C LEU A 705 -70.14 12.10 -32.08
N VAL A 706 -70.78 11.60 -31.02
CA VAL A 706 -70.04 11.27 -29.81
C VAL A 706 -69.19 10.01 -30.01
N GLN A 707 -69.69 9.05 -30.80
CA GLN A 707 -68.95 7.84 -31.12
C GLN A 707 -68.23 7.93 -32.45
N ILE A 708 -67.97 9.16 -32.94
CA ILE A 708 -67.28 9.32 -34.22
C ILE A 708 -65.80 9.01 -34.10
N VAL A 709 -65.22 9.11 -32.91
CA VAL A 709 -63.81 8.80 -32.70
C VAL A 709 -63.72 7.86 -31.51
N MET A 710 -64.84 7.71 -30.79
CA MET A 710 -64.85 6.86 -29.60
C MET A 710 -64.75 5.38 -29.94
N VAL A 711 -65.16 5.00 -31.15
CA VAL A 711 -64.96 3.62 -31.60
C VAL A 711 -63.48 3.37 -31.88
N SER A 712 -62.79 4.36 -32.46
CA SER A 712 -61.35 4.26 -32.64
C SER A 712 -60.61 4.48 -31.32
N VAL A 713 -61.22 5.23 -30.39
CA VAL A 713 -60.62 5.34 -29.06
C VAL A 713 -60.79 4.04 -28.28
N TRP A 714 -61.80 3.24 -28.63
CA TRP A 714 -61.94 1.91 -28.05
C TRP A 714 -60.87 0.97 -28.58
N LEU A 715 -60.40 1.20 -29.81
CA LEU A 715 -59.36 0.36 -30.38
C LEU A 715 -58.00 0.60 -29.72
N ILE A 716 -57.72 1.86 -29.37
CA ILE A 716 -56.47 2.17 -28.68
C ILE A 716 -56.59 1.90 -27.19
N LEU A 717 -57.80 1.64 -26.70
CA LEU A 717 -58.01 1.16 -25.35
C LEU A 717 -58.08 -0.36 -25.28
N GLU A 718 -57.81 -1.05 -26.39
CA GLU A 718 -57.84 -2.51 -26.42
C GLU A 718 -56.58 -3.13 -27.01
N ALA A 719 -55.99 -2.51 -28.03
CA ALA A 719 -54.84 -3.11 -28.72
C ALA A 719 -53.52 -3.01 -27.97
N PRO A 720 -53.03 -1.81 -27.48
CA PRO A 720 -51.72 -1.82 -26.80
C PRO A 720 -51.79 -2.35 -25.38
N GLY A 721 -50.66 -2.28 -24.67
CA GLY A 721 -50.60 -2.70 -23.29
C GLY A 721 -51.39 -1.79 -22.36
N THR A 722 -52.44 -2.33 -21.75
CA THR A 722 -53.31 -1.55 -20.87
C THR A 722 -53.36 -2.13 -19.47
N ARG A 723 -52.21 -2.47 -18.88
CA ARG A 723 -52.21 -3.11 -17.58
C ARG A 723 -51.61 -2.23 -16.48
N ARG A 724 -50.33 -1.85 -16.58
CA ARG A 724 -49.61 -1.12 -15.55
C ARG A 724 -48.22 -0.77 -16.07
N TYR A 725 -47.53 0.06 -15.30
CA TYR A 725 -46.12 0.36 -15.53
C TYR A 725 -45.49 0.73 -14.20
N THR A 726 -44.18 1.00 -14.20
CA THR A 726 -43.46 1.33 -12.98
C THR A 726 -42.27 2.19 -13.37
N LEU A 727 -42.37 3.50 -13.15
CA LEU A 727 -41.28 4.41 -13.46
C LEU A 727 -40.24 4.40 -12.35
N ALA A 728 -38.96 4.48 -12.73
CA ALA A 728 -37.85 4.42 -11.79
C ALA A 728 -36.97 5.66 -12.00
N GLU A 729 -37.04 6.60 -11.07
CA GLU A 729 -36.18 7.78 -11.06
C GLU A 729 -34.94 7.46 -10.23
N LYS A 730 -34.18 8.50 -9.85
CA LYS A 730 -32.85 8.33 -9.29
C LYS A 730 -32.86 7.74 -7.89
N ARG A 731 -32.73 6.40 -7.82
CA ARG A 731 -32.34 5.58 -6.68
C ARG A 731 -33.40 5.44 -5.58
N GLU A 732 -34.50 6.21 -5.65
CA GLU A 732 -35.65 5.94 -4.78
C GLU A 732 -36.91 6.44 -5.50
N THR A 733 -37.51 5.56 -6.29
CA THR A 733 -38.79 5.81 -6.95
C THR A 733 -39.37 4.51 -7.48
N VAL A 734 -40.59 4.16 -7.07
CA VAL A 734 -41.28 3.00 -7.60
C VAL A 734 -42.67 3.41 -8.06
N ILE A 735 -42.81 4.67 -8.49
CA ILE A 735 -44.10 5.27 -8.80
C ILE A 735 -44.71 4.58 -10.02
N LEU A 736 -45.91 4.02 -9.83
CA LEU A 736 -46.53 3.15 -10.83
C LEU A 736 -47.59 3.93 -11.59
N LYS A 737 -47.18 4.52 -12.70
CA LYS A 737 -48.14 5.09 -13.65
C LYS A 737 -48.74 3.97 -14.50
N CYS A 738 -49.84 4.29 -15.17
CA CYS A 738 -50.45 3.31 -16.06
C CYS A 738 -49.63 3.16 -17.34
N ASN A 739 -49.95 2.13 -18.12
CA ASN A 739 -49.09 1.75 -19.24
C ASN A 739 -49.31 2.58 -20.49
N VAL A 740 -49.20 3.90 -20.36
CA VAL A 740 -49.25 4.85 -21.47
C VAL A 740 -48.15 5.88 -21.26
N LYS A 741 -48.08 6.83 -22.19
CA LYS A 741 -47.20 7.97 -22.10
C LYS A 741 -48.03 9.25 -22.05
N ASP A 742 -47.35 10.39 -21.94
CA ASP A 742 -48.06 11.67 -21.95
C ASP A 742 -48.61 12.00 -23.32
N SER A 743 -47.95 11.54 -24.39
CA SER A 743 -48.44 11.77 -25.74
C SER A 743 -49.63 10.88 -26.05
N SER A 744 -49.75 9.73 -25.39
CA SER A 744 -50.90 8.86 -25.59
C SER A 744 -52.18 9.48 -25.05
N MET A 745 -52.10 10.14 -23.89
CA MET A 745 -53.24 10.92 -23.42
C MET A 745 -53.44 12.17 -24.26
N LEU A 746 -52.36 12.73 -24.81
CA LEU A 746 -52.47 13.87 -25.71
C LEU A 746 -53.10 13.48 -27.04
N ILE A 747 -52.89 12.24 -27.49
CA ILE A 747 -53.53 11.74 -28.70
C ILE A 747 -55.03 11.60 -28.49
N SER A 748 -55.45 11.14 -27.31
CA SER A 748 -56.86 11.15 -26.98
C SER A 748 -57.37 12.57 -26.73
N LEU A 749 -56.50 13.47 -26.27
CA LEU A 749 -56.87 14.86 -26.14
C LEU A 749 -57.00 15.54 -27.50
N THR A 750 -56.20 15.11 -28.48
CA THR A 750 -56.32 15.67 -29.82
C THR A 750 -57.57 15.19 -30.56
N TYR A 751 -58.16 14.09 -30.12
CA TYR A 751 -59.36 13.57 -30.76
C TYR A 751 -60.61 14.37 -30.43
N ASP A 752 -60.59 15.18 -29.39
CA ASP A 752 -61.78 15.90 -28.96
C ASP A 752 -61.59 17.40 -28.86
N VAL A 753 -60.40 17.86 -28.45
CA VAL A 753 -60.17 19.28 -28.29
C VAL A 753 -60.03 20.01 -29.62
N ILE A 754 -59.72 19.27 -30.69
CA ILE A 754 -59.72 19.88 -32.02
C ILE A 754 -61.15 20.23 -32.44
N LEU A 755 -62.13 19.43 -32.01
CA LEU A 755 -63.52 19.81 -32.18
C LEU A 755 -63.92 20.96 -31.26
N VAL A 756 -63.19 21.15 -30.16
CA VAL A 756 -63.41 22.31 -29.30
C VAL A 756 -62.54 23.50 -29.71
N ILE A 757 -61.53 23.28 -30.56
CA ILE A 757 -60.70 24.39 -31.02
C ILE A 757 -61.46 25.26 -32.02
N LEU A 758 -62.17 24.62 -32.95
CA LEU A 758 -63.01 25.32 -33.91
C LEU A 758 -64.44 25.51 -33.40
N CYS A 759 -64.66 25.33 -32.10
CA CYS A 759 -65.99 25.54 -31.54
C CYS A 759 -66.33 27.01 -31.46
N THR A 760 -65.46 27.82 -30.84
CA THR A 760 -65.68 29.26 -30.80
C THR A 760 -65.51 29.92 -32.16
N VAL A 761 -64.75 29.29 -33.07
CA VAL A 761 -64.64 29.82 -34.43
C VAL A 761 -65.95 29.63 -35.18
N TYR A 762 -66.65 28.52 -34.91
CA TYR A 762 -67.97 28.30 -35.49
C TYR A 762 -69.08 28.97 -34.70
N ALA A 763 -68.77 29.56 -33.54
CA ALA A 763 -69.74 30.26 -32.71
C ALA A 763 -69.33 31.70 -32.48
N PHE A 764 -68.60 32.29 -33.43
CA PHE A 764 -68.22 33.70 -33.38
C PHE A 764 -69.17 34.60 -34.14
N LYS A 765 -70.07 34.03 -34.95
CA LYS A 765 -71.02 34.83 -35.69
C LYS A 765 -72.15 35.34 -34.80
N THR A 766 -72.58 34.52 -33.84
CA THR A 766 -73.66 34.91 -32.93
C THR A 766 -73.09 35.54 -31.65
N ARG A 767 -72.36 36.63 -31.84
CA ARG A 767 -71.79 37.39 -30.73
C ARG A 767 -72.63 38.59 -30.34
N LYS A 768 -73.63 38.95 -31.13
CA LYS A 768 -74.48 40.10 -30.83
C LYS A 768 -75.96 39.77 -30.86
N CYS A 769 -76.39 38.85 -31.72
CA CYS A 769 -77.82 38.59 -31.91
C CYS A 769 -78.21 37.30 -31.20
N PRO A 770 -79.01 37.35 -30.14
CA PRO A 770 -79.50 36.12 -29.52
C PRO A 770 -80.82 35.66 -30.10
N GLU A 771 -81.36 34.57 -29.56
CA GLU A 771 -82.69 34.08 -29.92
C GLU A 771 -83.65 34.11 -28.74
N ASN A 772 -83.27 33.52 -27.61
CA ASN A 772 -84.03 33.56 -26.37
C ASN A 772 -83.16 34.10 -25.25
N PHE A 773 -82.44 35.20 -25.53
CA PHE A 773 -81.41 35.87 -24.73
C PHE A 773 -80.43 34.92 -24.05
N ASN A 774 -80.09 33.83 -24.72
CA ASN A 774 -79.26 32.79 -24.10
C ASN A 774 -78.12 32.39 -25.02
N GLU A 775 -78.28 32.59 -26.33
CA GLU A 775 -77.26 32.19 -27.29
C GLU A 775 -76.06 33.13 -27.24
N ALA A 776 -76.28 34.41 -27.53
CA ALA A 776 -75.19 35.38 -27.52
C ALA A 776 -74.78 35.79 -26.12
N LYS A 777 -75.58 35.48 -25.10
CA LYS A 777 -75.29 35.90 -23.73
C LYS A 777 -74.55 34.85 -22.93
N PHE A 778 -74.76 33.56 -23.22
CA PHE A 778 -74.16 32.49 -22.43
C PHE A 778 -73.24 31.60 -23.23
N ILE A 779 -73.65 31.16 -24.43
CA ILE A 779 -72.91 30.18 -25.20
C ILE A 779 -71.57 30.75 -25.66
N GLY A 780 -71.55 32.03 -26.02
CA GLY A 780 -70.31 32.70 -26.37
C GLY A 780 -69.34 32.84 -25.22
N PHE A 781 -69.83 32.88 -23.98
CA PHE A 781 -68.95 32.88 -22.83
C PHE A 781 -68.28 31.52 -22.64
N THR A 782 -69.07 30.44 -22.77
CA THR A 782 -68.50 29.10 -22.70
C THR A 782 -67.73 28.73 -23.96
N MET A 783 -67.94 29.45 -25.06
CA MET A 783 -67.09 29.27 -26.22
C MET A 783 -65.69 29.81 -25.97
N TYR A 784 -65.57 30.90 -25.21
CA TYR A 784 -64.28 31.51 -24.91
C TYR A 784 -63.71 31.07 -23.57
N THR A 785 -64.44 31.29 -22.48
CA THR A 785 -63.86 31.15 -21.15
C THR A 785 -63.76 29.70 -20.69
N THR A 786 -64.68 28.83 -21.14
CA THR A 786 -64.68 27.45 -20.65
C THR A 786 -63.55 26.64 -21.27
N CYS A 787 -63.45 26.66 -22.60
CA CYS A 787 -62.43 25.85 -23.27
C CYS A 787 -61.05 26.47 -23.23
N ILE A 788 -60.91 27.71 -22.76
CA ILE A 788 -59.57 28.25 -22.51
C ILE A 788 -58.94 27.57 -21.31
N ILE A 789 -59.76 27.17 -20.32
CA ILE A 789 -59.26 26.38 -19.21
C ILE A 789 -58.93 24.96 -19.67
N TRP A 790 -59.58 24.50 -20.74
CA TRP A 790 -59.24 23.21 -21.32
C TRP A 790 -57.90 23.25 -22.04
N LEU A 791 -57.42 24.44 -22.43
CA LEU A 791 -56.10 24.62 -23.00
C LEU A 791 -55.13 25.30 -22.04
N ALA A 792 -55.49 25.40 -20.76
CA ALA A 792 -54.63 25.98 -19.74
C ALA A 792 -53.93 24.92 -18.89
N PHE A 793 -54.70 24.03 -18.28
CA PHE A 793 -54.14 22.99 -17.41
C PHE A 793 -53.68 21.76 -18.17
N LEU A 794 -54.32 21.44 -19.30
CA LEU A 794 -53.94 20.29 -20.13
C LEU A 794 -52.53 20.37 -20.74
N PRO A 795 -51.99 21.53 -21.15
CA PRO A 795 -50.55 21.56 -21.47
C PRO A 795 -49.65 21.47 -20.25
N ILE A 796 -50.17 21.69 -19.04
CA ILE A 796 -49.37 21.53 -17.82
C ILE A 796 -49.44 20.12 -17.25
N PHE A 797 -50.21 19.23 -17.87
CA PHE A 797 -50.34 17.86 -17.36
C PHE A 797 -49.11 17.00 -17.62
N TYR A 798 -48.28 17.36 -18.60
CA TYR A 798 -47.07 16.61 -18.92
C TYR A 798 -45.81 17.29 -18.36
N VAL A 799 -45.96 18.17 -17.38
CA VAL A 799 -44.83 18.90 -16.83
C VAL A 799 -44.61 18.46 -15.39
N THR A 800 -45.69 18.23 -14.66
CA THR A 800 -45.60 17.93 -13.23
C THR A 800 -45.07 16.52 -13.00
N SER A 801 -44.57 16.29 -11.79
CA SER A 801 -43.98 15.02 -11.39
C SER A 801 -44.94 14.14 -10.61
N SER A 802 -45.53 14.67 -9.54
CA SER A 802 -46.46 13.88 -8.74
C SER A 802 -47.81 13.75 -9.45
N ASP A 803 -48.22 14.82 -10.15
CA ASP A 803 -49.42 14.87 -11.01
C ASP A 803 -50.69 14.57 -10.20
N TYR A 804 -50.79 15.18 -9.03
CA TYR A 804 -51.85 14.82 -8.09
C TYR A 804 -53.19 15.42 -8.50
N ARG A 805 -53.31 16.74 -8.46
CA ARG A 805 -54.57 17.43 -8.70
C ARG A 805 -54.52 18.35 -9.92
N VAL A 806 -53.46 18.27 -10.72
CA VAL A 806 -53.38 19.12 -11.91
C VAL A 806 -54.32 18.63 -13.00
N GLN A 807 -54.57 17.31 -13.06
CA GLN A 807 -55.50 16.76 -14.05
C GLN A 807 -56.79 16.24 -13.45
N THR A 808 -56.81 15.88 -12.16
CA THR A 808 -58.03 15.37 -11.55
C THR A 808 -59.00 16.50 -11.22
N THR A 809 -58.49 17.59 -10.64
CA THR A 809 -59.36 18.70 -10.23
C THR A 809 -59.79 19.55 -11.41
N THR A 810 -58.84 19.95 -12.27
CA THR A 810 -59.11 20.95 -13.29
C THR A 810 -59.97 20.41 -14.42
N MET A 811 -59.95 19.10 -14.66
CA MET A 811 -60.89 18.51 -15.60
C MET A 811 -62.31 18.57 -15.06
N CYS A 812 -62.49 18.25 -13.78
CA CYS A 812 -63.82 18.33 -13.16
C CYS A 812 -64.22 19.77 -12.90
N ILE A 813 -63.25 20.68 -12.75
CA ILE A 813 -63.58 22.08 -12.52
C ILE A 813 -63.96 22.78 -13.81
N SER A 814 -63.46 22.32 -14.96
CA SER A 814 -63.73 22.97 -16.23
C SER A 814 -65.15 22.74 -16.72
N VAL A 815 -65.80 21.66 -16.27
CA VAL A 815 -67.17 21.39 -16.70
C VAL A 815 -68.16 22.19 -15.83
N SER A 816 -67.70 22.69 -14.68
CA SER A 816 -68.56 23.53 -13.83
C SER A 816 -68.88 24.87 -14.48
N LEU A 817 -68.04 25.33 -15.40
CA LEU A 817 -68.40 26.50 -16.21
C LEU A 817 -69.54 26.18 -17.16
N SER A 818 -69.39 25.12 -17.96
CA SER A 818 -70.44 24.70 -18.87
C SER A 818 -71.57 23.96 -18.17
N GLY A 819 -71.45 23.68 -16.87
CA GLY A 819 -72.55 23.12 -16.12
C GLY A 819 -73.47 24.18 -15.56
N PHE A 820 -72.94 25.37 -15.32
CA PHE A 820 -73.67 26.43 -14.64
C PHE A 820 -73.93 27.65 -15.52
N VAL A 821 -72.90 28.15 -16.22
CA VAL A 821 -73.03 29.42 -16.92
C VAL A 821 -73.86 29.31 -18.20
N VAL A 822 -74.14 28.09 -18.68
CA VAL A 822 -74.97 27.92 -19.86
C VAL A 822 -76.17 27.01 -19.61
N LEU A 823 -76.10 26.09 -18.65
CA LEU A 823 -77.19 25.16 -18.39
C LEU A 823 -77.84 25.35 -17.03
N GLY A 824 -77.13 25.93 -16.06
CA GLY A 824 -77.73 26.30 -14.80
C GLY A 824 -78.10 27.76 -14.80
N CYS A 825 -77.63 28.48 -15.81
CA CYS A 825 -77.94 29.90 -15.94
C CYS A 825 -79.38 30.11 -16.41
N LEU A 826 -79.95 29.13 -17.11
CA LEU A 826 -81.32 29.27 -17.60
C LEU A 826 -82.34 29.16 -16.46
N PHE A 827 -81.97 28.48 -15.37
CA PHE A 827 -82.85 28.39 -14.21
C PHE A 827 -82.83 29.64 -13.35
N ALA A 828 -81.89 30.54 -13.56
CA ALA A 828 -81.78 31.77 -12.77
C ALA A 828 -82.91 32.78 -13.04
N PRO A 829 -83.36 33.04 -14.28
CA PRO A 829 -84.60 33.82 -14.42
C PRO A 829 -85.85 32.98 -14.55
N LYS A 830 -85.75 31.66 -14.43
CA LYS A 830 -86.93 30.81 -14.46
C LYS A 830 -87.77 31.00 -13.20
N VAL A 831 -87.17 30.76 -12.03
CA VAL A 831 -87.86 30.91 -10.77
C VAL A 831 -87.88 32.39 -10.35
N ARG B 39 51.95 -32.50 -3.31
CA ARG B 39 51.36 -31.25 -3.80
C ARG B 39 51.55 -30.12 -2.80
N GLU B 40 52.82 -29.81 -2.51
CA GLU B 40 53.16 -28.74 -1.56
C GLU B 40 54.61 -28.35 -1.80
N ILE B 41 54.85 -27.06 -2.03
CA ILE B 41 56.21 -26.58 -2.25
C ILE B 41 56.95 -26.50 -0.93
N LYS B 42 58.21 -26.92 -0.94
CA LYS B 42 59.06 -26.87 0.25
C LYS B 42 60.48 -26.47 -0.18
N ILE B 43 60.79 -25.18 -0.08
CA ILE B 43 62.15 -24.68 -0.22
C ILE B 43 62.61 -24.20 1.16
N GLU B 44 63.83 -24.58 1.53
CA GLU B 44 64.31 -24.36 2.88
C GLU B 44 64.71 -22.91 3.11
N GLY B 45 64.87 -22.56 4.37
CA GLY B 45 65.25 -21.21 4.76
C GLY B 45 65.41 -21.12 6.25
N ASP B 46 66.11 -20.06 6.68
CA ASP B 46 66.29 -19.82 8.11
C ASP B 46 64.98 -19.42 8.77
N LEU B 47 64.09 -18.77 8.04
CA LEU B 47 62.73 -18.51 8.47
C LEU B 47 61.78 -19.14 7.47
N VAL B 48 60.51 -19.25 7.86
CA VAL B 48 59.49 -19.91 7.04
C VAL B 48 58.26 -19.01 6.98
N LEU B 49 57.80 -18.71 5.77
CA LEU B 49 56.53 -18.02 5.55
C LEU B 49 55.53 -19.01 4.99
N GLY B 50 54.31 -18.96 5.50
CA GLY B 50 53.29 -19.93 5.10
C GLY B 50 52.61 -19.55 3.80
N GLY B 51 51.28 -19.60 3.80
CA GLY B 51 50.55 -19.19 2.61
C GLY B 51 49.75 -20.33 2.02
N LEU B 52 48.44 -20.11 1.87
CA LEU B 52 47.55 -21.13 1.33
C LEU B 52 46.63 -20.47 0.30
N PHE B 53 46.68 -20.98 -0.93
CA PHE B 53 46.13 -20.33 -2.10
C PHE B 53 45.03 -21.19 -2.70
N PRO B 54 43.97 -20.61 -3.23
CA PRO B 54 42.95 -21.40 -3.92
C PRO B 54 43.41 -21.75 -5.32
N ILE B 55 43.82 -22.99 -5.52
CA ILE B 55 44.31 -23.45 -6.81
C ILE B 55 43.23 -24.28 -7.49
N ASN B 56 42.84 -25.38 -6.86
CA ASN B 56 41.82 -26.24 -7.44
C ASN B 56 40.43 -25.65 -7.18
N GLU B 57 39.44 -26.18 -7.90
CA GLU B 57 38.08 -25.71 -7.76
C GLU B 57 37.08 -26.82 -8.05
N CYS B 65 37.81 -30.97 -7.74
CA CYS B 65 39.20 -30.70 -8.06
C CYS B 65 39.41 -30.61 -9.57
N GLY B 66 38.39 -30.12 -10.27
CA GLY B 66 38.41 -30.11 -11.72
C GLY B 66 39.39 -29.13 -12.35
N ARG B 67 39.16 -27.83 -12.16
CA ARG B 67 39.98 -26.84 -12.83
C ARG B 67 41.17 -26.43 -11.96
N ILE B 68 42.07 -25.64 -12.54
CA ILE B 68 43.19 -25.05 -11.84
C ILE B 68 43.00 -23.54 -11.68
N ASN B 69 41.87 -23.02 -12.16
CA ASN B 69 41.27 -21.71 -11.94
C ASN B 69 41.98 -20.54 -12.63
N GLU B 70 43.26 -20.70 -12.99
CA GLU B 70 43.97 -19.98 -14.04
C GLU B 70 43.98 -18.45 -14.02
N ASP B 71 43.21 -17.81 -13.15
CA ASP B 71 43.17 -16.34 -13.07
C ASP B 71 43.47 -15.86 -11.66
N ARG B 72 42.72 -16.31 -10.66
CA ARG B 72 42.94 -15.98 -9.26
C ARG B 72 43.70 -17.06 -8.53
N GLY B 73 44.14 -18.09 -9.24
CA GLY B 73 44.85 -19.21 -8.66
C GLY B 73 46.34 -19.11 -8.87
N ILE B 74 46.85 -19.78 -9.92
CA ILE B 74 48.28 -19.87 -10.15
C ILE B 74 48.87 -18.60 -10.75
N GLN B 75 48.05 -17.61 -11.08
CA GLN B 75 48.56 -16.29 -11.40
C GLN B 75 48.84 -15.46 -10.14
N ARG B 76 48.56 -16.01 -8.97
CA ARG B 76 48.90 -15.44 -7.68
C ARG B 76 50.02 -16.19 -6.99
N LEU B 77 50.06 -17.52 -7.13
CA LEU B 77 51.12 -18.33 -6.54
C LEU B 77 52.46 -18.08 -7.24
N GLU B 78 52.43 -17.68 -8.50
CA GLU B 78 53.64 -17.27 -9.20
C GLU B 78 53.99 -15.81 -8.96
N ALA B 79 53.23 -15.14 -8.08
CA ALA B 79 53.50 -13.76 -7.68
C ALA B 79 54.05 -13.66 -6.27
N MET B 80 53.49 -14.44 -5.33
CA MET B 80 54.08 -14.53 -4.00
C MET B 80 55.46 -15.18 -4.05
N LEU B 81 55.59 -16.25 -4.85
CA LEU B 81 56.89 -16.88 -5.04
C LEU B 81 57.82 -16.01 -5.88
N PHE B 82 57.27 -15.03 -6.61
CA PHE B 82 58.11 -14.05 -7.30
C PHE B 82 58.75 -13.09 -6.32
N ALA B 83 58.00 -12.66 -5.29
CA ALA B 83 58.53 -11.71 -4.33
C ALA B 83 59.57 -12.36 -3.41
N ILE B 84 59.37 -13.64 -3.07
CA ILE B 84 60.37 -14.37 -2.29
C ILE B 84 61.63 -14.58 -3.11
N ASP B 85 61.49 -14.75 -4.42
CA ASP B 85 62.66 -14.79 -5.29
C ASP B 85 63.28 -13.41 -5.50
N GLU B 86 62.54 -12.34 -5.16
CA GLU B 86 63.04 -10.97 -5.30
C GLU B 86 63.30 -10.31 -3.95
N ILE B 87 63.37 -11.09 -2.88
CA ILE B 87 63.76 -10.61 -1.55
C ILE B 87 65.18 -11.02 -1.21
N ASN B 88 65.52 -12.28 -1.47
CA ASN B 88 66.83 -12.82 -1.15
C ASN B 88 67.94 -12.22 -2.00
N LYS B 89 67.61 -11.60 -3.14
CA LYS B 89 68.60 -10.87 -3.90
C LYS B 89 68.71 -9.42 -3.44
N ASP B 90 67.65 -8.88 -2.83
CA ASP B 90 67.62 -7.48 -2.42
C ASP B 90 68.30 -7.34 -1.06
N ASP B 91 69.40 -6.60 -1.01
CA ASP B 91 70.05 -6.29 0.25
C ASP B 91 69.24 -5.25 1.02
N TYR B 92 69.66 -5.03 2.28
CA TYR B 92 69.02 -4.14 3.26
C TYR B 92 67.56 -4.50 3.53
N LEU B 93 67.19 -5.77 3.33
CA LEU B 93 65.85 -6.27 3.66
C LEU B 93 66.00 -7.77 3.89
N LEU B 94 66.07 -8.17 5.17
CA LEU B 94 66.54 -9.47 5.64
C LEU B 94 67.86 -9.87 4.97
N PRO B 95 68.99 -9.24 5.33
CA PRO B 95 70.27 -9.67 4.74
C PRO B 95 70.82 -10.89 5.47
N GLY B 96 71.25 -11.88 4.69
CA GLY B 96 71.81 -13.09 5.25
C GLY B 96 70.84 -14.06 5.88
N VAL B 97 69.52 -13.80 5.77
CA VAL B 97 68.50 -14.69 6.29
C VAL B 97 67.61 -15.08 5.11
N LYS B 98 67.79 -16.30 4.62
CA LYS B 98 67.01 -16.77 3.48
C LYS B 98 65.59 -17.11 3.91
N LEU B 99 64.63 -16.61 3.15
CA LEU B 99 63.22 -16.90 3.38
C LEU B 99 62.80 -18.07 2.51
N GLY B 100 62.20 -19.08 3.13
CA GLY B 100 61.64 -20.20 2.40
C GLY B 100 60.13 -20.25 2.62
N VAL B 101 59.42 -20.79 1.64
CA VAL B 101 57.98 -20.86 1.69
C VAL B 101 57.55 -22.30 1.91
N HIS B 102 56.29 -22.47 2.30
CA HIS B 102 55.66 -23.78 2.45
C HIS B 102 54.20 -23.58 2.08
N ILE B 103 53.88 -23.79 0.81
CA ILE B 103 52.60 -23.41 0.23
C ILE B 103 51.75 -24.65 0.01
N LEU B 104 50.48 -24.55 0.35
CA LEU B 104 49.53 -25.63 0.15
C LEU B 104 48.30 -25.06 -0.54
N ASP B 105 47.54 -25.92 -1.20
CA ASP B 105 46.31 -25.46 -1.82
C ASP B 105 45.17 -25.50 -0.80
N THR B 106 44.09 -24.79 -1.13
CA THR B 106 42.90 -24.82 -0.30
C THR B 106 41.73 -25.51 -0.97
N CYS B 107 41.84 -25.81 -2.27
CA CYS B 107 40.81 -26.43 -3.11
C CYS B 107 39.52 -25.59 -3.14
N SER B 108 39.61 -24.29 -2.84
CA SER B 108 38.50 -23.33 -2.81
C SER B 108 37.37 -23.78 -1.89
N ARG B 109 37.69 -24.48 -0.81
CA ARG B 109 36.69 -25.05 0.08
C ARG B 109 37.05 -24.76 1.53
N ASP B 110 36.03 -24.53 2.34
CA ASP B 110 36.17 -24.21 3.76
C ASP B 110 36.84 -25.34 4.54
N THR B 111 36.21 -26.50 4.61
CA THR B 111 36.62 -27.55 5.54
C THR B 111 37.77 -28.41 4.98
N TYR B 112 38.23 -28.13 3.76
CA TYR B 112 39.46 -28.71 3.27
C TYR B 112 40.69 -27.85 3.59
N ALA B 113 40.49 -26.57 3.86
CA ALA B 113 41.60 -25.72 4.27
C ALA B 113 42.09 -26.08 5.66
N LEU B 114 41.22 -26.61 6.51
CA LEU B 114 41.62 -26.99 7.86
C LEU B 114 42.48 -28.25 7.87
N GLU B 115 42.22 -29.18 6.95
CA GLU B 115 43.07 -30.36 6.85
C GLU B 115 44.44 -30.03 6.30
N GLN B 116 44.57 -28.94 5.56
CA GLN B 116 45.87 -28.50 5.07
C GLN B 116 46.54 -27.49 5.99
N SER B 117 45.78 -26.84 6.86
CA SER B 117 46.36 -25.90 7.82
C SER B 117 47.07 -26.61 8.97
N LEU B 118 46.83 -27.91 9.17
CA LEU B 118 47.53 -28.65 10.20
C LEU B 118 48.96 -29.01 9.81
N GLU B 119 49.34 -28.81 8.54
CA GLU B 119 50.72 -29.07 8.14
C GLU B 119 51.67 -27.99 8.65
N PHE B 120 51.16 -26.81 9.01
CA PHE B 120 52.02 -25.79 9.61
C PHE B 120 52.29 -26.07 11.07
N VAL B 121 51.24 -26.40 11.84
CA VAL B 121 51.26 -26.29 13.29
C VAL B 121 51.42 -27.63 13.99
N ARG B 122 51.51 -28.74 13.25
CA ARG B 122 51.69 -30.02 13.93
C ARG B 122 53.12 -30.26 14.41
N ALA B 123 54.05 -29.38 14.05
CA ALA B 123 55.36 -29.34 14.67
C ALA B 123 55.40 -28.44 15.90
N SER B 124 54.24 -27.90 16.32
CA SER B 124 54.17 -27.01 17.46
C SER B 124 53.35 -27.58 18.62
N LEU B 125 52.68 -28.71 18.43
CA LEU B 125 51.93 -29.34 19.52
C LEU B 125 52.86 -30.22 20.36
N LEU B 149 57.82 -23.40 14.27
CA LEU B 149 58.67 -23.21 13.10
C LEU B 149 58.13 -22.12 12.19
N ILE B 150 56.81 -22.17 11.96
CA ILE B 150 56.18 -21.22 11.04
C ILE B 150 56.10 -19.86 11.70
N ALA B 151 56.48 -18.81 10.96
CA ALA B 151 56.48 -17.45 11.48
C ALA B 151 55.44 -16.57 10.80
N GLY B 152 54.43 -17.17 10.20
CA GLY B 152 53.36 -16.40 9.60
C GLY B 152 52.91 -16.93 8.26
N VAL B 153 51.60 -17.10 8.10
CA VAL B 153 51.02 -17.52 6.83
C VAL B 153 50.69 -16.27 6.01
N ILE B 154 50.36 -16.44 4.74
CA ILE B 154 49.98 -15.31 3.91
C ILE B 154 48.50 -15.52 3.57
N GLY B 155 47.79 -16.15 4.49
CA GLY B 155 46.35 -16.08 4.50
C GLY B 155 45.69 -16.91 3.42
N GLY B 156 44.41 -16.61 3.21
CA GLY B 156 43.64 -17.26 2.17
C GLY B 156 42.93 -16.24 1.32
N SER B 157 42.94 -16.43 0.00
CA SER B 157 42.39 -15.45 -0.91
C SER B 157 40.86 -15.39 -0.87
N TYR B 158 40.20 -16.40 -0.34
CA TYR B 158 38.75 -16.39 -0.31
C TYR B 158 38.28 -15.91 1.06
N SER B 159 36.97 -15.89 1.27
CA SER B 159 36.43 -15.37 2.53
C SER B 159 36.23 -16.48 3.56
N SER B 160 35.44 -17.50 3.21
CA SER B 160 35.22 -18.62 4.12
C SER B 160 36.44 -19.50 4.29
N VAL B 161 37.42 -19.42 3.38
CA VAL B 161 38.68 -20.12 3.60
C VAL B 161 39.47 -19.46 4.70
N SER B 162 39.40 -18.13 4.81
CA SER B 162 40.30 -17.41 5.70
C SER B 162 39.66 -17.02 7.01
N ILE B 163 38.39 -17.37 7.23
CA ILE B 163 37.79 -17.19 8.56
C ILE B 163 38.12 -18.38 9.45
N GLN B 164 37.90 -19.60 8.96
CA GLN B 164 38.06 -20.80 9.76
C GLN B 164 39.46 -21.37 9.70
N VAL B 165 40.45 -20.60 9.27
CA VAL B 165 41.84 -20.85 9.60
C VAL B 165 42.35 -19.86 10.65
N ALA B 166 41.79 -18.65 10.69
CA ALA B 166 42.08 -17.71 11.78
C ALA B 166 41.49 -18.17 13.10
N ASN B 167 40.56 -19.12 13.09
CA ASN B 167 40.05 -19.76 14.30
C ASN B 167 40.90 -20.95 14.74
N LEU B 168 42.02 -21.19 14.07
CA LEU B 168 42.98 -22.20 14.52
C LEU B 168 44.41 -21.68 14.65
N LEU B 169 44.81 -20.68 13.86
CA LEU B 169 46.10 -20.04 14.04
C LEU B 169 46.11 -19.06 15.20
N ARG B 170 44.93 -18.71 15.73
CA ARG B 170 44.84 -17.86 16.90
C ARG B 170 45.38 -18.53 18.15
N LEU B 171 45.22 -19.86 18.24
CA LEU B 171 45.59 -20.58 19.46
C LEU B 171 47.09 -20.69 19.63
N PHE B 172 47.85 -20.81 18.53
CA PHE B 172 49.30 -20.94 18.59
C PHE B 172 50.02 -19.62 18.36
N GLN B 173 49.27 -18.51 18.24
CA GLN B 173 49.78 -17.15 18.08
C GLN B 173 50.68 -17.03 16.84
N ILE B 174 50.05 -17.27 15.70
CA ILE B 174 50.69 -17.18 14.40
C ILE B 174 49.97 -16.10 13.59
N PRO B 175 50.65 -15.06 13.13
CA PRO B 175 49.97 -13.99 12.40
C PRO B 175 49.59 -14.41 10.99
N GLN B 176 48.45 -13.89 10.54
CA GLN B 176 47.88 -14.23 9.24
C GLN B 176 47.60 -12.94 8.47
N ILE B 177 48.09 -12.85 7.25
CA ILE B 177 47.93 -11.67 6.42
C ILE B 177 47.15 -12.08 5.18
N SER B 178 45.86 -11.76 5.14
CA SER B 178 45.12 -12.04 3.92
C SER B 178 45.43 -11.00 2.86
N TYR B 179 44.98 -11.26 1.63
CA TYR B 179 45.15 -10.28 0.57
C TYR B 179 43.94 -10.14 -0.32
N ALA B 180 42.83 -10.81 -0.03
CA ALA B 180 41.58 -10.50 -0.71
C ALA B 180 40.33 -10.66 0.13
N SER B 181 40.45 -11.01 1.42
CA SER B 181 39.28 -11.43 2.20
C SER B 181 38.46 -10.22 2.67
N THR B 182 37.75 -9.63 1.71
CA THR B 182 36.89 -8.49 1.99
C THR B 182 35.58 -8.96 2.63
N SER B 183 35.62 -9.14 3.95
CA SER B 183 34.42 -9.46 4.72
C SER B 183 34.35 -8.58 5.94
N ALA B 184 33.13 -8.36 6.44
CA ALA B 184 32.92 -7.48 7.57
C ALA B 184 33.05 -8.18 8.92
N LYS B 185 32.96 -9.51 8.95
CA LYS B 185 33.11 -10.24 10.20
C LYS B 185 34.55 -10.27 10.70
N LEU B 186 35.53 -9.99 9.84
CA LEU B 186 36.94 -10.11 10.20
C LEU B 186 37.53 -8.79 10.70
N SER B 187 36.69 -7.90 11.25
CA SER B 187 37.17 -6.73 11.95
C SER B 187 36.79 -6.77 13.43
N ASP B 188 36.10 -7.81 13.87
CA ASP B 188 35.80 -8.02 15.28
C ASP B 188 37.06 -8.50 15.98
N LYS B 189 37.85 -7.55 16.47
CA LYS B 189 39.18 -7.83 16.99
C LYS B 189 39.18 -8.41 18.41
N SER B 190 38.03 -8.83 18.93
CA SER B 190 38.00 -9.61 20.16
C SER B 190 38.10 -11.11 19.88
N ARG B 191 37.89 -11.53 18.63
CA ARG B 191 37.96 -12.93 18.26
C ARG B 191 39.12 -13.22 17.32
N TYR B 192 39.20 -12.53 16.17
CA TYR B 192 40.28 -12.72 15.22
C TYR B 192 41.35 -11.66 15.43
N ASP B 193 42.06 -11.78 16.55
CA ASP B 193 43.07 -10.81 16.94
C ASP B 193 44.45 -11.11 16.36
N TYR B 194 44.53 -11.96 15.35
CA TYR B 194 45.78 -12.26 14.64
C TYR B 194 45.53 -12.24 13.14
N PHE B 195 44.86 -11.20 12.66
CA PHE B 195 44.37 -11.18 11.28
C PHE B 195 44.37 -9.74 10.78
N ALA B 196 45.36 -9.39 9.96
CA ALA B 196 45.45 -8.07 9.35
C ALA B 196 45.43 -8.24 7.84
N ARG B 197 44.40 -7.71 7.19
CA ARG B 197 44.31 -7.80 5.74
C ARG B 197 45.21 -6.74 5.08
N THR B 198 45.18 -6.72 3.76
CA THR B 198 45.64 -5.57 2.99
C THR B 198 44.61 -5.30 1.90
N VAL B 199 43.33 -5.44 2.25
CA VAL B 199 42.19 -5.19 1.39
C VAL B 199 41.11 -4.54 2.26
N PRO B 200 40.48 -3.45 1.83
CA PRO B 200 39.51 -2.78 2.69
C PRO B 200 38.26 -3.61 2.85
N PRO B 201 37.53 -3.46 3.97
CA PRO B 201 36.37 -4.31 4.24
C PRO B 201 35.18 -4.06 3.32
N ASP B 202 34.10 -4.78 3.56
CA ASP B 202 32.89 -4.66 2.74
C ASP B 202 31.95 -3.56 3.22
N PHE B 203 32.27 -2.88 4.32
CA PHE B 203 31.50 -1.69 4.67
C PHE B 203 31.81 -0.54 3.72
N TYR B 204 33.02 -0.51 3.16
CA TYR B 204 33.40 0.47 2.15
C TYR B 204 33.04 0.02 0.74
N GLN B 205 32.19 -0.98 0.60
CA GLN B 205 31.79 -1.47 -0.71
C GLN B 205 30.28 -1.33 -0.84
N ALA B 206 29.57 -1.44 0.29
CA ALA B 206 28.18 -1.02 0.31
C ALA B 206 28.06 0.51 0.25
N LYS B 207 29.08 1.22 0.73
CA LYS B 207 29.10 2.68 0.60
C LYS B 207 29.35 3.13 -0.82
N ALA B 208 29.91 2.26 -1.66
CA ALA B 208 30.03 2.53 -3.09
C ALA B 208 28.91 1.89 -3.90
N MET B 209 27.92 1.30 -3.23
CA MET B 209 26.72 0.82 -3.90
C MET B 209 25.47 1.56 -3.45
N ALA B 210 25.60 2.51 -2.53
CA ALA B 210 24.52 3.45 -2.24
C ALA B 210 24.74 4.76 -2.99
N GLU B 211 25.99 5.17 -3.12
CA GLU B 211 26.36 6.35 -3.88
C GLU B 211 26.47 6.08 -5.37
N ILE B 212 26.21 4.86 -5.82
CA ILE B 212 26.13 4.55 -7.25
C ILE B 212 24.71 4.23 -7.68
N LEU B 213 23.80 4.00 -6.73
CA LEU B 213 22.37 3.91 -7.01
C LEU B 213 21.65 5.20 -6.63
N ARG B 214 22.40 6.27 -6.38
CA ARG B 214 21.82 7.60 -6.22
C ARG B 214 22.33 8.58 -7.24
N PHE B 215 23.49 8.33 -7.84
CA PHE B 215 23.98 9.10 -8.99
C PHE B 215 23.19 8.78 -10.26
N PHE B 216 22.44 7.68 -10.28
CA PHE B 216 21.53 7.37 -11.37
C PHE B 216 20.08 7.36 -10.94
N ASN B 217 19.81 7.63 -9.66
CA ASN B 217 18.47 7.77 -9.07
C ASN B 217 17.61 6.52 -9.20
N TRP B 218 18.24 5.34 -9.29
CA TRP B 218 17.50 4.09 -9.20
C TRP B 218 17.06 3.85 -7.76
N THR B 219 15.79 3.50 -7.57
CA THR B 219 15.24 3.47 -6.22
C THR B 219 14.57 2.13 -5.93
N TYR B 220 14.01 1.50 -6.94
CA TYR B 220 13.31 0.23 -6.79
C TYR B 220 14.20 -0.86 -7.37
N VAL B 221 15.10 -1.38 -6.53
CA VAL B 221 16.06 -2.39 -6.94
C VAL B 221 15.72 -3.71 -6.27
N SER B 222 16.44 -4.76 -6.67
CA SER B 222 16.21 -6.10 -6.13
C SER B 222 17.57 -6.75 -5.89
N THR B 223 17.94 -6.91 -4.63
CA THR B 223 19.27 -7.41 -4.29
C THR B 223 19.27 -8.94 -4.23
N VAL B 224 20.38 -9.52 -4.66
CA VAL B 224 20.61 -10.96 -4.59
C VAL B 224 22.01 -11.19 -4.03
N ALA B 225 22.11 -12.05 -3.02
CA ALA B 225 23.37 -12.32 -2.36
C ALA B 225 23.47 -13.80 -2.05
N SER B 226 24.66 -14.37 -2.26
CA SER B 226 24.87 -15.77 -1.98
C SER B 226 24.97 -16.01 -0.47
N GLU B 227 24.67 -17.24 -0.06
CA GLU B 227 24.74 -17.60 1.34
C GLU B 227 26.20 -17.79 1.76
N GLY B 228 26.41 -17.68 3.06
CA GLY B 228 27.74 -17.86 3.62
C GLY B 228 28.17 -16.72 4.53
N ASP B 229 29.48 -16.49 4.62
CA ASP B 229 30.02 -15.41 5.44
C ASP B 229 30.51 -14.23 4.61
N TYR B 230 30.20 -14.21 3.32
CA TYR B 230 30.53 -13.11 2.44
C TYR B 230 29.31 -12.33 1.98
N GLY B 231 28.30 -13.02 1.48
CA GLY B 231 27.08 -12.37 1.02
C GLY B 231 26.22 -11.84 2.15
N GLU B 232 25.85 -12.72 3.09
CA GLU B 232 24.89 -12.37 4.14
C GLU B 232 25.43 -11.37 5.16
N THR B 233 26.74 -11.13 5.18
CA THR B 233 27.30 -10.05 5.99
C THR B 233 27.91 -8.97 5.11
N GLY B 234 27.52 -8.92 3.84
CA GLY B 234 27.87 -7.84 2.95
C GLY B 234 26.63 -7.29 2.29
N ILE B 235 25.51 -7.97 2.52
CA ILE B 235 24.20 -7.47 2.11
C ILE B 235 23.35 -7.06 3.31
N GLU B 236 23.71 -7.47 4.52
CA GLU B 236 23.11 -6.91 5.72
C GLU B 236 23.71 -5.56 6.09
N ALA B 237 24.78 -5.14 5.41
CA ALA B 237 25.32 -3.80 5.50
C ALA B 237 24.95 -2.95 4.30
N PHE B 238 24.24 -3.52 3.33
CA PHE B 238 23.69 -2.74 2.24
C PHE B 238 22.24 -2.37 2.49
N GLU B 239 21.48 -3.26 3.15
CA GLU B 239 20.09 -2.94 3.48
C GLU B 239 20.00 -1.88 4.57
N GLN B 240 21.03 -1.76 5.41
CA GLN B 240 21.14 -0.68 6.39
C GLN B 240 21.88 0.54 5.83
N GLU B 241 22.09 0.59 4.52
CA GLU B 241 22.68 1.76 3.89
C GLU B 241 21.92 2.10 2.62
N ALA B 242 20.89 1.33 2.26
CA ALA B 242 19.94 1.71 1.23
C ALA B 242 18.63 2.21 1.80
N ARG B 243 18.30 1.86 3.05
CA ARG B 243 17.21 2.47 3.79
C ARG B 243 17.63 3.74 4.51
N LEU B 244 18.77 4.32 4.13
CA LEU B 244 19.26 5.57 4.66
C LEU B 244 19.35 6.66 3.61
N ARG B 245 19.46 6.29 2.33
CA ARG B 245 19.42 7.26 1.23
C ARG B 245 18.19 7.07 0.36
N ASN B 246 17.13 6.49 0.93
CA ASN B 246 15.82 6.28 0.29
C ASN B 246 15.93 5.45 -0.98
N ILE B 247 16.39 4.21 -0.81
CA ILE B 247 16.47 3.22 -1.88
C ILE B 247 15.68 2.00 -1.43
N CYS B 248 14.64 1.66 -2.17
CA CYS B 248 13.62 0.71 -1.73
C CYS B 248 13.88 -0.63 -2.39
N ILE B 249 14.47 -1.56 -1.64
CA ILE B 249 14.79 -2.87 -2.20
C ILE B 249 13.53 -3.71 -2.30
N ALA B 250 13.31 -4.30 -3.47
CA ALA B 250 12.07 -5.04 -3.70
C ALA B 250 12.14 -6.46 -3.14
N THR B 251 13.04 -7.28 -3.69
CA THR B 251 13.13 -8.70 -3.35
C THR B 251 14.57 -9.03 -2.96
N ALA B 252 14.79 -9.39 -1.71
CA ALA B 252 16.07 -9.86 -1.22
C ALA B 252 15.97 -11.35 -0.89
N GLU B 253 16.97 -12.12 -1.33
CA GLU B 253 16.90 -13.57 -1.20
C GLU B 253 18.30 -14.16 -1.27
N LYS B 254 18.41 -15.41 -0.82
CA LYS B 254 19.67 -16.15 -0.88
C LYS B 254 19.69 -17.06 -2.11
N VAL B 255 20.90 -17.47 -2.50
CA VAL B 255 21.09 -18.25 -3.72
C VAL B 255 22.03 -19.42 -3.45
N GLY B 256 22.57 -19.48 -2.23
CA GLY B 256 23.66 -20.38 -1.88
C GLY B 256 23.30 -21.86 -1.99
N ARG B 257 24.35 -22.68 -2.05
CA ARG B 257 24.25 -24.04 -2.56
C ARG B 257 23.78 -25.06 -1.54
N SER B 258 23.04 -24.65 -0.49
CA SER B 258 22.51 -25.61 0.48
C SER B 258 21.01 -25.35 0.67
N ASN B 259 20.23 -25.89 -0.26
CA ASN B 259 18.75 -26.04 -0.25
C ASN B 259 17.99 -24.85 0.36
N ILE B 260 18.22 -23.66 -0.20
CA ILE B 260 17.37 -22.53 0.12
C ILE B 260 16.53 -22.18 -1.11
N ARG B 261 17.20 -21.72 -2.15
CA ARG B 261 16.63 -21.51 -3.48
C ARG B 261 17.62 -21.97 -4.53
N LYS B 262 18.19 -23.16 -4.33
CA LYS B 262 19.37 -23.61 -5.08
C LYS B 262 19.08 -23.83 -6.57
N SER B 263 17.82 -23.98 -6.96
CA SER B 263 17.46 -23.93 -8.37
C SER B 263 17.63 -22.49 -8.86
N TYR B 264 18.61 -22.26 -9.72
CA TYR B 264 18.87 -20.91 -10.21
C TYR B 264 17.79 -20.42 -11.17
N ASP B 265 17.01 -21.32 -11.76
CA ASP B 265 15.85 -20.92 -12.55
C ASP B 265 14.69 -20.49 -11.66
N SER B 266 14.67 -20.93 -10.41
CA SER B 266 13.64 -20.52 -9.46
C SER B 266 13.89 -19.14 -8.87
N VAL B 267 15.08 -18.58 -9.09
CA VAL B 267 15.40 -17.25 -8.59
C VAL B 267 15.54 -16.23 -9.71
N ILE B 268 15.81 -16.66 -10.95
CA ILE B 268 15.79 -15.74 -12.09
C ILE B 268 14.37 -15.51 -12.58
N ARG B 269 13.43 -16.37 -12.18
CA ARG B 269 12.03 -16.11 -12.47
C ARG B 269 11.42 -15.14 -11.47
N GLU B 270 11.94 -15.14 -10.24
CA GLU B 270 11.44 -14.21 -9.23
C GLU B 270 11.90 -12.78 -9.52
N LEU B 271 13.06 -12.62 -10.15
CA LEU B 271 13.49 -11.31 -10.62
C LEU B 271 12.80 -10.89 -11.90
N LEU B 272 12.09 -11.81 -12.56
CA LEU B 272 11.31 -11.49 -13.75
C LEU B 272 9.84 -11.26 -13.45
N GLN B 273 9.36 -11.67 -12.27
CA GLN B 273 7.98 -11.39 -11.89
C GLN B 273 7.76 -9.90 -11.67
N LYS B 274 8.77 -9.21 -11.14
CA LYS B 274 8.71 -7.76 -11.07
C LYS B 274 9.11 -7.18 -12.42
N PRO B 275 8.24 -6.39 -13.06
CA PRO B 275 8.62 -5.81 -14.35
C PRO B 275 9.33 -4.47 -14.20
N ASN B 276 9.29 -3.91 -13.00
CA ASN B 276 9.81 -2.58 -12.74
C ASN B 276 11.07 -2.64 -11.87
N ALA B 277 11.82 -3.74 -11.96
CA ALA B 277 13.10 -3.88 -11.27
C ALA B 277 14.11 -4.34 -12.31
N ARG B 278 14.68 -3.39 -13.05
CA ARG B 278 15.70 -3.66 -14.04
C ARG B 278 17.11 -3.43 -13.52
N VAL B 279 17.26 -3.08 -12.24
CA VAL B 279 18.55 -2.89 -11.62
C VAL B 279 18.67 -3.91 -10.50
N VAL B 280 19.54 -4.90 -10.68
CA VAL B 280 19.69 -6.00 -9.73
C VAL B 280 21.10 -5.96 -9.14
N VAL B 281 21.17 -5.84 -7.81
CA VAL B 281 22.45 -5.74 -7.12
C VAL B 281 22.93 -7.16 -6.84
N LEU B 282 23.95 -7.59 -7.57
CA LEU B 282 24.46 -8.95 -7.53
C LEU B 282 25.66 -8.97 -6.59
N PHE B 283 25.41 -9.26 -5.31
CA PHE B 283 26.47 -9.29 -4.30
C PHE B 283 26.95 -10.71 -4.05
N MET B 284 27.03 -11.52 -5.09
CA MET B 284 27.30 -12.94 -4.95
C MET B 284 28.78 -13.24 -5.11
N ARG B 285 29.13 -14.49 -4.81
CA ARG B 285 30.50 -15.00 -4.91
C ARG B 285 30.85 -15.27 -6.37
N SER B 286 32.05 -15.80 -6.59
CA SER B 286 32.50 -16.12 -7.94
C SER B 286 31.96 -17.43 -8.47
N ASP B 287 31.25 -18.20 -7.64
CA ASP B 287 30.58 -19.41 -8.08
C ASP B 287 29.14 -19.17 -8.48
N ASP B 288 28.39 -18.40 -7.70
CA ASP B 288 27.01 -18.07 -8.07
C ASP B 288 26.96 -16.74 -8.83
N SER B 289 27.88 -16.59 -9.77
CA SER B 289 27.76 -15.58 -10.81
C SER B 289 28.25 -16.13 -12.15
N ARG B 290 28.59 -17.42 -12.21
CA ARG B 290 28.74 -18.16 -13.45
C ARG B 290 27.66 -19.22 -13.57
N GLU B 291 26.78 -19.34 -12.56
CA GLU B 291 25.59 -20.16 -12.63
C GLU B 291 24.34 -19.31 -12.40
N LEU B 292 24.48 -17.98 -12.48
CA LEU B 292 23.35 -17.07 -12.55
C LEU B 292 23.45 -16.23 -13.81
N ILE B 293 24.36 -16.57 -14.71
CA ILE B 293 24.50 -15.95 -16.02
C ILE B 293 24.33 -17.08 -17.02
N ALA B 294 24.66 -18.29 -16.60
CA ALA B 294 24.31 -19.51 -17.32
C ALA B 294 22.90 -19.99 -16.99
N ALA B 295 22.15 -19.22 -16.19
CA ALA B 295 20.73 -19.47 -15.98
C ALA B 295 19.91 -18.19 -16.19
N ALA B 296 20.53 -17.12 -16.66
CA ALA B 296 19.82 -15.92 -17.09
C ALA B 296 19.90 -15.75 -18.61
N SER B 297 20.55 -16.69 -19.31
CA SER B 297 20.54 -16.73 -20.75
C SER B 297 19.69 -17.87 -21.30
N ARG B 298 19.57 -18.98 -20.55
CA ARG B 298 18.68 -20.05 -20.95
C ARG B 298 17.23 -19.60 -20.84
N ALA B 299 16.78 -19.25 -19.62
CA ALA B 299 15.55 -18.52 -19.43
C ALA B 299 15.85 -17.05 -19.74
N ASN B 300 15.72 -16.71 -21.01
CA ASN B 300 16.35 -15.52 -21.57
C ASN B 300 15.70 -14.24 -21.05
N ALA B 301 16.55 -13.36 -20.51
CA ALA B 301 16.14 -12.06 -19.98
C ALA B 301 17.39 -11.19 -19.92
N SER B 302 17.21 -9.97 -19.44
CA SER B 302 18.34 -9.04 -19.31
C SER B 302 18.00 -8.00 -18.25
N PHE B 303 19.04 -7.53 -17.57
CA PHE B 303 18.94 -6.45 -16.60
C PHE B 303 20.18 -5.59 -16.73
N THR B 304 20.38 -4.70 -15.77
CA THR B 304 21.64 -3.98 -15.59
C THR B 304 22.33 -4.58 -14.38
N TRP B 305 23.22 -5.54 -14.62
CA TRP B 305 23.93 -6.24 -13.55
C TRP B 305 24.91 -5.28 -12.88
N VAL B 306 24.55 -4.77 -11.71
CA VAL B 306 25.49 -4.05 -10.86
C VAL B 306 25.98 -5.03 -9.79
N ALA B 307 27.27 -5.29 -9.78
CA ALA B 307 27.82 -6.42 -9.05
C ALA B 307 29.09 -6.03 -8.31
N SER B 308 29.33 -6.72 -7.20
CA SER B 308 30.49 -6.47 -6.34
C SER B 308 31.74 -7.12 -6.94
N ASP B 309 32.81 -7.18 -6.16
CA ASP B 309 34.06 -7.73 -6.64
C ASP B 309 34.10 -9.26 -6.61
N GLY B 310 32.97 -9.93 -6.35
CA GLY B 310 32.85 -11.33 -6.64
C GLY B 310 32.95 -11.56 -8.13
N TRP B 311 32.11 -10.85 -8.88
CA TRP B 311 32.25 -10.76 -10.34
C TRP B 311 33.58 -10.11 -10.65
N GLY B 312 33.77 -8.86 -10.23
CA GLY B 312 35.05 -8.20 -10.38
C GLY B 312 35.33 -7.87 -11.83
N ALA B 313 36.59 -8.04 -12.22
CA ALA B 313 37.05 -7.81 -13.59
C ALA B 313 37.53 -9.11 -14.22
N GLN B 314 36.79 -10.20 -13.99
CA GLN B 314 37.17 -11.51 -14.50
C GLN B 314 36.62 -11.70 -15.90
N GLU B 315 37.50 -12.09 -16.83
CA GLU B 315 37.10 -12.42 -18.19
C GLU B 315 36.96 -13.94 -18.39
N SER B 316 36.73 -14.68 -17.32
CA SER B 316 36.52 -16.11 -17.37
C SER B 316 35.22 -16.52 -16.70
N ILE B 317 34.48 -15.58 -16.13
CA ILE B 317 33.15 -15.85 -15.61
C ILE B 317 32.09 -15.62 -16.68
N ILE B 318 32.49 -15.12 -17.86
CA ILE B 318 31.55 -14.63 -18.86
C ILE B 318 31.92 -15.27 -20.20
N LYS B 319 32.59 -16.42 -20.14
CA LYS B 319 33.22 -17.03 -21.31
C LYS B 319 32.22 -17.52 -22.36
N GLY B 320 30.98 -17.81 -21.97
CA GLY B 320 30.04 -18.31 -22.94
C GLY B 320 28.66 -17.65 -22.94
N SER B 321 28.57 -16.46 -22.35
CA SER B 321 27.33 -15.70 -22.31
C SER B 321 27.59 -14.23 -22.55
N GLU B 322 28.36 -13.92 -23.59
CA GLU B 322 28.87 -12.57 -23.86
C GLU B 322 27.80 -11.57 -24.31
N HIS B 323 26.50 -11.85 -24.32
CA HIS B 323 25.50 -10.89 -24.76
C HIS B 323 24.47 -10.54 -23.70
N VAL B 324 24.38 -11.31 -22.61
CA VAL B 324 23.37 -11.05 -21.58
C VAL B 324 23.85 -10.04 -20.54
N ALA B 325 25.15 -9.94 -20.32
CA ALA B 325 25.74 -8.98 -19.40
C ALA B 325 26.37 -7.79 -20.10
N TYR B 326 25.85 -7.41 -21.29
CA TYR B 326 26.48 -6.40 -22.14
C TYR B 326 26.33 -4.97 -21.63
N GLY B 327 25.74 -4.76 -20.45
CA GLY B 327 25.69 -3.44 -19.86
C GLY B 327 26.01 -3.50 -18.38
N ALA B 328 26.82 -4.49 -18.00
CA ALA B 328 27.08 -4.75 -16.59
C ALA B 328 28.07 -3.73 -16.02
N ILE B 329 27.87 -3.40 -14.75
CA ILE B 329 28.71 -2.44 -14.04
C ILE B 329 29.25 -3.14 -12.80
N THR B 330 30.53 -3.51 -12.83
CA THR B 330 31.16 -4.18 -11.73
C THR B 330 32.26 -3.31 -11.16
N LEU B 331 32.57 -3.51 -9.87
CA LEU B 331 33.59 -2.72 -9.21
C LEU B 331 34.62 -3.64 -8.57
N GLU B 332 35.85 -3.59 -9.11
CA GLU B 332 37.00 -4.25 -8.53
C GLU B 332 37.66 -3.36 -7.49
N LEU B 333 38.85 -3.73 -7.04
CA LEU B 333 39.65 -2.90 -6.13
C LEU B 333 40.81 -2.31 -6.90
N ALA B 334 41.08 -1.02 -6.66
CA ALA B 334 41.98 -0.26 -7.51
C ALA B 334 43.44 -0.66 -7.28
N SER B 335 44.13 -0.94 -8.37
CA SER B 335 45.53 -1.35 -8.30
C SER B 335 46.26 -0.89 -9.55
N GLN B 336 47.29 -0.08 -9.36
CA GLN B 336 48.25 0.15 -10.44
C GLN B 336 49.20 -1.03 -10.43
N PRO B 337 49.17 -1.89 -11.45
CA PRO B 337 49.85 -3.19 -11.35
C PRO B 337 51.37 -3.06 -11.42
N VAL B 338 52.03 -4.16 -11.11
CA VAL B 338 53.49 -4.23 -11.12
C VAL B 338 53.94 -4.56 -12.53
N ARG B 339 55.08 -4.00 -12.93
CA ARG B 339 55.53 -4.06 -14.31
C ARG B 339 56.75 -4.96 -14.50
N GLN B 340 57.24 -5.59 -13.43
CA GLN B 340 58.24 -6.63 -13.55
C GLN B 340 57.64 -8.02 -13.54
N PHE B 341 56.32 -8.12 -13.48
CA PHE B 341 55.64 -9.41 -13.51
C PHE B 341 55.58 -9.97 -14.92
N ASP B 342 55.34 -9.12 -15.92
CA ASP B 342 55.21 -9.57 -17.30
C ASP B 342 56.54 -9.84 -17.99
N ARG B 343 57.65 -9.65 -17.29
CA ARG B 343 58.94 -10.14 -17.77
C ARG B 343 59.34 -11.45 -17.10
N TYR B 344 58.57 -11.91 -16.12
CA TYR B 344 58.85 -13.11 -15.35
C TYR B 344 57.80 -14.19 -15.58
N PHE B 345 56.51 -13.85 -15.42
CA PHE B 345 55.45 -14.83 -15.63
C PHE B 345 55.29 -15.18 -17.11
N GLN B 346 55.66 -14.26 -18.00
CA GLN B 346 55.61 -14.54 -19.44
C GLN B 346 56.74 -15.43 -19.89
N SER B 347 57.81 -15.55 -19.11
CA SER B 347 58.98 -16.34 -19.46
C SER B 347 59.08 -17.61 -18.62
N LEU B 348 57.93 -18.21 -18.31
CA LEU B 348 57.87 -19.46 -17.56
C LEU B 348 57.15 -20.50 -18.42
N ASN B 349 57.92 -21.36 -19.05
CA ASN B 349 57.44 -22.47 -19.85
C ASN B 349 57.46 -23.75 -19.03
N PRO B 350 56.66 -24.76 -19.40
CA PRO B 350 56.70 -26.04 -18.67
C PRO B 350 58.03 -26.78 -18.76
N TYR B 351 58.89 -26.44 -19.71
CA TYR B 351 60.24 -27.02 -19.72
C TYR B 351 61.08 -26.44 -18.60
N ASN B 352 61.13 -25.11 -18.49
CA ASN B 352 61.89 -24.45 -17.44
C ASN B 352 60.93 -23.99 -16.34
N ASN B 353 60.45 -24.94 -15.56
CA ASN B 353 59.59 -24.65 -14.41
C ASN B 353 59.75 -25.79 -13.42
N HIS B 354 60.51 -25.55 -12.35
CA HIS B 354 60.90 -26.61 -11.42
C HIS B 354 60.00 -26.70 -10.20
N ARG B 355 59.86 -25.59 -9.47
CA ARG B 355 59.32 -25.57 -8.11
C ARG B 355 57.87 -26.03 -7.96
N ASN B 356 56.93 -25.31 -8.54
CA ASN B 356 55.52 -25.54 -8.25
C ASN B 356 54.99 -26.74 -9.03
N PRO B 357 54.42 -27.74 -8.37
CA PRO B 357 53.89 -28.91 -9.09
C PRO B 357 52.52 -28.71 -9.71
N TRP B 358 51.93 -27.52 -9.64
CA TRP B 358 50.70 -27.25 -10.35
C TRP B 358 50.93 -26.53 -11.67
N PHE B 359 52.12 -26.00 -11.90
CA PHE B 359 52.43 -25.33 -13.16
C PHE B 359 52.76 -26.30 -14.27
N ARG B 360 53.04 -27.56 -13.96
CA ARG B 360 53.38 -28.54 -14.99
C ARG B 360 52.17 -28.97 -15.81
N ASP B 361 50.95 -28.74 -15.32
CA ASP B 361 49.74 -28.98 -16.11
C ASP B 361 48.87 -27.73 -16.22
N PHE B 362 49.39 -26.57 -15.81
CA PHE B 362 48.67 -25.32 -16.01
C PHE B 362 48.59 -24.97 -17.49
N TRP B 363 49.72 -25.03 -18.21
CA TRP B 363 49.71 -24.81 -19.65
C TRP B 363 49.01 -25.93 -20.40
N GLU B 364 48.91 -27.11 -19.79
CA GLU B 364 48.10 -28.18 -20.36
C GLU B 364 46.63 -27.81 -20.38
N GLN B 365 46.13 -27.27 -19.26
CA GLN B 365 44.72 -26.91 -19.17
C GLN B 365 44.41 -25.55 -19.80
N LYS B 366 45.38 -24.65 -19.87
CA LYS B 366 45.11 -23.31 -20.41
C LYS B 366 45.07 -23.32 -21.93
N PHE B 367 46.16 -23.78 -22.55
CA PHE B 367 46.24 -23.85 -24.01
C PHE B 367 45.59 -25.10 -24.60
N GLN B 368 44.91 -25.90 -23.76
CA GLN B 368 44.22 -27.14 -24.13
C GLN B 368 45.17 -28.15 -24.77
N CYS B 369 46.43 -28.15 -24.34
CA CYS B 369 47.42 -29.09 -24.84
C CYS B 369 47.35 -30.41 -24.08
N SER B 370 48.33 -31.27 -24.28
CA SER B 370 48.40 -32.56 -23.62
C SER B 370 49.86 -32.93 -23.41
N LEU B 371 50.10 -34.14 -22.96
CA LEU B 371 51.46 -34.63 -22.70
C LEU B 371 51.53 -36.14 -22.82
N ARG B 375 44.06 -40.08 -22.42
CA ARG B 375 45.46 -39.76 -22.63
C ARG B 375 45.68 -39.12 -23.99
N ASN B 376 45.25 -39.80 -25.05
CA ASN B 376 45.42 -39.30 -26.42
C ASN B 376 44.33 -38.28 -26.72
N HIS B 377 44.54 -37.08 -26.21
CA HIS B 377 43.66 -35.94 -26.42
C HIS B 377 44.13 -35.16 -27.65
N ARG B 378 43.72 -33.90 -27.77
CA ARG B 378 44.03 -33.07 -28.94
C ARG B 378 45.48 -32.59 -28.95
N ARG B 379 45.76 -31.60 -29.81
CA ARG B 379 47.07 -31.21 -30.33
C ARG B 379 48.21 -31.12 -29.30
N VAL B 380 49.25 -31.93 -29.53
CA VAL B 380 50.36 -32.07 -28.58
C VAL B 380 51.23 -30.82 -28.64
N CYS B 381 51.75 -30.40 -27.48
CA CYS B 381 52.53 -29.19 -27.28
C CYS B 381 53.74 -29.06 -28.19
N ASP B 382 53.74 -28.04 -29.05
CA ASP B 382 54.92 -27.62 -29.77
C ASP B 382 55.73 -26.65 -28.92
N LYS B 383 57.04 -26.63 -29.15
CA LYS B 383 57.94 -25.87 -28.30
C LYS B 383 57.91 -24.37 -28.55
N HIS B 384 57.19 -23.91 -29.58
CA HIS B 384 57.02 -22.48 -29.83
C HIS B 384 55.75 -21.93 -29.21
N LEU B 385 55.22 -22.56 -28.17
CA LEU B 385 54.00 -22.13 -27.51
C LEU B 385 54.38 -21.48 -26.19
N ALA B 386 54.27 -20.15 -26.14
CA ALA B 386 54.59 -19.37 -24.95
C ALA B 386 53.38 -18.54 -24.54
N ILE B 387 53.53 -17.80 -23.45
CA ILE B 387 52.46 -16.97 -22.92
C ILE B 387 52.87 -15.51 -23.03
N ASP B 388 52.41 -14.83 -24.08
CA ASP B 388 52.64 -13.40 -24.24
C ASP B 388 51.34 -12.64 -23.98
N SER B 389 51.34 -11.35 -24.31
CA SER B 389 50.20 -10.48 -24.02
C SER B 389 48.97 -10.74 -24.89
N SER B 390 49.05 -11.66 -25.85
CA SER B 390 47.88 -12.07 -26.61
C SER B 390 47.05 -13.13 -25.89
N ASN B 391 47.59 -13.76 -24.86
CA ASN B 391 46.85 -14.76 -24.10
C ASN B 391 46.15 -14.14 -22.89
N TYR B 392 46.92 -13.53 -22.00
CA TYR B 392 46.44 -13.16 -20.68
C TYR B 392 46.53 -11.67 -20.45
N GLU B 393 45.79 -11.22 -19.44
CA GLU B 393 45.90 -9.90 -18.85
C GLU B 393 46.13 -10.07 -17.36
N GLN B 394 47.01 -9.27 -16.79
CA GLN B 394 47.39 -9.42 -15.39
C GLN B 394 46.22 -9.04 -14.48
N GLU B 395 45.96 -9.90 -13.49
CA GLU B 395 44.83 -9.72 -12.57
C GLU B 395 45.01 -8.46 -11.74
N SER B 396 43.88 -7.90 -11.27
CA SER B 396 43.90 -6.69 -10.46
C SER B 396 44.59 -6.92 -9.13
N LYS B 397 44.28 -8.02 -8.44
CA LYS B 397 44.81 -8.28 -7.12
C LYS B 397 46.13 -9.07 -7.18
N ILE B 398 47.07 -8.52 -7.93
CA ILE B 398 48.46 -8.96 -7.89
C ILE B 398 49.36 -7.92 -7.24
N MET B 399 48.94 -6.65 -7.21
CA MET B 399 49.61 -5.69 -6.36
C MET B 399 49.42 -6.03 -4.88
N PHE B 400 48.26 -6.59 -4.53
CA PHE B 400 47.96 -6.90 -3.13
C PHE B 400 48.72 -8.12 -2.63
N VAL B 401 49.08 -9.05 -3.52
CA VAL B 401 49.83 -10.22 -3.11
C VAL B 401 51.27 -9.84 -2.77
N VAL B 402 51.91 -9.05 -3.64
CA VAL B 402 53.27 -8.60 -3.41
C VAL B 402 53.35 -7.51 -2.35
N ASN B 403 52.22 -6.90 -2.00
CA ASN B 403 52.21 -5.94 -0.90
C ASN B 403 52.08 -6.63 0.46
N ALA B 404 51.15 -7.58 0.56
CA ALA B 404 50.88 -8.25 1.83
C ALA B 404 51.92 -9.31 2.18
N VAL B 405 52.96 -9.49 1.38
CA VAL B 405 54.08 -10.35 1.73
C VAL B 405 55.32 -9.55 2.10
N TYR B 406 55.44 -8.30 1.63
CA TYR B 406 56.50 -7.42 2.10
C TYR B 406 56.20 -6.90 3.50
N ALA B 407 54.92 -6.85 3.88
CA ALA B 407 54.55 -6.44 5.23
C ALA B 407 55.03 -7.44 6.26
N MET B 408 55.09 -8.72 5.90
CA MET B 408 55.74 -9.71 6.77
C MET B 408 57.25 -9.57 6.68
N ALA B 409 57.78 -9.13 5.54
CA ALA B 409 59.21 -8.97 5.38
C ALA B 409 59.73 -7.68 6.00
N HIS B 410 58.86 -6.68 6.22
CA HIS B 410 59.24 -5.52 7.00
C HIS B 410 59.08 -5.75 8.49
N ALA B 411 58.22 -6.69 8.89
CA ALA B 411 58.08 -7.03 10.29
C ALA B 411 59.27 -7.84 10.78
N LEU B 412 59.69 -8.84 10.01
CA LEU B 412 60.81 -9.69 10.35
C LEU B 412 62.17 -9.06 10.05
N HIS B 413 62.20 -7.80 9.62
CA HIS B 413 63.42 -7.03 9.48
C HIS B 413 63.58 -5.98 10.56
N LYS B 414 62.50 -5.26 10.88
CA LYS B 414 62.53 -4.30 11.99
C LYS B 414 62.63 -4.99 13.35
N MET B 415 62.19 -6.24 13.44
CA MET B 415 62.43 -7.02 14.65
C MET B 415 63.91 -7.34 14.81
N GLN B 416 64.59 -7.65 13.70
CA GLN B 416 66.01 -7.95 13.76
C GLN B 416 66.84 -6.71 14.05
N ARG B 417 66.34 -5.52 13.71
CA ARG B 417 67.01 -4.28 14.06
C ARG B 417 66.77 -3.88 15.51
N THR B 418 65.86 -4.57 16.21
CA THR B 418 65.56 -4.29 17.60
C THR B 418 66.20 -5.29 18.55
N LEU B 419 66.00 -6.59 18.30
CA LEU B 419 66.47 -7.61 19.24
C LEU B 419 67.97 -7.85 19.10
N CYS B 420 68.46 -8.05 17.88
CA CYS B 420 69.86 -8.36 17.63
C CYS B 420 70.40 -7.49 16.50
N PRO B 421 70.73 -6.22 16.79
CA PRO B 421 71.26 -5.34 15.73
C PRO B 421 72.74 -5.50 15.47
N ASN B 422 73.50 -6.06 16.41
CA ASN B 422 74.94 -6.18 16.21
C ASN B 422 75.27 -7.27 15.20
N THR B 423 74.57 -8.39 15.23
CA THR B 423 74.74 -9.44 14.24
C THR B 423 73.75 -9.25 13.09
N THR B 424 74.04 -9.92 11.98
CA THR B 424 73.23 -9.83 10.78
C THR B 424 72.37 -11.07 10.54
N LYS B 425 72.90 -12.26 10.83
CA LYS B 425 72.15 -13.49 10.65
C LYS B 425 71.23 -13.73 11.84
N LEU B 426 70.66 -14.93 11.92
CA LEU B 426 69.70 -15.25 12.96
C LEU B 426 70.42 -15.49 14.29
N CYS B 427 70.08 -14.69 15.29
CA CYS B 427 70.69 -14.82 16.62
C CYS B 427 69.90 -15.83 17.45
N ASP B 428 70.20 -15.88 18.75
CA ASP B 428 69.47 -16.77 19.65
C ASP B 428 68.18 -16.13 20.16
N ALA B 429 68.11 -14.79 20.19
CA ALA B 429 66.91 -14.11 20.66
C ALA B 429 65.79 -14.16 19.64
N MET B 430 66.10 -14.40 18.37
CA MET B 430 65.07 -14.48 17.34
C MET B 430 64.98 -15.90 16.80
N LYS B 431 65.18 -16.89 17.67
CA LYS B 431 65.09 -18.30 17.28
C LYS B 431 63.86 -18.97 17.84
N ILE B 432 62.96 -18.23 18.49
CA ILE B 432 61.77 -18.78 19.10
C ILE B 432 60.56 -18.22 18.34
N LEU B 433 60.73 -17.00 17.79
CA LEU B 433 59.72 -16.28 17.01
C LEU B 433 58.45 -16.05 17.82
N ASP B 434 58.59 -15.22 18.85
CA ASP B 434 57.50 -14.78 19.72
C ASP B 434 56.40 -14.15 18.88
N GLY B 435 55.23 -14.80 18.85
CA GLY B 435 54.14 -14.42 17.96
C GLY B 435 53.37 -13.17 18.37
N LYS B 436 53.12 -13.03 19.67
CA LYS B 436 52.38 -11.87 20.16
C LYS B 436 53.21 -10.60 20.03
N LYS B 437 54.51 -10.69 20.30
CA LYS B 437 55.40 -9.56 20.07
C LYS B 437 55.57 -9.28 18.58
N LEU B 438 55.40 -10.31 17.74
CA LEU B 438 55.44 -10.11 16.30
C LEU B 438 54.18 -9.42 15.79
N TYR B 439 53.10 -9.42 16.56
CA TYR B 439 51.87 -8.75 16.12
C TYR B 439 51.74 -7.33 16.65
N LYS B 440 52.64 -6.89 17.54
CA LYS B 440 52.62 -5.51 18.01
C LYS B 440 53.81 -4.71 17.53
N ASP B 441 54.76 -5.33 16.84
CA ASP B 441 55.83 -4.65 16.13
C ASP B 441 55.47 -4.42 14.67
N TYR B 442 54.29 -4.90 14.24
CA TYR B 442 53.96 -5.04 12.83
C TYR B 442 52.64 -4.36 12.47
N LEU B 443 51.68 -4.36 13.39
CA LEU B 443 50.33 -3.88 13.10
C LEU B 443 50.28 -2.39 12.81
N LEU B 444 51.24 -1.62 13.31
CA LEU B 444 51.32 -0.18 13.06
C LEU B 444 52.43 0.17 12.08
N LYS B 445 52.97 -0.81 11.37
CA LYS B 445 54.17 -0.62 10.55
C LYS B 445 53.77 -0.10 9.18
N ILE B 446 53.89 1.21 8.99
CA ILE B 446 53.81 1.79 7.65
C ILE B 446 55.14 1.58 6.94
N ASN B 447 55.11 1.74 5.62
CA ASN B 447 56.31 1.57 4.80
C ASN B 447 56.14 2.42 3.56
N PHE B 448 57.13 2.35 2.66
CA PHE B 448 57.06 3.15 1.45
C PHE B 448 56.05 2.55 0.47
N THR B 449 56.35 1.36 -0.03
CA THR B 449 55.59 0.72 -1.11
C THR B 449 56.11 -0.69 -1.39
N ALA B 450 55.37 -1.41 -2.23
CA ALA B 450 56.01 -2.44 -3.04
C ALA B 450 56.86 -1.67 -4.05
N PRO B 451 58.19 -1.88 -4.06
CA PRO B 451 59.09 -0.93 -4.76
C PRO B 451 59.04 -0.94 -6.27
N PHE B 452 58.14 -1.71 -6.89
CA PHE B 452 57.98 -1.71 -8.33
C PHE B 452 56.99 -0.66 -8.83
N ASN B 453 56.24 0.00 -7.95
CA ASN B 453 55.21 0.94 -8.37
C ASN B 453 55.70 2.36 -8.15
N PRO B 454 55.87 3.17 -9.22
CA PRO B 454 56.33 4.55 -9.03
C PRO B 454 55.21 5.48 -8.57
N ASN B 455 55.51 6.77 -8.46
CA ASN B 455 54.69 7.79 -7.81
C ASN B 455 54.38 7.39 -6.38
N LYS B 456 55.45 7.38 -5.57
CA LYS B 456 55.44 6.79 -4.25
C LYS B 456 54.51 7.54 -3.29
N ASP B 457 54.65 8.86 -3.21
CA ASP B 457 53.81 9.65 -2.32
C ASP B 457 52.37 9.79 -2.82
N ALA B 458 52.12 9.49 -4.09
CA ALA B 458 50.79 9.61 -4.67
C ALA B 458 50.00 8.31 -4.45
N ASP B 459 49.62 8.10 -3.18
CA ASP B 459 48.74 7.02 -2.73
C ASP B 459 49.30 5.63 -3.08
N SER B 460 50.45 5.35 -2.46
CA SER B 460 51.06 4.03 -2.61
C SER B 460 51.63 3.52 -1.28
N ILE B 461 51.19 4.08 -0.16
CA ILE B 461 51.72 3.72 1.15
C ILE B 461 50.93 2.54 1.69
N VAL B 462 51.61 1.41 1.88
CA VAL B 462 51.03 0.30 2.62
C VAL B 462 50.90 0.69 4.09
N LYS B 463 49.67 0.62 4.61
CA LYS B 463 49.40 1.12 5.95
C LYS B 463 48.18 0.40 6.50
N PHE B 464 48.33 -0.22 7.67
CA PHE B 464 47.20 -0.83 8.34
C PHE B 464 46.59 0.15 9.33
N ASP B 465 45.26 0.06 9.48
CA ASP B 465 44.54 0.85 10.47
C ASP B 465 44.63 0.18 11.84
N THR B 466 43.80 0.65 12.77
CA THR B 466 43.75 0.03 14.10
C THR B 466 43.14 -1.37 14.06
N PHE B 467 42.43 -1.72 13.00
CA PHE B 467 41.86 -3.04 12.83
C PHE B 467 42.62 -3.90 11.82
N GLY B 468 43.72 -3.39 11.28
CA GLY B 468 44.50 -4.13 10.30
C GLY B 468 43.82 -4.25 8.96
N ASP B 469 43.58 -3.11 8.31
CA ASP B 469 42.87 -3.08 7.04
C ASP B 469 43.65 -2.28 5.99
N GLY B 470 43.03 -2.03 4.85
CA GLY B 470 43.56 -1.12 3.86
C GLY B 470 42.70 0.12 3.74
N MET B 471 42.77 0.79 2.59
CA MET B 471 41.94 1.95 2.30
C MET B 471 41.03 1.63 1.12
N GLY B 472 39.78 2.10 1.20
CA GLY B 472 38.80 1.79 0.18
C GLY B 472 39.01 2.56 -1.10
N ARG B 473 39.55 1.89 -2.11
CA ARG B 473 39.83 2.51 -3.42
C ARG B 473 39.25 1.56 -4.47
N TYR B 474 38.16 1.98 -5.10
CA TYR B 474 37.32 1.10 -5.89
C TYR B 474 37.20 1.65 -7.30
N ASN B 475 37.84 1.00 -8.26
CA ASN B 475 37.55 1.29 -9.66
C ASN B 475 36.16 0.79 -10.00
N VAL B 476 35.52 1.44 -10.98
CA VAL B 476 34.18 1.07 -11.41
C VAL B 476 34.29 0.66 -12.87
N PHE B 477 34.27 -0.64 -13.12
CA PHE B 477 34.45 -1.15 -14.47
C PHE B 477 33.14 -1.10 -15.25
N ASN B 478 33.19 -1.58 -16.49
CA ASN B 478 32.02 -1.63 -17.37
C ASN B 478 32.32 -2.63 -18.48
N PHE B 479 31.29 -3.38 -18.87
CA PHE B 479 31.47 -4.46 -19.86
C PHE B 479 31.10 -3.94 -21.24
N GLN B 480 31.97 -3.07 -21.76
CA GLN B 480 31.75 -2.43 -23.06
C GLN B 480 32.00 -3.43 -24.18
N ASN B 481 30.94 -3.82 -24.89
CA ASN B 481 31.04 -4.74 -26.01
C ASN B 481 31.06 -3.94 -27.32
N VAL B 482 32.21 -3.33 -27.60
CA VAL B 482 32.36 -2.40 -28.70
C VAL B 482 33.35 -2.90 -29.76
N GLY B 483 34.44 -3.54 -29.34
CA GLY B 483 35.49 -3.91 -30.27
C GLY B 483 35.44 -5.31 -30.82
N GLY B 484 34.30 -5.99 -30.73
CA GLY B 484 34.23 -7.39 -31.14
C GLY B 484 34.61 -8.31 -30.01
N LYS B 485 35.85 -8.22 -29.56
CA LYS B 485 36.26 -8.88 -28.32
C LYS B 485 35.62 -8.15 -27.15
N TYR B 486 34.70 -8.83 -26.46
CA TYR B 486 33.92 -8.20 -25.39
C TYR B 486 34.82 -8.02 -24.18
N SER B 487 35.39 -6.82 -24.05
CA SER B 487 36.37 -6.51 -23.02
C SER B 487 35.78 -5.59 -21.96
N TYR B 488 36.38 -5.61 -20.79
CA TYR B 488 36.00 -4.71 -19.70
C TYR B 488 36.65 -3.34 -19.91
N LEU B 489 36.09 -2.33 -19.23
CA LEU B 489 36.54 -0.96 -19.44
C LEU B 489 36.24 -0.13 -18.20
N LYS B 490 37.23 0.64 -17.75
CA LYS B 490 37.11 1.44 -16.54
C LYS B 490 36.37 2.74 -16.80
N VAL B 491 35.49 3.13 -15.89
CA VAL B 491 34.88 4.46 -15.95
C VAL B 491 35.04 5.28 -14.68
N GLY B 492 35.25 4.71 -13.49
CA GLY B 492 35.08 5.52 -12.29
C GLY B 492 36.12 5.46 -11.19
N HIS B 493 35.73 5.87 -9.98
CA HIS B 493 36.64 6.00 -8.85
C HIS B 493 35.83 5.98 -7.56
N TRP B 494 36.51 6.11 -6.42
CA TRP B 494 35.86 6.20 -5.11
C TRP B 494 36.84 6.91 -4.17
N ALA B 495 36.61 6.74 -2.84
CA ALA B 495 37.31 7.20 -1.64
C ALA B 495 37.07 8.65 -1.27
N GLU B 496 36.55 9.45 -2.20
CA GLU B 496 35.70 10.58 -1.86
C GLU B 496 34.67 10.72 -2.98
N THR B 497 35.06 10.27 -4.17
CA THR B 497 34.56 10.83 -5.42
C THR B 497 33.88 9.80 -6.32
N LEU B 498 32.67 10.12 -6.76
CA LEU B 498 31.87 9.26 -7.63
C LEU B 498 32.15 9.59 -9.09
N SER B 499 33.40 9.90 -9.41
CA SER B 499 33.82 10.61 -10.62
C SER B 499 33.61 9.91 -11.97
N LEU B 500 32.82 8.84 -12.03
CA LEU B 500 32.57 8.16 -13.29
C LEU B 500 31.90 9.08 -14.29
N ASP B 501 32.39 9.06 -15.52
CA ASP B 501 31.97 9.98 -16.57
C ASP B 501 31.02 9.24 -17.50
N VAL B 502 29.79 9.76 -17.62
CA VAL B 502 28.78 9.12 -18.47
C VAL B 502 28.98 9.69 -19.88
N ASN B 503 30.00 9.15 -20.55
CA ASN B 503 30.16 9.35 -21.99
C ASN B 503 30.65 8.11 -22.72
N SER B 504 31.21 7.13 -22.02
CA SER B 504 31.68 5.89 -22.62
C SER B 504 30.95 4.67 -22.10
N ILE B 505 29.97 4.86 -21.22
CA ILE B 505 29.24 3.74 -20.63
C ILE B 505 28.21 3.25 -21.65
N HIS B 506 28.43 2.08 -22.21
CA HIS B 506 27.38 1.39 -22.95
C HIS B 506 26.39 0.78 -21.95
N TRP B 507 25.18 0.51 -22.44
CA TRP B 507 24.13 -0.01 -21.58
C TRP B 507 23.37 -1.12 -22.31
N SER B 508 22.47 -1.75 -21.58
CA SER B 508 21.47 -2.62 -22.19
C SER B 508 20.46 -1.77 -22.93
N ARG B 509 20.29 -2.04 -24.23
CA ARG B 509 19.40 -1.31 -25.15
C ARG B 509 19.78 0.18 -25.25
N ASN B 510 21.05 0.49 -25.01
CA ASN B 510 21.68 1.79 -25.29
C ASN B 510 21.00 2.96 -24.57
N SER B 511 20.42 2.72 -23.41
CA SER B 511 19.67 3.75 -22.71
C SER B 511 19.96 3.71 -21.21
N VAL B 512 19.93 4.88 -20.59
CA VAL B 512 20.03 5.00 -19.13
C VAL B 512 18.73 4.50 -18.53
N PRO B 513 18.73 3.36 -17.84
CA PRO B 513 17.48 2.76 -17.38
C PRO B 513 16.96 3.44 -16.13
N THR B 514 15.69 3.13 -15.81
CA THR B 514 15.04 3.65 -14.63
C THR B 514 14.37 2.50 -13.89
N SER B 515 14.37 2.58 -12.56
CA SER B 515 13.66 1.60 -11.74
C SER B 515 13.15 2.34 -10.51
N GLN B 516 11.91 2.82 -10.60
CA GLN B 516 11.21 3.46 -9.49
C GLN B 516 9.90 2.72 -9.27
N CYS B 517 9.27 2.97 -8.14
CA CYS B 517 8.10 2.18 -7.75
C CYS B 517 6.87 2.57 -8.57
N SER B 518 6.65 3.87 -8.75
CA SER B 518 5.53 4.37 -9.54
C SER B 518 6.02 5.47 -10.46
N ASP B 519 5.49 5.48 -11.68
CA ASP B 519 5.94 6.42 -12.69
C ASP B 519 5.42 7.83 -12.39
N PRO B 520 6.21 8.86 -12.71
CA PRO B 520 5.67 10.23 -12.65
C PRO B 520 4.69 10.46 -13.79
N CYS B 521 3.54 11.05 -13.46
CA CYS B 521 2.43 11.19 -14.37
C CYS B 521 2.29 12.64 -14.84
N ALA B 522 1.23 12.91 -15.60
CA ALA B 522 1.02 14.22 -16.18
C ALA B 522 0.61 15.22 -15.10
N PRO B 523 1.01 16.50 -15.25
CA PRO B 523 0.66 17.49 -14.22
C PRO B 523 -0.70 18.13 -14.42
N ASN B 524 -1.59 17.49 -15.19
CA ASN B 524 -2.92 18.05 -15.43
C ASN B 524 -3.78 18.00 -14.16
N GLU B 525 -3.91 16.82 -13.56
CA GLU B 525 -4.68 16.70 -12.32
C GLU B 525 -4.06 15.75 -11.31
N MET B 526 -2.88 15.20 -11.57
CA MET B 526 -2.29 14.21 -10.70
C MET B 526 -1.59 14.87 -9.50
N LYS B 527 -1.23 14.03 -8.53
CA LYS B 527 -0.57 14.49 -7.31
C LYS B 527 0.19 13.33 -6.71
N ASN B 528 1.20 13.67 -5.89
CA ASN B 528 2.02 12.65 -5.22
C ASN B 528 1.30 12.21 -3.96
N MET B 529 0.82 10.97 -3.96
CA MET B 529 0.10 10.38 -2.83
C MET B 529 0.89 9.17 -2.35
N GLN B 530 1.85 9.41 -1.45
CA GLN B 530 2.61 8.33 -0.83
C GLN B 530 1.86 7.89 0.42
N PRO B 531 1.26 6.68 0.43
CA PRO B 531 0.39 6.28 1.54
C PRO B 531 1.09 6.10 2.88
N GLY B 532 2.08 5.21 2.94
CA GLY B 532 2.75 4.96 4.20
C GLY B 532 4.27 4.99 4.13
N ASP B 533 4.82 4.82 2.94
CA ASP B 533 6.26 4.72 2.75
C ASP B 533 6.78 5.93 1.96
N VAL B 534 8.07 5.90 1.66
CA VAL B 534 8.70 6.96 0.89
C VAL B 534 8.97 6.54 -0.55
N CYS B 535 9.26 5.26 -0.80
CA CYS B 535 9.70 4.85 -2.13
C CYS B 535 8.54 4.74 -3.12
N CYS B 536 7.32 4.55 -2.64
CA CYS B 536 6.17 4.36 -3.52
C CYS B 536 5.16 5.49 -3.32
N TRP B 537 4.43 5.80 -4.40
CA TRP B 537 3.30 6.72 -4.34
C TRP B 537 2.30 6.30 -5.41
N ILE B 538 1.29 7.14 -5.63
CA ILE B 538 0.31 6.91 -6.69
C ILE B 538 -0.22 8.26 -7.16
N CYS B 539 -0.29 8.43 -8.48
CA CYS B 539 -0.86 9.64 -9.05
C CYS B 539 -2.36 9.44 -9.23
N ILE B 540 -3.13 10.44 -8.80
CA ILE B 540 -4.59 10.34 -8.81
C ILE B 540 -5.17 11.68 -9.29
N PRO B 541 -6.20 11.66 -10.13
CA PRO B 541 -6.75 12.92 -10.65
C PRO B 541 -7.53 13.68 -9.60
N CYS B 542 -7.40 15.00 -9.61
CA CYS B 542 -8.14 15.88 -8.72
C CYS B 542 -8.98 16.84 -9.56
N GLU B 543 -9.55 17.84 -8.89
CA GLU B 543 -10.56 18.69 -9.52
C GLU B 543 -9.93 19.63 -10.53
N PRO B 544 -10.62 19.92 -11.64
CA PRO B 544 -10.03 20.79 -12.67
C PRO B 544 -9.99 22.27 -12.30
N TYR B 545 -10.76 22.70 -11.29
CA TYR B 545 -10.73 24.09 -10.86
C TYR B 545 -9.61 24.37 -9.87
N GLU B 546 -8.85 23.36 -9.46
CA GLU B 546 -7.78 23.51 -8.49
C GLU B 546 -6.44 23.66 -9.18
N TYR B 547 -5.44 24.10 -8.40
CA TYR B 547 -4.07 24.20 -8.89
C TYR B 547 -3.17 23.30 -8.05
N LEU B 548 -2.21 22.66 -8.71
CA LEU B 548 -1.27 21.76 -8.04
C LEU B 548 -0.07 22.58 -7.59
N ALA B 549 -0.05 22.96 -6.31
CA ALA B 549 0.96 23.86 -5.78
C ALA B 549 2.14 23.11 -5.16
N ASP B 550 1.87 22.28 -4.16
CA ASP B 550 2.91 21.60 -3.41
C ASP B 550 3.36 20.29 -4.04
N GLU B 551 2.87 19.98 -5.25
CA GLU B 551 3.18 18.80 -6.05
C GLU B 551 2.81 17.49 -5.37
N PHE B 552 2.01 17.52 -4.31
CA PHE B 552 1.51 16.32 -3.65
C PHE B 552 0.03 16.40 -3.30
N THR B 553 -0.56 17.60 -3.30
CA THR B 553 -1.99 17.78 -3.01
C THR B 553 -2.42 19.08 -3.67
N CYS B 554 -3.27 18.97 -4.69
CA CYS B 554 -3.72 20.16 -5.41
C CYS B 554 -4.69 20.97 -4.56
N MET B 555 -4.64 22.29 -4.73
CA MET B 555 -5.43 23.23 -3.93
C MET B 555 -6.25 24.13 -4.83
N ASP B 556 -7.41 24.54 -4.33
CA ASP B 556 -8.35 25.34 -5.10
C ASP B 556 -8.04 26.83 -4.95
N CYS B 557 -8.41 27.60 -5.97
CA CYS B 557 -8.29 29.06 -5.94
C CYS B 557 -9.62 29.77 -5.80
N GLY B 558 -10.75 29.08 -5.90
CA GLY B 558 -12.06 29.66 -5.72
C GLY B 558 -12.72 29.97 -7.05
N SER B 559 -13.96 30.47 -6.94
CA SER B 559 -14.76 30.79 -8.11
C SER B 559 -14.32 32.12 -8.72
N GLY B 560 -14.57 32.26 -10.02
CA GLY B 560 -14.23 33.48 -10.71
C GLY B 560 -12.93 33.37 -11.49
N GLN B 561 -11.99 32.60 -10.96
CA GLN B 561 -10.67 32.43 -11.56
C GLN B 561 -10.46 30.98 -11.95
N TRP B 562 -9.73 30.78 -13.05
CA TRP B 562 -9.50 29.45 -13.61
C TRP B 562 -8.01 29.21 -13.79
N PRO B 563 -7.51 28.02 -13.39
CA PRO B 563 -6.08 27.76 -13.45
C PRO B 563 -5.56 27.59 -14.87
N THR B 564 -4.31 27.98 -15.07
CA THR B 564 -3.65 27.90 -16.37
C THR B 564 -3.03 26.52 -16.56
N ALA B 565 -2.18 26.40 -17.59
CA ALA B 565 -1.52 25.14 -17.90
C ALA B 565 -0.43 24.79 -16.90
N ASP B 566 0.11 25.79 -16.19
CA ASP B 566 1.14 25.52 -15.20
C ASP B 566 0.57 24.91 -13.92
N LEU B 567 -0.74 25.01 -13.71
CA LEU B 567 -1.47 24.47 -12.55
C LEU B 567 -0.94 25.03 -11.22
N THR B 568 -0.49 26.27 -11.23
CA THR B 568 -0.12 26.98 -10.00
C THR B 568 -0.94 28.24 -9.79
N GLY B 569 -1.18 29.03 -10.84
CA GLY B 569 -1.92 30.27 -10.72
C GLY B 569 -3.23 30.23 -11.48
N CYS B 570 -4.19 31.04 -11.05
CA CYS B 570 -5.52 31.07 -11.65
C CYS B 570 -5.79 32.43 -12.28
N TYR B 571 -6.42 32.40 -13.45
CA TYR B 571 -6.75 33.61 -14.21
C TYR B 571 -8.25 33.86 -14.20
N ASP B 572 -8.64 35.11 -13.98
CA ASP B 572 -10.04 35.48 -13.87
C ASP B 572 -10.70 35.50 -15.25
N LEU B 573 -12.03 35.55 -15.24
CA LEU B 573 -12.84 35.52 -16.45
C LEU B 573 -13.83 36.67 -16.48
N PRO B 574 -14.12 37.22 -17.65
CA PRO B 574 -15.23 38.17 -17.78
C PRO B 574 -16.56 37.42 -17.88
N GLU B 575 -17.64 38.18 -18.03
CA GLU B 575 -18.96 37.56 -17.97
C GLU B 575 -19.32 36.86 -19.27
N ASP B 576 -19.52 37.63 -20.34
CA ASP B 576 -19.91 37.19 -21.67
C ASP B 576 -20.01 38.44 -22.55
N TYR B 577 -20.12 38.21 -23.86
CA TYR B 577 -20.51 39.26 -24.79
C TYR B 577 -22.03 39.26 -24.86
N ILE B 578 -22.66 40.04 -23.99
CA ILE B 578 -24.12 40.09 -23.92
C ILE B 578 -24.69 40.77 -25.16
N ARG B 579 -23.97 41.76 -25.69
CA ARG B 579 -24.45 42.54 -26.82
C ARG B 579 -23.97 42.03 -28.16
N TRP B 580 -23.45 40.80 -28.24
CA TRP B 580 -22.93 40.33 -29.53
C TRP B 580 -24.06 39.82 -30.43
N GLU B 581 -24.63 38.66 -30.09
CA GLU B 581 -25.95 38.33 -30.63
C GLU B 581 -26.92 37.90 -29.54
N ASP B 582 -26.60 36.77 -28.89
CA ASP B 582 -27.42 36.05 -27.90
C ASP B 582 -28.89 35.87 -28.27
N ALA B 583 -29.21 35.86 -29.57
CA ALA B 583 -30.57 36.02 -30.13
C ALA B 583 -31.31 37.23 -29.57
N TRP B 584 -30.58 38.26 -29.11
CA TRP B 584 -31.18 39.43 -28.50
C TRP B 584 -30.53 40.75 -28.91
N ALA B 585 -29.36 40.74 -29.53
CA ALA B 585 -28.75 41.98 -30.01
C ALA B 585 -29.29 42.40 -31.37
N ILE B 586 -30.17 41.60 -31.97
CA ILE B 586 -30.82 41.97 -33.23
C ILE B 586 -32.32 41.83 -33.19
N GLY B 587 -32.89 40.98 -32.33
CA GLY B 587 -34.32 40.78 -32.26
C GLY B 587 -35.11 41.93 -31.68
N PRO B 588 -34.98 42.18 -30.37
CA PRO B 588 -35.78 43.24 -29.75
C PRO B 588 -35.36 44.65 -30.12
N VAL B 589 -34.11 44.86 -30.56
CA VAL B 589 -33.72 46.20 -30.97
C VAL B 589 -34.33 46.53 -32.33
N THR B 590 -34.65 45.51 -33.14
CA THR B 590 -35.42 45.74 -34.35
C THR B 590 -36.87 46.07 -34.02
N ILE B 591 -37.40 45.50 -32.93
CA ILE B 591 -38.70 45.95 -32.43
C ILE B 591 -38.57 47.33 -31.80
N ALA B 592 -37.41 47.64 -31.23
CA ALA B 592 -37.12 48.98 -30.76
C ALA B 592 -36.69 49.93 -31.88
N CYS B 593 -36.32 49.39 -33.04
CA CYS B 593 -36.10 50.24 -34.21
C CYS B 593 -37.41 50.86 -34.67
N LEU B 594 -38.51 50.11 -34.57
CA LEU B 594 -39.84 50.67 -34.74
C LEU B 594 -40.29 51.47 -33.52
N GLY B 595 -39.57 51.36 -32.39
CA GLY B 595 -39.85 52.20 -31.25
C GLY B 595 -39.55 53.67 -31.50
N PHE B 596 -38.61 53.94 -32.41
CA PHE B 596 -38.40 55.31 -32.88
C PHE B 596 -39.51 55.76 -33.83
N MET B 597 -40.28 54.82 -34.37
CA MET B 597 -41.39 55.14 -35.26
C MET B 597 -42.72 55.31 -34.54
N CYS B 598 -42.79 54.99 -33.24
CA CYS B 598 -44.02 55.26 -32.49
C CYS B 598 -44.18 56.76 -32.25
N THR B 599 -43.11 57.43 -31.80
CA THR B 599 -43.16 58.87 -31.66
C THR B 599 -43.13 59.57 -33.01
N CYS B 600 -42.57 58.91 -34.03
CA CYS B 600 -42.53 59.51 -35.36
C CYS B 600 -43.90 59.50 -36.03
N MET B 601 -44.63 58.39 -35.90
CA MET B 601 -45.99 58.34 -36.44
C MET B 601 -46.96 59.19 -35.63
N VAL B 602 -46.68 59.37 -34.33
CA VAL B 602 -47.49 60.25 -33.49
C VAL B 602 -47.05 61.70 -33.57
N VAL B 603 -46.02 62.01 -34.36
CA VAL B 603 -45.55 63.38 -34.49
C VAL B 603 -46.49 64.21 -35.36
N THR B 604 -47.34 63.57 -36.17
CA THR B 604 -48.35 64.30 -36.92
C THR B 604 -49.44 64.85 -36.01
N VAL B 605 -49.69 64.16 -34.89
CA VAL B 605 -50.62 64.69 -33.88
C VAL B 605 -49.90 65.74 -33.04
N PHE B 606 -48.58 65.65 -32.93
CA PHE B 606 -47.82 66.55 -32.05
C PHE B 606 -47.74 67.96 -32.61
N ILE B 607 -47.15 68.12 -33.78
CA ILE B 607 -46.86 69.46 -34.31
C ILE B 607 -47.63 69.74 -35.59
N LYS B 608 -47.95 68.68 -36.35
CA LYS B 608 -48.56 68.88 -37.65
C LYS B 608 -50.06 69.14 -37.54
N HIS B 609 -50.74 68.45 -36.63
CA HIS B 609 -52.19 68.56 -36.47
C HIS B 609 -52.54 68.74 -34.99
N ASN B 610 -51.87 69.68 -34.33
CA ASN B 610 -52.10 69.94 -32.92
C ASN B 610 -53.43 70.65 -32.66
N ASN B 611 -54.06 71.21 -33.70
CA ASN B 611 -55.33 71.91 -33.55
C ASN B 611 -56.52 71.03 -33.89
N THR B 612 -56.42 69.72 -33.63
CA THR B 612 -57.52 68.81 -33.93
C THR B 612 -58.61 68.96 -32.87
N PRO B 613 -59.89 68.83 -33.26
CA PRO B 613 -60.96 68.92 -32.26
C PRO B 613 -61.00 67.75 -31.30
N LEU B 614 -60.63 66.55 -31.76
CA LEU B 614 -60.55 65.40 -30.85
C LEU B 614 -59.35 65.54 -29.91
N VAL B 615 -58.26 66.13 -30.38
CA VAL B 615 -57.11 66.35 -29.52
C VAL B 615 -57.36 67.51 -28.57
N LYS B 616 -58.20 68.48 -28.97
CA LYS B 616 -58.55 69.58 -28.08
C LYS B 616 -59.44 69.09 -26.94
N ALA B 617 -60.31 68.12 -27.19
CA ALA B 617 -61.07 67.47 -26.13
C ALA B 617 -60.23 66.46 -25.36
N SER B 618 -59.06 66.10 -25.87
CA SER B 618 -58.15 65.20 -25.17
C SER B 618 -57.14 66.01 -24.36
N GLY B 619 -56.20 65.30 -23.74
CA GLY B 619 -55.17 65.92 -22.95
C GLY B 619 -54.01 66.44 -23.77
N ARG B 620 -54.17 67.62 -24.38
CA ARG B 620 -53.13 68.21 -25.21
C ARG B 620 -51.87 68.52 -24.42
N GLU B 621 -52.03 68.95 -23.16
CA GLU B 621 -50.89 69.02 -22.27
C GLU B 621 -50.53 67.67 -21.66
N LEU B 622 -51.47 66.72 -21.68
CA LEU B 622 -51.23 65.41 -21.07
C LEU B 622 -50.54 64.46 -22.05
N CYS B 623 -50.84 64.58 -23.35
CA CYS B 623 -50.23 63.69 -24.34
C CYS B 623 -48.74 63.99 -24.51
N TYR B 624 -48.31 65.20 -24.16
CA TYR B 624 -46.88 65.50 -24.10
C TYR B 624 -46.19 64.81 -22.92
N ILE B 625 -46.97 64.26 -21.97
CA ILE B 625 -46.43 63.45 -20.90
C ILE B 625 -46.78 61.98 -21.16
N LEU B 626 -47.90 61.76 -21.85
CA LEU B 626 -48.37 60.40 -22.08
C LEU B 626 -47.67 59.72 -23.25
N LEU B 627 -47.18 60.49 -24.22
CA LEU B 627 -46.56 59.90 -25.41
C LEU B 627 -45.07 60.20 -25.54
N PHE B 628 -44.57 61.24 -24.88
CA PHE B 628 -43.12 61.48 -24.89
C PHE B 628 -42.40 60.43 -24.05
N GLY B 629 -42.94 60.10 -22.89
CA GLY B 629 -42.40 59.00 -22.11
C GLY B 629 -42.67 57.64 -22.71
N VAL B 630 -43.65 57.54 -23.61
CA VAL B 630 -43.86 56.31 -24.37
C VAL B 630 -42.69 56.06 -25.30
N GLY B 631 -42.08 57.11 -25.83
CA GLY B 631 -40.82 56.96 -26.52
C GLY B 631 -39.64 56.69 -25.61
N LEU B 632 -39.71 57.13 -24.36
CA LEU B 632 -38.68 56.80 -23.39
C LEU B 632 -38.81 55.35 -22.93
N SER B 633 -40.03 54.82 -22.89
CA SER B 633 -40.22 53.39 -22.68
C SER B 633 -39.71 52.57 -23.87
N TYR B 634 -39.69 53.16 -25.06
CA TYR B 634 -39.00 52.59 -26.22
C TYR B 634 -37.54 52.98 -26.28
N CYS B 635 -37.02 53.65 -25.24
CA CYS B 635 -35.63 54.05 -25.17
C CYS B 635 -34.88 53.49 -23.97
N MET B 636 -35.58 53.08 -22.90
CA MET B 636 -34.92 52.48 -21.75
C MET B 636 -34.45 51.06 -22.02
N THR B 637 -34.92 50.42 -23.09
CA THR B 637 -34.43 49.09 -23.43
C THR B 637 -33.05 49.14 -24.08
N PHE B 638 -32.61 50.32 -24.54
CA PHE B 638 -31.26 50.46 -25.06
C PHE B 638 -30.20 50.31 -23.98
N PHE B 639 -30.49 50.70 -22.74
CA PHE B 639 -29.52 50.57 -21.66
C PHE B 639 -29.42 49.15 -21.14
N PHE B 640 -30.38 48.29 -21.46
CA PHE B 640 -30.35 46.89 -21.04
C PHE B 640 -29.44 46.03 -21.91
N ILE B 641 -28.87 46.58 -22.98
CA ILE B 641 -27.99 45.84 -23.86
C ILE B 641 -26.54 46.31 -23.77
N ALA B 642 -26.28 47.48 -23.19
CA ALA B 642 -24.93 48.03 -23.14
C ALA B 642 -24.16 47.38 -21.99
N LYS B 643 -22.94 47.85 -21.76
CA LYS B 643 -22.10 47.30 -20.70
C LYS B 643 -22.58 47.81 -19.34
N PRO B 644 -22.60 46.95 -18.32
CA PRO B 644 -23.08 47.40 -17.00
C PRO B 644 -22.06 48.30 -16.32
N SER B 645 -22.57 49.37 -15.72
CA SER B 645 -21.77 50.43 -15.12
C SER B 645 -22.72 51.31 -14.29
N PRO B 646 -22.17 52.11 -13.36
CA PRO B 646 -22.99 53.13 -12.69
C PRO B 646 -23.66 54.12 -13.63
N VAL B 647 -23.07 54.39 -14.79
CA VAL B 647 -23.74 55.21 -15.80
C VAL B 647 -24.81 54.44 -16.57
N ILE B 648 -24.83 53.10 -16.46
CA ILE B 648 -25.75 52.31 -17.27
C ILE B 648 -26.68 51.46 -16.42
N CYS B 649 -26.14 50.57 -15.58
CA CYS B 649 -27.01 49.64 -14.86
C CYS B 649 -27.71 50.33 -13.70
N ALA B 650 -27.12 51.38 -13.14
CA ALA B 650 -27.84 52.20 -12.18
C ALA B 650 -28.81 53.15 -12.88
N LEU B 651 -28.52 53.51 -14.13
CA LEU B 651 -29.49 54.24 -14.95
C LEU B 651 -30.65 53.35 -15.37
N ARG B 652 -30.46 52.04 -15.40
CA ARG B 652 -31.57 51.12 -15.61
C ARG B 652 -32.54 51.15 -14.43
N ARG B 653 -32.01 51.32 -13.21
CA ARG B 653 -32.88 51.55 -12.07
C ARG B 653 -33.56 52.90 -12.15
N LEU B 654 -32.90 53.90 -12.74
CA LEU B 654 -33.55 55.19 -12.98
C LEU B 654 -34.42 55.15 -14.23
N GLY B 655 -34.17 54.20 -15.14
CA GLY B 655 -34.95 54.10 -16.36
C GLY B 655 -36.25 53.34 -16.19
N LEU B 656 -36.19 52.22 -15.45
CA LEU B 656 -37.39 51.38 -15.27
C LEU B 656 -38.45 52.10 -14.44
N GLY B 657 -38.03 52.93 -13.48
CA GLY B 657 -38.99 53.78 -12.79
C GLY B 657 -39.54 54.86 -13.71
N SER B 658 -38.69 55.40 -14.57
CA SER B 658 -39.15 56.40 -15.54
C SER B 658 -39.97 55.78 -16.66
N SER B 659 -39.71 54.50 -16.98
CA SER B 659 -40.46 53.83 -18.04
C SER B 659 -41.90 53.57 -17.60
N PHE B 660 -42.09 53.09 -16.36
CA PHE B 660 -43.42 52.90 -15.80
C PHE B 660 -43.90 54.09 -15.00
N ALA B 661 -43.36 55.28 -15.28
CA ALA B 661 -43.96 56.53 -14.84
C ALA B 661 -44.97 57.05 -15.84
N ILE B 662 -45.18 56.32 -16.93
CA ILE B 662 -46.17 56.69 -17.93
C ILE B 662 -47.37 55.72 -17.92
N CYS B 663 -47.14 54.43 -17.67
CA CYS B 663 -48.23 53.45 -17.62
C CYS B 663 -49.15 53.65 -16.41
N TYR B 664 -48.71 54.40 -15.40
CA TYR B 664 -49.55 54.78 -14.28
C TYR B 664 -50.13 56.18 -14.44
N SER B 665 -49.33 57.13 -14.95
CA SER B 665 -49.78 58.51 -15.10
C SER B 665 -50.64 58.73 -16.34
N ALA B 666 -50.82 57.73 -17.20
CA ALA B 666 -51.70 57.85 -18.34
C ALA B 666 -52.81 56.80 -18.33
N LEU B 667 -52.96 56.04 -17.25
CA LEU B 667 -54.07 55.11 -17.11
C LEU B 667 -54.95 55.44 -15.92
N LEU B 668 -54.37 55.57 -14.72
CA LEU B 668 -55.16 55.97 -13.56
C LEU B 668 -55.27 57.48 -13.46
N THR B 669 -54.20 58.21 -13.78
CA THR B 669 -54.26 59.66 -13.73
C THR B 669 -55.06 60.21 -14.91
N LYS B 670 -54.89 59.64 -16.10
CA LYS B 670 -55.65 60.08 -17.27
C LYS B 670 -57.13 59.69 -17.20
N THR B 671 -57.53 58.85 -16.25
CA THR B 671 -58.94 58.71 -15.95
C THR B 671 -59.49 59.99 -15.33
N ASN B 672 -58.65 60.74 -14.62
CA ASN B 672 -59.02 62.01 -14.04
C ASN B 672 -58.51 63.22 -14.83
N CYS B 673 -57.77 63.00 -15.92
CA CYS B 673 -57.34 64.09 -16.80
C CYS B 673 -57.93 63.97 -18.19
N ILE B 674 -57.73 62.84 -18.88
CA ILE B 674 -58.29 62.67 -20.22
C ILE B 674 -59.78 62.38 -20.17
N ALA B 675 -60.31 61.97 -19.03
CA ALA B 675 -61.73 61.79 -18.80
C ALA B 675 -62.18 62.61 -17.61
N ARG B 676 -61.70 63.84 -17.51
CA ARG B 676 -62.02 64.73 -16.40
C ARG B 676 -63.44 65.29 -16.53
N GLN B 696 -58.24 71.61 -15.62
CA GLN B 696 -56.84 71.70 -15.23
C GLN B 696 -56.70 72.26 -13.81
N VAL B 697 -57.78 72.18 -13.03
CA VAL B 697 -57.75 72.66 -11.66
C VAL B 697 -57.01 71.69 -10.74
N PHE B 698 -56.87 70.43 -11.14
CA PHE B 698 -56.13 69.44 -10.37
C PHE B 698 -55.05 68.76 -11.20
N ILE B 699 -54.79 69.25 -12.42
CA ILE B 699 -53.76 68.66 -13.26
C ILE B 699 -52.36 69.02 -12.81
N CYS B 700 -52.22 70.08 -11.98
CA CYS B 700 -50.91 70.40 -11.43
C CYS B 700 -50.46 69.37 -10.42
N LEU B 701 -51.41 68.74 -9.70
CA LEU B 701 -51.05 67.62 -8.85
C LEU B 701 -50.78 66.37 -9.67
N GLY B 702 -51.48 66.22 -10.80
CA GLY B 702 -51.22 65.10 -11.68
C GLY B 702 -49.90 65.23 -12.42
N LEU B 703 -49.52 66.47 -12.75
CA LEU B 703 -48.21 66.69 -13.35
C LEU B 703 -47.10 66.52 -12.33
N ILE B 704 -47.39 66.73 -11.04
CA ILE B 704 -46.43 66.48 -9.98
C ILE B 704 -46.47 65.05 -9.48
N LEU B 705 -47.40 64.24 -9.99
CA LEU B 705 -47.54 62.85 -9.55
C LEU B 705 -46.45 61.94 -10.13
N VAL B 706 -45.73 62.38 -11.15
CA VAL B 706 -44.66 61.56 -11.72
C VAL B 706 -43.46 61.53 -10.77
N GLN B 707 -43.18 62.62 -10.06
CA GLN B 707 -42.11 62.68 -9.09
C GLN B 707 -42.60 62.45 -7.67
N ILE B 708 -43.76 61.79 -7.50
CA ILE B 708 -44.28 61.53 -6.18
C ILE B 708 -43.52 60.41 -5.48
N VAL B 709 -42.88 59.53 -6.23
CA VAL B 709 -42.10 58.44 -5.64
C VAL B 709 -40.72 58.47 -6.30
N MET B 710 -40.59 59.25 -7.37
CA MET B 710 -39.33 59.30 -8.12
C MET B 710 -38.25 60.03 -7.35
N VAL B 711 -38.62 60.91 -6.41
CA VAL B 711 -37.63 61.52 -5.54
C VAL B 711 -37.11 60.50 -4.53
N SER B 712 -37.99 59.64 -4.03
CA SER B 712 -37.57 58.54 -3.17
C SER B 712 -36.90 57.44 -3.98
N VAL B 713 -37.25 57.30 -5.26
CA VAL B 713 -36.54 56.35 -6.11
C VAL B 713 -35.15 56.88 -6.45
N TRP B 714 -34.96 58.21 -6.40
CA TRP B 714 -33.62 58.77 -6.55
C TRP B 714 -32.77 58.50 -5.31
N LEU B 715 -33.40 58.36 -4.14
CA LEU B 715 -32.66 58.06 -2.92
C LEU B 715 -32.14 56.64 -2.92
N ILE B 716 -32.93 55.70 -3.45
CA ILE B 716 -32.47 54.31 -3.52
C ILE B 716 -31.59 54.09 -4.73
N LEU B 717 -31.52 55.07 -5.62
CA LEU B 717 -30.53 55.06 -6.70
C LEU B 717 -29.26 55.83 -6.34
N GLU B 718 -29.13 56.25 -5.09
CA GLU B 718 -27.96 56.98 -4.64
C GLU B 718 -27.34 56.42 -3.37
N ALA B 719 -28.15 55.93 -2.42
CA ALA B 719 -27.63 55.49 -1.13
C ALA B 719 -26.95 54.11 -1.16
N PRO B 720 -27.58 52.99 -1.70
CA PRO B 720 -26.86 51.71 -1.64
C PRO B 720 -25.76 51.59 -2.69
N GLY B 721 -25.14 50.41 -2.77
CA GLY B 721 -24.12 50.14 -3.76
C GLY B 721 -24.67 50.09 -5.17
N THR B 722 -24.26 51.03 -6.01
CA THR B 722 -24.76 51.11 -7.38
C THR B 722 -23.63 51.03 -8.40
N ARG B 723 -22.72 50.05 -8.24
CA ARG B 723 -21.58 49.96 -9.13
C ARG B 723 -21.61 48.72 -10.02
N ARG B 724 -21.58 47.52 -9.44
CA ARG B 724 -21.48 46.26 -10.19
C ARG B 724 -21.58 45.10 -9.20
N TYR B 725 -21.70 43.90 -9.75
CA TYR B 725 -21.64 42.66 -8.99
C TYR B 725 -21.12 41.57 -9.92
N THR B 726 -20.95 40.37 -9.37
CA THR B 726 -20.43 39.23 -10.15
C THR B 726 -20.96 37.95 -9.51
N LEU B 727 -21.97 37.36 -10.14
CA LEU B 727 -22.54 36.11 -9.64
C LEU B 727 -21.69 34.93 -10.08
N ALA B 728 -21.55 33.95 -9.19
CA ALA B 728 -20.73 32.77 -9.42
C ALA B 728 -21.57 31.52 -9.20
N GLU B 729 -21.94 30.85 -10.29
CA GLU B 729 -22.65 29.58 -10.25
C GLU B 729 -21.63 28.44 -10.25
N LYS B 730 -22.07 27.22 -10.52
CA LYS B 730 -21.26 26.03 -10.30
C LYS B 730 -20.10 25.90 -11.29
N ARG B 731 -18.94 26.40 -10.88
CA ARG B 731 -17.60 26.13 -11.41
C ARG B 731 -17.29 26.74 -12.77
N GLU B 732 -18.27 27.31 -13.47
CA GLU B 732 -17.99 28.13 -14.64
C GLU B 732 -19.13 29.14 -14.79
N THR B 733 -18.97 30.31 -14.16
CA THR B 733 -19.87 31.45 -14.28
C THR B 733 -19.22 32.71 -13.73
N VAL B 734 -19.10 33.75 -14.55
CA VAL B 734 -18.60 35.03 -14.08
C VAL B 734 -19.58 36.12 -14.48
N ILE B 735 -20.86 35.77 -14.56
CA ILE B 735 -21.90 36.66 -15.10
C ILE B 735 -22.09 37.84 -14.18
N LEU B 736 -21.91 39.05 -14.71
CA LEU B 736 -21.84 40.28 -13.92
C LEU B 736 -23.18 41.01 -14.04
N LYS B 737 -24.07 40.72 -13.09
CA LYS B 737 -25.27 41.52 -12.93
C LYS B 737 -24.92 42.81 -12.18
N CYS B 738 -25.84 43.78 -12.23
CA CYS B 738 -25.64 45.01 -11.49
C CYS B 738 -25.86 44.78 -10.00
N ASN B 739 -25.48 45.76 -9.19
CA ASN B 739 -25.43 45.58 -7.74
C ASN B 739 -26.78 45.74 -7.06
N VAL B 740 -27.78 44.99 -7.52
CA VAL B 740 -29.10 44.91 -6.91
C VAL B 740 -29.53 43.44 -6.86
N LYS B 741 -30.73 43.21 -6.34
CA LYS B 741 -31.36 41.91 -6.34
C LYS B 741 -32.65 41.98 -7.17
N ASP B 742 -33.34 40.84 -7.27
CA ASP B 742 -34.60 40.82 -7.98
C ASP B 742 -35.70 41.54 -7.20
N SER B 743 -35.62 41.53 -5.87
CA SER B 743 -36.60 42.23 -5.06
C SER B 743 -36.38 43.73 -5.09
N SER B 744 -35.15 44.18 -5.35
CA SER B 744 -34.87 45.61 -5.46
C SER B 744 -35.51 46.21 -6.70
N MET B 745 -35.49 45.48 -7.82
CA MET B 745 -36.26 45.90 -8.98
C MET B 745 -37.75 45.74 -8.76
N LEU B 746 -38.15 44.74 -7.96
CA LEU B 746 -39.55 44.56 -7.61
C LEU B 746 -40.04 45.67 -6.69
N ILE B 747 -39.16 46.21 -5.84
CA ILE B 747 -39.52 47.34 -4.99
C ILE B 747 -39.76 48.59 -5.83
N SER B 748 -38.94 48.80 -6.87
CA SER B 748 -39.22 49.87 -7.82
C SER B 748 -40.44 49.54 -8.68
N LEU B 749 -40.70 48.26 -8.93
CA LEU B 749 -41.91 47.87 -9.63
C LEU B 749 -43.15 48.06 -8.77
N THR B 750 -43.01 47.90 -7.45
CA THR B 750 -44.15 48.12 -6.55
C THR B 750 -44.48 49.60 -6.39
N TYR B 751 -43.54 50.49 -6.71
CA TYR B 751 -43.78 51.93 -6.57
C TYR B 751 -44.66 52.48 -7.68
N ASP B 752 -44.83 51.76 -8.78
CA ASP B 752 -45.58 52.29 -9.91
C ASP B 752 -46.72 51.38 -10.35
N VAL B 753 -46.55 50.06 -10.27
CA VAL B 753 -47.58 49.14 -10.73
C VAL B 753 -48.76 49.08 -9.78
N ILE B 754 -48.58 49.49 -8.51
CA ILE B 754 -49.70 49.60 -7.60
C ILE B 754 -50.62 50.74 -8.03
N LEU B 755 -50.05 51.80 -8.62
CA LEU B 755 -50.88 52.83 -9.24
C LEU B 755 -51.51 52.34 -10.54
N VAL B 756 -50.93 51.32 -11.16
CA VAL B 756 -51.55 50.69 -12.33
C VAL B 756 -52.47 49.53 -11.93
N ILE B 757 -52.38 49.05 -10.68
CA ILE B 757 -53.26 47.98 -10.24
C ILE B 757 -54.67 48.49 -10.04
N LEU B 758 -54.81 49.66 -9.40
CA LEU B 758 -56.10 50.31 -9.22
C LEU B 758 -56.45 51.25 -10.38
N CYS B 759 -55.75 51.13 -11.50
CA CYS B 759 -56.05 51.97 -12.67
C CYS B 759 -57.35 51.53 -13.33
N THR B 760 -57.46 50.24 -13.66
CA THR B 760 -58.69 49.72 -14.23
C THR B 760 -59.83 49.67 -13.23
N VAL B 761 -59.51 49.62 -11.93
CA VAL B 761 -60.56 49.68 -10.90
C VAL B 761 -61.15 51.08 -10.84
N TYR B 762 -60.32 52.10 -11.06
CA TYR B 762 -60.81 53.48 -11.14
C TYR B 762 -61.33 53.84 -12.53
N ALA B 763 -61.17 52.96 -13.52
CA ALA B 763 -61.67 53.18 -14.87
C ALA B 763 -62.62 52.08 -15.30
N PHE B 764 -63.34 51.49 -14.35
CA PHE B 764 -64.35 50.49 -14.63
C PHE B 764 -65.75 51.08 -14.71
N LYS B 765 -65.93 52.34 -14.30
CA LYS B 765 -67.25 52.97 -14.37
C LYS B 765 -67.58 53.39 -15.80
N THR B 766 -66.59 53.85 -16.55
CA THR B 766 -66.79 54.28 -17.93
C THR B 766 -66.54 53.14 -18.90
N ARG B 767 -67.32 52.07 -18.74
CA ARG B 767 -67.24 50.91 -19.61
C ARG B 767 -68.31 50.91 -20.69
N LYS B 768 -69.28 51.80 -20.62
CA LYS B 768 -70.35 51.87 -21.61
C LYS B 768 -70.54 53.27 -22.20
N CYS B 769 -70.32 54.32 -21.42
CA CYS B 769 -70.63 55.67 -21.85
C CYS B 769 -69.34 56.41 -22.22
N PRO B 770 -69.13 56.72 -23.51
CA PRO B 770 -67.96 57.52 -23.88
C PRO B 770 -68.25 59.02 -23.88
N GLU B 771 -67.26 59.82 -24.26
CA GLU B 771 -67.43 61.25 -24.44
C GLU B 771 -67.19 61.68 -25.88
N ASN B 772 -66.05 61.31 -26.46
CA ASN B 772 -65.73 61.55 -27.86
C ASN B 772 -65.37 60.23 -28.54
N PHE B 773 -66.21 59.21 -28.29
CA PHE B 773 -66.08 57.80 -28.68
C PHE B 773 -64.67 57.23 -28.49
N ASN B 774 -63.97 57.66 -27.44
CA ASN B 774 -62.58 57.29 -27.25
C ASN B 774 -62.33 56.80 -25.83
N GLU B 775 -63.17 57.24 -24.89
CA GLU B 775 -62.98 56.88 -23.49
C GLU B 775 -63.37 55.42 -23.24
N ALA B 776 -64.63 55.08 -23.49
CA ALA B 776 -65.09 53.72 -23.28
C ALA B 776 -64.65 52.76 -24.37
N LYS B 777 -64.15 53.27 -25.50
CA LYS B 777 -63.77 52.42 -26.62
C LYS B 777 -62.29 52.07 -26.63
N PHE B 778 -61.43 52.93 -26.10
CA PHE B 778 -59.99 52.71 -26.15
C PHE B 778 -59.35 52.60 -24.78
N ILE B 779 -59.68 53.52 -23.85
CA ILE B 779 -59.01 53.60 -22.56
C ILE B 779 -59.29 52.35 -21.72
N GLY B 780 -60.52 51.83 -21.80
CA GLY B 780 -60.86 50.59 -21.13
C GLY B 780 -60.14 49.37 -21.66
N PHE B 781 -59.73 49.41 -22.93
CA PHE B 781 -58.92 48.33 -23.48
C PHE B 781 -57.50 48.37 -22.91
N THR B 782 -56.90 49.56 -22.85
CA THR B 782 -55.59 49.71 -22.23
C THR B 782 -55.66 49.62 -20.72
N MET B 783 -56.84 49.78 -20.12
CA MET B 783 -56.98 49.51 -18.70
C MET B 783 -56.88 48.02 -18.40
N TYR B 784 -57.38 47.19 -19.31
CA TYR B 784 -57.36 45.73 -19.13
C TYR B 784 -56.18 45.07 -19.83
N THR B 785 -56.08 45.24 -21.16
CA THR B 785 -55.15 44.43 -21.95
C THR B 785 -53.70 44.90 -21.84
N THR B 786 -53.48 46.20 -21.65
CA THR B 786 -52.10 46.71 -21.65
C THR B 786 -51.39 46.35 -20.34
N CYS B 787 -51.99 46.66 -19.20
CA CYS B 787 -51.33 46.40 -17.93
C CYS B 787 -51.41 44.94 -17.49
N ILE B 788 -52.17 44.09 -18.19
CA ILE B 788 -52.10 42.66 -17.92
C ILE B 788 -50.77 42.11 -18.42
N ILE B 789 -50.23 42.67 -19.50
CA ILE B 789 -48.89 42.30 -19.95
C ILE B 789 -47.84 42.84 -19.00
N TRP B 790 -48.15 43.93 -18.27
CA TRP B 790 -47.26 44.42 -17.24
C TRP B 790 -47.23 43.50 -16.02
N LEU B 791 -48.25 42.66 -15.84
CA LEU B 791 -48.26 41.66 -14.79
C LEU B 791 -48.07 40.25 -15.33
N ALA B 792 -47.66 40.12 -16.59
CA ALA B 792 -47.41 38.82 -17.21
C ALA B 792 -45.92 38.49 -17.26
N PHE B 793 -45.12 39.37 -17.86
CA PHE B 793 -43.69 39.14 -18.01
C PHE B 793 -42.88 39.57 -16.79
N LEU B 794 -43.34 40.58 -16.06
CA LEU B 794 -42.68 41.06 -14.86
C LEU B 794 -42.60 40.04 -13.71
N PRO B 795 -43.59 39.17 -13.46
CA PRO B 795 -43.33 38.05 -12.52
C PRO B 795 -42.40 36.99 -13.09
N ILE B 796 -42.17 36.95 -14.40
CA ILE B 796 -41.23 35.99 -14.98
C ILE B 796 -39.81 36.56 -15.07
N PHE B 797 -39.59 37.79 -14.64
CA PHE B 797 -38.27 38.41 -14.72
C PHE B 797 -37.30 37.88 -13.67
N TYR B 798 -37.81 37.31 -12.57
CA TYR B 798 -36.97 36.76 -11.52
C TYR B 798 -36.88 35.24 -11.58
N VAL B 799 -37.20 34.64 -12.74
CA VAL B 799 -37.20 33.19 -12.88
C VAL B 799 -36.09 32.79 -13.83
N THR B 800 -35.88 33.57 -14.88
CA THR B 800 -34.93 33.22 -15.92
C THR B 800 -33.49 33.37 -15.43
N SER B 801 -32.58 32.72 -16.16
CA SER B 801 -31.16 32.69 -15.81
C SER B 801 -30.36 33.69 -16.66
N SER B 802 -30.46 33.59 -17.98
CA SER B 802 -29.73 34.51 -18.84
C SER B 802 -30.36 35.89 -18.86
N ASP B 803 -31.70 35.93 -18.79
CA ASP B 803 -32.51 37.16 -18.66
C ASP B 803 -32.27 38.11 -19.83
N TYR B 804 -32.25 37.55 -21.05
CA TYR B 804 -31.83 38.33 -22.21
C TYR B 804 -32.92 39.28 -22.69
N ARG B 805 -34.04 38.73 -23.18
CA ARG B 805 -35.10 39.52 -23.77
C ARG B 805 -36.42 39.40 -23.02
N VAL B 806 -36.41 38.81 -21.82
CA VAL B 806 -37.65 38.69 -21.06
C VAL B 806 -38.04 40.03 -20.44
N GLN B 807 -37.07 40.88 -20.13
CA GLN B 807 -37.35 42.20 -19.57
C GLN B 807 -37.03 43.35 -20.52
N THR B 808 -36.13 43.14 -21.48
CA THR B 808 -35.80 44.21 -22.42
C THR B 808 -36.88 44.38 -23.49
N THR B 809 -37.35 43.27 -24.07
CA THR B 809 -38.33 43.34 -25.14
C THR B 809 -39.72 43.65 -24.61
N THR B 810 -40.16 42.92 -23.58
CA THR B 810 -41.55 42.98 -23.16
C THR B 810 -41.91 44.29 -22.47
N MET B 811 -40.93 44.96 -21.88
CA MET B 811 -41.17 46.31 -21.35
C MET B 811 -41.39 47.30 -22.49
N CYS B 812 -40.58 47.21 -23.54
CA CYS B 812 -40.76 48.07 -24.69
C CYS B 812 -41.95 47.66 -25.55
N ILE B 813 -42.33 46.38 -25.48
CA ILE B 813 -43.48 45.92 -26.25
C ILE B 813 -44.80 46.29 -25.57
N SER B 814 -44.79 46.43 -24.23
CA SER B 814 -46.03 46.73 -23.52
C SER B 814 -46.48 48.16 -23.70
N VAL B 815 -45.58 49.08 -24.06
CA VAL B 815 -45.98 50.46 -24.27
C VAL B 815 -46.52 50.64 -25.69
N SER B 816 -46.27 49.69 -26.59
CA SER B 816 -46.82 49.75 -27.94
C SER B 816 -48.33 49.57 -27.96
N LEU B 817 -48.90 48.93 -26.94
CA LEU B 817 -50.34 48.91 -26.79
C LEU B 817 -50.87 50.30 -26.45
N SER B 818 -50.34 50.91 -25.39
CA SER B 818 -50.72 52.26 -25.00
C SER B 818 -50.13 53.33 -25.89
N GLY B 819 -49.26 52.97 -26.83
CA GLY B 819 -48.76 53.93 -27.80
C GLY B 819 -49.66 54.02 -29.02
N PHE B 820 -50.37 52.94 -29.33
CA PHE B 820 -51.15 52.84 -30.56
C PHE B 820 -52.66 52.74 -30.31
N VAL B 821 -53.08 51.86 -29.40
CA VAL B 821 -54.51 51.58 -29.25
C VAL B 821 -55.27 52.70 -28.55
N VAL B 822 -54.57 53.65 -27.93
CA VAL B 822 -55.24 54.78 -27.30
C VAL B 822 -54.73 56.13 -27.78
N LEU B 823 -53.49 56.22 -28.27
CA LEU B 823 -52.93 57.48 -28.73
C LEU B 823 -52.64 57.52 -30.22
N GLY B 824 -52.45 56.37 -30.86
CA GLY B 824 -52.34 56.31 -32.31
C GLY B 824 -53.67 55.93 -32.92
N CYS B 825 -54.60 55.49 -32.06
CA CYS B 825 -55.93 55.12 -32.54
C CYS B 825 -56.76 56.35 -32.89
N LEU B 826 -56.46 57.49 -32.28
CA LEU B 826 -57.21 58.72 -32.56
C LEU B 826 -56.90 59.26 -33.95
N PHE B 827 -55.71 58.97 -34.49
CA PHE B 827 -55.36 59.39 -35.83
C PHE B 827 -55.97 58.52 -36.91
N ALA B 828 -56.54 57.36 -36.56
CA ALA B 828 -57.15 56.47 -37.54
C ALA B 828 -58.46 56.99 -38.14
N PRO B 829 -59.39 57.62 -37.41
CA PRO B 829 -60.48 58.31 -38.11
C PRO B 829 -60.23 59.79 -38.35
N LYS B 830 -59.05 60.30 -38.00
CA LYS B 830 -58.71 61.69 -38.27
C LYS B 830 -58.53 61.92 -39.77
N VAL B 831 -57.60 61.18 -40.39
CA VAL B 831 -57.34 61.30 -41.81
C VAL B 831 -58.36 60.50 -42.60
#